data_6GBN
#
_entry.id   6GBN
#
_cell.length_a   96.275
_cell.length_b   102.445
_cell.length_c   188.919
_cell.angle_alpha   90.000
_cell.angle_beta   90.000
_cell.angle_gamma   90.000
#
_symmetry.space_group_name_H-M   'P 21 21 2'
#
loop_
_entity.id
_entity.type
_entity.pdbx_description
1 polymer Adenosylhomocysteinase
2 non-polymer ADENOSINE
3 non-polymer NICOTINAMIDE-ADENINE-DINUCLEOTIDE
4 non-polymer 'SODIUM ION'
5 non-polymer 'TETRAETHYLENE GLYCOL'
6 non-polymer DI(HYDROXYETHYL)ETHER
7 water water
#
_entity_poly.entity_id   1
_entity_poly.type   'polypeptide(L)'
_entity_poly.pdbx_seq_one_letter_code
;SNAMVDTFVKHKVKDISLAAWGRKEIELAEAEMPGLMSIRKEFGPSKPLKGARVAGCLHMTIQTAVLIETLIELGAEVTW
SSCNIFSTQDHAAAAIAAAGISVYAWKGMNEEEFDWCIEQTLFFGEDRKPLNMILDDGGDLTNMVLDRFPELVKDIRGIS
EETTTGVLRLKDRERNGSLVLPAININDSVTKSKFDNKYGCKESLVDSIRRATDVMMAGKVAVVAGYGDVGKGSAASLRG
AGARVIVTEIDPICALQAAMDGYEVKKMADAVKRADIVVTATGNKNIITGEHFKAMRDKVIVCNIGHFDNEIDMAWLNKT
YGSTKVTVKPQVDIYNVDGHDVIILAEGRLVNLGCATGHPSFVMSSSFSNQVIAQLELWENSSKYENKVYTLPKSLDEKV
ARLHLSKIDVELDILSADQAAYIGVTVDGPYKNDEYRY
;
_entity_poly.pdbx_strand_id   A,B,C,D
#
loop_
_chem_comp.id
_chem_comp.type
_chem_comp.name
_chem_comp.formula
ADN non-polymer ADENOSINE 'C10 H13 N5 O4'
NA non-polymer 'SODIUM ION' 'Na 1'
NAD non-polymer NICOTINAMIDE-ADENINE-DINUCLEOTIDE 'C21 H27 N7 O14 P2'
PEG non-polymer DI(HYDROXYETHYL)ETHER 'C4 H10 O3'
PG4 non-polymer 'TETRAETHYLENE GLYCOL' 'C8 H18 O5'
#
# COMPACT_ATOMS: atom_id res chain seq x y z
N THR A 7 -86.58 30.52 5.20
CA THR A 7 -86.42 31.04 3.83
C THR A 7 -85.11 30.52 3.23
N PHE A 8 -85.20 30.00 2.02
CA PHE A 8 -84.05 29.44 1.31
C PHE A 8 -83.68 30.36 0.14
N VAL A 9 -82.48 30.87 0.20
CA VAL A 9 -81.91 31.67 -0.87
C VAL A 9 -80.86 30.80 -1.54
N LYS A 10 -81.05 30.50 -2.80
CA LYS A 10 -80.14 29.60 -3.50
C LYS A 10 -78.71 30.12 -3.61
N HIS A 11 -78.57 31.41 -3.96
CA HIS A 11 -77.27 32.08 -3.98
C HIS A 11 -77.49 33.60 -3.83
N LYS A 12 -76.44 34.32 -3.47
CA LYS A 12 -76.50 35.79 -3.52
C LYS A 12 -75.16 36.36 -3.97
N VAL A 13 -75.17 37.01 -5.13
CA VAL A 13 -73.99 37.57 -5.74
C VAL A 13 -74.32 38.94 -6.32
N LYS A 14 -73.29 39.74 -6.57
CA LYS A 14 -73.48 41.11 -7.01
C LYS A 14 -74.16 41.16 -8.36
N ASP A 15 -73.65 40.39 -9.32
CA ASP A 15 -74.08 40.51 -10.71
C ASP A 15 -73.77 39.23 -11.50
N ILE A 16 -74.83 38.42 -11.68
CA ILE A 16 -74.67 37.11 -12.32
C ILE A 16 -74.30 37.18 -13.81
N SER A 17 -74.51 38.32 -14.45
CA SER A 17 -74.04 38.52 -15.84
C SER A 17 -72.50 38.54 -15.98
N LEU A 18 -71.77 38.60 -14.87
CA LEU A 18 -70.31 38.49 -14.91
C LEU A 18 -69.82 37.06 -15.04
N ALA A 19 -70.72 36.07 -15.07
CA ALA A 19 -70.35 34.65 -15.08
C ALA A 19 -69.47 34.22 -16.26
N ALA A 20 -69.78 34.69 -17.47
CA ALA A 20 -69.01 34.27 -18.64
C ALA A 20 -67.53 34.68 -18.49
N TRP A 21 -67.31 35.93 -18.11
CA TRP A 21 -65.98 36.43 -17.84
C TRP A 21 -65.31 35.59 -16.74
N GLY A 22 -66.05 35.34 -15.65
CA GLY A 22 -65.53 34.53 -14.55
C GLY A 22 -65.08 33.15 -14.99
N ARG A 23 -65.92 32.51 -15.81
CA ARG A 23 -65.65 31.16 -16.30
C ARG A 23 -64.38 31.13 -17.18
N LYS A 24 -64.19 32.13 -18.02
CA LYS A 24 -62.97 32.21 -18.82
C LYS A 24 -61.72 32.28 -17.98
N GLU A 25 -61.74 33.12 -16.95
CA GLU A 25 -60.60 33.22 -16.02
C GLU A 25 -60.44 31.96 -15.17
N ILE A 26 -61.52 31.29 -14.83
CA ILE A 26 -61.41 30.02 -14.09
C ILE A 26 -60.66 28.98 -14.91
N GLU A 27 -60.98 28.90 -16.21
CA GLU A 27 -60.27 28.03 -17.14
C GLU A 27 -58.78 28.33 -17.22
N LEU A 28 -58.44 29.61 -17.32
CA LEU A 28 -57.03 30.03 -17.31
C LEU A 28 -56.36 29.65 -16.01
N ALA A 29 -57.07 29.88 -14.90
CA ALA A 29 -56.57 29.50 -13.57
C ALA A 29 -56.34 28.01 -13.45
N GLU A 30 -57.24 27.21 -13.99
CA GLU A 30 -57.07 25.73 -13.97
C GLU A 30 -55.70 25.29 -14.49
N ALA A 31 -55.24 25.91 -15.57
CA ALA A 31 -53.92 25.61 -16.14
C ALA A 31 -52.77 26.05 -15.26
N GLU A 32 -52.98 27.11 -14.47
CA GLU A 32 -52.01 27.54 -13.49
C GLU A 32 -52.10 26.79 -12.15
N MET A 33 -53.03 25.83 -12.00
CA MET A 33 -53.21 25.12 -10.74
C MET A 33 -53.12 23.59 -10.90
N PRO A 34 -51.95 23.07 -11.31
CA PRO A 34 -51.80 21.62 -11.58
C PRO A 34 -52.01 20.74 -10.36
N GLY A 35 -51.74 21.26 -9.17
CA GLY A 35 -52.03 20.53 -7.95
C GLY A 35 -53.48 20.12 -7.84
N LEU A 36 -54.36 21.11 -7.92
CA LEU A 36 -55.79 20.86 -7.79
C LEU A 36 -56.27 19.98 -8.90
N MET A 37 -55.78 20.22 -10.12
N MET A 37 -55.78 20.22 -10.12
CA MET A 37 -56.25 19.46 -11.29
CA MET A 37 -56.25 19.46 -11.29
C MET A 37 -55.80 18.00 -11.20
C MET A 37 -55.80 18.00 -11.20
N SER A 38 -54.58 17.80 -10.73
CA SER A 38 -54.06 16.47 -10.52
C SER A 38 -54.86 15.73 -9.44
N ILE A 39 -55.23 16.44 -8.38
CA ILE A 39 -56.10 15.88 -7.35
C ILE A 39 -57.47 15.47 -7.90
N ARG A 40 -58.02 16.25 -8.83
CA ARG A 40 -59.27 15.91 -9.52
C ARG A 40 -59.14 14.58 -10.27
N LYS A 41 -58.09 14.43 -11.08
CA LYS A 41 -57.83 13.17 -11.77
C LYS A 41 -57.63 11.98 -10.82
N GLU A 42 -56.78 12.13 -9.81
CA GLU A 42 -56.49 11.04 -8.89
C GLU A 42 -57.75 10.58 -8.13
N PHE A 43 -58.46 11.51 -7.50
CA PHE A 43 -59.54 11.16 -6.59
C PHE A 43 -60.94 11.27 -7.19
N GLY A 44 -61.10 11.97 -8.30
CA GLY A 44 -62.42 12.18 -8.92
C GLY A 44 -63.22 10.90 -9.24
N PRO A 45 -62.60 9.92 -9.94
CA PRO A 45 -63.26 8.65 -10.27
C PRO A 45 -63.85 7.90 -9.09
N SER A 46 -63.22 7.96 -7.93
CA SER A 46 -63.74 7.25 -6.72
C SER A 46 -64.79 8.04 -5.90
N LYS A 47 -65.06 9.30 -6.25
CA LYS A 47 -65.98 10.19 -5.49
C LYS A 47 -65.92 10.04 -3.94
N PRO A 48 -64.71 10.16 -3.38
CA PRO A 48 -64.55 9.88 -1.94
C PRO A 48 -65.31 10.82 -1.01
N LEU A 49 -65.72 12.00 -1.50
CA LEU A 49 -66.53 12.96 -0.73
C LEU A 49 -68.05 12.89 -1.03
N LYS A 50 -68.53 11.81 -1.67
CA LYS A 50 -69.98 11.56 -1.79
C LYS A 50 -70.58 11.57 -0.39
N GLY A 51 -71.65 12.33 -0.21
CA GLY A 51 -72.30 12.49 1.09
C GLY A 51 -71.77 13.63 1.94
N ALA A 52 -70.64 14.23 1.57
CA ALA A 52 -70.09 15.36 2.31
C ALA A 52 -70.82 16.64 1.90
N ARG A 53 -71.05 17.48 2.89
CA ARG A 53 -71.67 18.78 2.70
C ARG A 53 -70.71 19.80 3.32
N VAL A 54 -69.85 20.34 2.47
CA VAL A 54 -68.74 21.19 2.89
C VAL A 54 -69.17 22.65 2.83
N ALA A 55 -69.21 23.31 3.98
CA ALA A 55 -69.37 24.76 4.04
C ALA A 55 -67.98 25.39 4.14
N GLY A 56 -67.68 26.25 3.17
CA GLY A 56 -66.44 26.99 3.13
C GLY A 56 -66.66 28.45 3.47
N CYS A 57 -65.74 29.01 4.27
CA CYS A 57 -65.67 30.45 4.47
C CYS A 57 -64.24 30.91 4.13
N LEU A 58 -64.08 31.48 2.95
CA LEU A 58 -62.75 31.69 2.36
C LEU A 58 -62.94 32.58 1.14
N HIS A 59 -62.16 33.67 1.11
CA HIS A 59 -62.14 34.65 0.02
C HIS A 59 -62.64 34.10 -1.30
N MET A 60 -63.75 34.65 -1.80
CA MET A 60 -64.41 34.11 -3.01
C MET A 60 -63.77 34.65 -4.30
N THR A 61 -62.58 34.12 -4.58
CA THR A 61 -61.78 34.49 -5.75
C THR A 61 -61.89 33.48 -6.88
N ILE A 62 -61.27 33.79 -8.01
CA ILE A 62 -61.11 32.86 -9.10
C ILE A 62 -60.41 31.57 -8.64
N GLN A 63 -59.46 31.74 -7.74
CA GLN A 63 -58.65 30.63 -7.23
C GLN A 63 -59.53 29.72 -6.40
N THR A 64 -60.36 30.33 -5.55
CA THR A 64 -61.30 29.61 -4.72
C THR A 64 -62.33 28.86 -5.55
N ALA A 65 -62.75 29.46 -6.67
CA ALA A 65 -63.67 28.77 -7.59
C ALA A 65 -63.12 27.38 -8.01
N VAL A 66 -61.82 27.29 -8.24
CA VAL A 66 -61.18 26.05 -8.66
C VAL A 66 -61.17 25.04 -7.51
N LEU A 67 -60.96 25.53 -6.29
CA LEU A 67 -61.09 24.69 -5.09
C LEU A 67 -62.50 24.13 -4.95
N ILE A 68 -63.49 25.03 -5.03
CA ILE A 68 -64.89 24.64 -4.93
C ILE A 68 -65.20 23.52 -5.92
N GLU A 69 -64.85 23.74 -7.18
CA GLU A 69 -65.17 22.77 -8.23
C GLU A 69 -64.36 21.47 -8.11
N THR A 70 -63.18 21.55 -7.50
CA THR A 70 -62.42 20.36 -7.13
C THR A 70 -63.17 19.52 -6.10
N LEU A 71 -63.67 20.16 -5.04
CA LEU A 71 -64.47 19.46 -4.04
C LEU A 71 -65.72 18.81 -4.68
N ILE A 72 -66.39 19.52 -5.58
CA ILE A 72 -67.58 18.97 -6.25
C ILE A 72 -67.21 17.74 -7.13
N GLU A 73 -66.10 17.81 -7.85
CA GLU A 73 -65.62 16.71 -8.69
C GLU A 73 -65.27 15.47 -7.87
N LEU A 74 -64.89 15.70 -6.61
CA LEU A 74 -64.66 14.61 -5.64
C LEU A 74 -65.94 14.09 -4.99
N GLY A 75 -67.08 14.67 -5.33
CA GLY A 75 -68.40 14.20 -4.91
C GLY A 75 -69.07 15.02 -3.83
N ALA A 76 -68.44 16.09 -3.35
CA ALA A 76 -69.04 16.88 -2.26
C ALA A 76 -70.17 17.78 -2.74
N GLU A 77 -71.14 18.01 -1.86
CA GLU A 77 -72.00 19.19 -1.95
C GLU A 77 -71.20 20.33 -1.29
N VAL A 78 -71.34 21.55 -1.81
CA VAL A 78 -70.56 22.66 -1.31
C VAL A 78 -71.41 23.92 -1.22
N THR A 79 -71.33 24.60 -0.08
CA THR A 79 -71.86 25.95 0.06
C THR A 79 -70.70 26.89 0.38
N TRP A 80 -70.83 28.18 0.11
CA TRP A 80 -69.70 29.07 0.28
C TRP A 80 -70.04 30.53 0.60
N SER A 81 -69.20 31.12 1.44
CA SER A 81 -69.12 32.57 1.64
C SER A 81 -67.68 33.01 1.70
N SER A 82 -67.50 34.34 1.66
CA SER A 82 -66.17 34.92 1.79
C SER A 82 -65.86 35.18 3.26
N CYS A 83 -64.57 35.13 3.59
CA CYS A 83 -64.12 35.43 4.97
C CYS A 83 -63.66 36.88 5.10
N ASN A 84 -63.84 37.70 4.07
CA ASN A 84 -63.54 39.12 4.12
C ASN A 84 -64.54 39.92 3.27
N ILE A 85 -64.88 41.12 3.74
CA ILE A 85 -65.90 41.93 3.07
C ILE A 85 -65.47 42.52 1.72
N PHE A 86 -64.16 42.61 1.47
CA PHE A 86 -63.64 43.21 0.24
C PHE A 86 -62.91 42.24 -0.67
N SER A 87 -62.83 40.96 -0.31
CA SER A 87 -61.97 40.01 -1.03
C SER A 87 -62.67 39.28 -2.17
N THR A 88 -63.98 39.26 -2.20
CA THR A 88 -64.68 38.53 -3.25
C THR A 88 -64.38 39.18 -4.58
N GLN A 89 -64.16 38.32 -5.58
CA GLN A 89 -64.12 38.72 -6.97
C GLN A 89 -65.48 38.39 -7.57
N ASP A 90 -66.23 39.44 -7.95
CA ASP A 90 -67.63 39.26 -8.33
C ASP A 90 -67.85 38.35 -9.57
N HIS A 91 -66.96 38.43 -10.55
CA HIS A 91 -66.98 37.49 -11.66
C HIS A 91 -66.75 36.00 -11.27
N ALA A 92 -65.89 35.76 -10.28
CA ALA A 92 -65.72 34.42 -9.74
C ALA A 92 -66.99 33.94 -9.06
N ALA A 93 -67.56 34.80 -8.21
CA ALA A 93 -68.80 34.45 -7.50
C ALA A 93 -69.92 34.15 -8.50
N ALA A 94 -70.03 35.00 -9.53
CA ALA A 94 -71.04 34.85 -10.55
C ALA A 94 -70.89 33.52 -11.30
N ALA A 95 -69.66 33.16 -11.65
CA ALA A 95 -69.44 31.89 -12.36
C ALA A 95 -69.86 30.71 -11.53
N ILE A 96 -69.53 30.74 -10.23
CA ILE A 96 -69.91 29.69 -9.29
C ILE A 96 -71.43 29.61 -9.14
N ALA A 97 -72.08 30.77 -9.01
CA ALA A 97 -73.54 30.78 -8.91
C ALA A 97 -74.19 30.26 -10.21
N ALA A 98 -73.64 30.65 -11.35
CA ALA A 98 -74.16 30.18 -12.66
C ALA A 98 -74.04 28.67 -12.82
N ALA A 99 -73.05 28.06 -12.17
CA ALA A 99 -72.92 26.60 -12.15
C ALA A 99 -73.90 25.89 -11.19
N GLY A 100 -74.85 26.62 -10.60
CA GLY A 100 -75.83 26.03 -9.70
C GLY A 100 -75.38 25.95 -8.25
N ILE A 101 -74.21 26.49 -7.90
CA ILE A 101 -73.68 26.33 -6.55
C ILE A 101 -74.16 27.43 -5.60
N SER A 102 -74.43 27.08 -4.35
CA SER A 102 -74.92 28.04 -3.36
C SER A 102 -73.77 28.85 -2.77
N VAL A 103 -73.56 30.03 -3.35
CA VAL A 103 -72.51 30.96 -2.93
C VAL A 103 -73.17 32.28 -2.50
N TYR A 104 -72.68 32.85 -1.41
CA TYR A 104 -73.21 34.10 -0.85
C TYR A 104 -72.02 35.00 -0.61
N ALA A 105 -71.74 35.88 -1.57
CA ALA A 105 -70.50 36.65 -1.55
C ALA A 105 -70.50 37.75 -2.58
N TRP A 106 -70.10 38.93 -2.14
CA TRP A 106 -69.81 40.02 -3.05
C TRP A 106 -68.81 41.04 -2.48
N LYS A 107 -68.15 41.76 -3.38
CA LYS A 107 -67.17 42.77 -2.96
C LYS A 107 -67.90 43.97 -2.34
N GLY A 108 -67.52 44.33 -1.12
CA GLY A 108 -68.06 45.52 -0.46
C GLY A 108 -69.30 45.26 0.37
N MET A 109 -69.36 44.12 1.06
CA MET A 109 -70.39 43.85 2.04
C MET A 109 -70.18 44.74 3.29
N ASN A 110 -71.24 44.86 4.08
CA ASN A 110 -71.12 45.36 5.44
C ASN A 110 -71.09 44.16 6.40
N GLU A 111 -70.97 44.44 7.70
CA GLU A 111 -70.80 43.37 8.70
C GLU A 111 -72.04 42.49 8.86
N GLU A 112 -73.23 43.11 8.88
CA GLU A 112 -74.50 42.36 8.91
C GLU A 112 -74.60 41.41 7.70
N GLU A 113 -74.35 41.93 6.52
CA GLU A 113 -74.33 41.11 5.30
C GLU A 113 -73.33 39.94 5.38
N PHE A 114 -72.14 40.26 5.87
CA PHE A 114 -71.07 39.26 6.06
C PHE A 114 -71.52 38.07 6.91
N ASP A 115 -72.13 38.38 8.04
CA ASP A 115 -72.62 37.39 8.97
C ASP A 115 -73.79 36.56 8.39
N TRP A 116 -74.74 37.25 7.76
CA TRP A 116 -75.86 36.59 7.05
C TRP A 116 -75.36 35.54 6.04
N CYS A 117 -74.36 35.92 5.23
CA CYS A 117 -73.80 35.04 4.19
C CYS A 117 -73.28 33.75 4.79
N ILE A 118 -72.54 33.86 5.90
CA ILE A 118 -72.01 32.67 6.54
C ILE A 118 -73.16 31.79 7.01
N GLU A 119 -74.19 32.41 7.64
CA GLU A 119 -75.34 31.64 8.14
C GLU A 119 -76.02 30.79 7.08
N GLN A 120 -76.18 31.35 5.86
CA GLN A 120 -76.83 30.61 4.77
C GLN A 120 -76.11 29.32 4.39
N THR A 121 -74.78 29.31 4.55
CA THR A 121 -73.95 28.17 4.17
C THR A 121 -74.13 26.95 5.05
N LEU A 122 -74.69 27.15 6.26
CA LEU A 122 -74.83 26.06 7.22
C LEU A 122 -75.85 24.99 6.81
N PHE A 123 -76.82 25.36 5.98
CA PHE A 123 -77.87 24.45 5.51
C PHE A 123 -77.87 24.38 3.98
N PHE A 124 -78.04 23.17 3.44
CA PHE A 124 -77.85 22.82 2.04
C PHE A 124 -79.19 22.51 1.38
N GLY A 125 -79.52 23.26 0.34
CA GLY A 125 -80.71 23.01 -0.45
C GLY A 125 -81.99 23.46 0.24
N GLU A 126 -83.08 23.40 -0.50
CA GLU A 126 -84.41 23.78 0.01
C GLU A 126 -84.85 22.93 1.19
N ASP A 127 -84.40 21.68 1.22
CA ASP A 127 -84.67 20.76 2.33
C ASP A 127 -83.74 20.95 3.56
N ARG A 128 -82.81 21.90 3.50
CA ARG A 128 -82.02 22.34 4.65
C ARG A 128 -81.19 21.24 5.37
N LYS A 129 -80.52 20.37 4.60
CA LYS A 129 -79.61 19.40 5.18
C LYS A 129 -78.41 20.14 5.78
N PRO A 130 -78.13 19.97 7.09
CA PRO A 130 -77.02 20.71 7.66
C PRO A 130 -75.64 20.27 7.17
N LEU A 131 -74.68 21.20 7.25
CA LEU A 131 -73.28 20.91 6.94
C LEU A 131 -72.76 19.76 7.77
N ASN A 132 -71.82 19.01 7.21
CA ASN A 132 -71.04 18.01 7.99
C ASN A 132 -69.50 18.18 7.89
N MET A 133 -69.05 19.27 7.27
CA MET A 133 -67.63 19.59 7.18
C MET A 133 -67.47 21.09 7.17
N ILE A 134 -66.37 21.54 7.75
CA ILE A 134 -66.05 22.96 7.84
C ILE A 134 -64.69 23.18 7.19
N LEU A 135 -64.65 24.15 6.30
CA LEU A 135 -63.42 24.57 5.63
C LEU A 135 -63.33 26.07 5.85
N ASP A 136 -62.39 26.50 6.67
CA ASP A 136 -62.40 27.87 7.21
C ASP A 136 -61.09 28.60 6.97
N ASP A 137 -61.17 29.92 6.95
CA ASP A 137 -60.02 30.80 6.77
C ASP A 137 -60.22 32.01 7.69
N GLY A 138 -59.66 31.90 8.89
CA GLY A 138 -59.76 32.92 9.92
C GLY A 138 -60.60 32.59 11.11
N GLY A 139 -61.30 31.46 11.06
CA GLY A 139 -62.10 31.00 12.19
C GLY A 139 -63.51 31.59 12.35
N ASP A 140 -63.98 32.46 11.44
CA ASP A 140 -65.33 33.05 11.58
C ASP A 140 -66.47 32.07 11.36
N LEU A 141 -66.32 31.14 10.43
CA LEU A 141 -67.32 30.06 10.23
C LEU A 141 -67.31 29.13 11.40
N THR A 142 -66.11 28.70 11.81
CA THR A 142 -65.92 27.87 13.01
C THR A 142 -66.62 28.49 14.23
N ASN A 143 -66.36 29.79 14.47
CA ASN A 143 -66.97 30.52 15.58
C ASN A 143 -68.49 30.53 15.46
N MET A 144 -69.02 30.77 14.25
CA MET A 144 -70.46 30.77 14.14
C MET A 144 -71.07 29.43 14.51
N VAL A 145 -70.50 28.33 14.02
CA VAL A 145 -71.04 27.02 14.34
C VAL A 145 -70.87 26.71 15.84
N LEU A 146 -69.66 26.83 16.38
CA LEU A 146 -69.41 26.41 17.76
C LEU A 146 -70.09 27.32 18.81
N ASP A 147 -70.04 28.63 18.61
CA ASP A 147 -70.68 29.60 19.52
C ASP A 147 -72.19 29.77 19.32
N ARG A 148 -72.70 29.75 18.08
CA ARG A 148 -74.12 30.10 17.79
C ARG A 148 -75.01 28.96 17.22
N PHE A 149 -74.42 27.89 16.69
CA PHE A 149 -75.17 26.70 16.23
C PHE A 149 -74.57 25.40 16.78
N PRO A 150 -74.36 25.30 18.12
CA PRO A 150 -73.69 24.10 18.67
C PRO A 150 -74.44 22.76 18.48
N GLU A 151 -75.75 22.83 18.24
CA GLU A 151 -76.56 21.65 17.87
C GLU A 151 -76.02 20.91 16.62
N LEU A 152 -75.40 21.67 15.71
CA LEU A 152 -74.85 21.12 14.48
C LEU A 152 -73.48 20.41 14.63
N VAL A 153 -72.80 20.55 15.79
CA VAL A 153 -71.45 19.98 15.94
C VAL A 153 -71.47 18.44 15.91
N LYS A 154 -72.54 17.82 16.44
CA LYS A 154 -72.68 16.36 16.48
C LYS A 154 -72.37 15.73 15.12
N ASP A 155 -73.01 16.21 14.06
CA ASP A 155 -72.90 15.58 12.73
C ASP A 155 -71.73 16.06 11.89
N ILE A 156 -71.03 17.11 12.34
CA ILE A 156 -69.87 17.63 11.62
C ILE A 156 -68.66 16.77 11.96
N ARG A 157 -67.91 16.38 10.94
N ARG A 157 -67.91 16.38 10.94
CA ARG A 157 -66.79 15.45 11.13
CA ARG A 157 -66.79 15.45 11.13
C ARG A 157 -65.48 16.16 11.48
C ARG A 157 -65.48 16.16 11.48
N GLY A 158 -65.23 17.34 10.90
CA GLY A 158 -64.02 18.09 11.20
C GLY A 158 -63.93 19.48 10.63
N ILE A 159 -62.84 20.15 10.97
CA ILE A 159 -62.49 21.49 10.49
C ILE A 159 -61.15 21.44 9.78
N SER A 160 -61.01 22.14 8.66
CA SER A 160 -59.68 22.44 8.16
C SER A 160 -59.53 23.96 8.17
N GLU A 161 -58.36 24.44 8.61
CA GLU A 161 -58.11 25.88 8.78
C GLU A 161 -56.88 26.39 7.96
N GLU A 162 -57.09 27.49 7.26
CA GLU A 162 -56.18 27.99 6.23
C GLU A 162 -55.07 28.90 6.79
N THR A 163 -55.34 29.70 7.81
CA THR A 163 -54.43 30.84 8.08
C THR A 163 -53.95 30.97 9.54
N THR A 164 -52.79 31.64 9.66
CA THR A 164 -52.05 31.75 10.93
C THR A 164 -52.99 32.24 12.06
N THR A 165 -53.82 33.22 11.75
CA THR A 165 -54.75 33.81 12.72
C THR A 165 -55.87 32.84 13.14
N GLY A 166 -56.44 32.10 12.20
CA GLY A 166 -57.47 31.10 12.55
C GLY A 166 -56.90 29.95 13.37
N VAL A 167 -55.65 29.56 13.08
CA VAL A 167 -54.96 28.50 13.82
C VAL A 167 -54.79 28.90 15.29
N LEU A 168 -54.32 30.14 15.50
CA LEU A 168 -54.16 30.72 16.84
C LEU A 168 -55.49 30.66 17.63
N ARG A 169 -56.59 31.00 16.97
CA ARG A 169 -57.95 30.89 17.58
C ARG A 169 -58.28 29.45 17.98
N LEU A 170 -57.94 28.49 17.12
CA LEU A 170 -58.15 27.06 17.40
C LEU A 170 -57.32 26.57 18.58
N LYS A 171 -56.05 26.99 18.62
CA LYS A 171 -55.15 26.63 19.77
C LYS A 171 -55.65 27.25 21.09
N ASP A 172 -56.25 28.46 21.05
CA ASP A 172 -56.91 29.06 22.24
C ASP A 172 -58.15 28.25 22.68
N ARG A 173 -58.92 27.77 21.70
CA ARG A 173 -60.06 26.89 21.97
C ARG A 173 -59.60 25.57 22.61
N GLU A 174 -58.47 25.04 22.09
CA GLU A 174 -57.85 23.81 22.58
C GLU A 174 -57.44 23.96 24.06
N ARG A 175 -56.73 25.06 24.35
CA ARG A 175 -56.36 25.46 25.73
C ARG A 175 -57.60 25.66 26.64
N ASN A 176 -58.55 26.49 26.19
CA ASN A 176 -59.78 26.82 26.93
C ASN A 176 -60.74 25.66 27.13
N GLY A 177 -60.64 24.60 26.31
CA GLY A 177 -61.53 23.44 26.40
C GLY A 177 -62.84 23.61 25.62
N SER A 178 -62.86 24.50 24.63
CA SER A 178 -64.06 24.73 23.80
C SER A 178 -63.92 24.16 22.36
N LEU A 179 -62.76 23.57 22.02
CA LEU A 179 -62.59 22.87 20.75
C LEU A 179 -63.28 21.51 20.85
N VAL A 180 -64.43 21.40 20.20
CA VAL A 180 -65.32 20.23 20.29
C VAL A 180 -65.37 19.45 18.95
N LEU A 181 -64.44 19.78 18.04
CA LEU A 181 -64.22 19.05 16.80
C LEU A 181 -62.72 18.87 16.54
N PRO A 182 -62.33 17.77 15.84
CA PRO A 182 -60.96 17.71 15.35
C PRO A 182 -60.70 18.77 14.29
N ALA A 183 -59.48 19.28 14.25
CA ALA A 183 -59.11 20.30 13.27
C ALA A 183 -57.77 19.95 12.65
N ILE A 184 -57.67 20.11 11.33
CA ILE A 184 -56.40 20.06 10.63
C ILE A 184 -55.95 21.48 10.26
N ASN A 185 -54.80 21.87 10.81
CA ASN A 185 -54.11 23.11 10.51
C ASN A 185 -53.27 22.90 9.25
N ILE A 186 -53.77 23.43 8.13
CA ILE A 186 -53.01 23.44 6.88
C ILE A 186 -52.22 24.71 6.69
N ASN A 187 -52.36 25.70 7.57
CA ASN A 187 -51.48 26.89 7.47
C ASN A 187 -50.02 26.45 7.57
N ASP A 188 -49.75 25.56 8.53
CA ASP A 188 -48.42 25.05 8.81
C ASP A 188 -48.00 23.78 8.06
N SER A 189 -48.69 23.42 6.98
CA SER A 189 -48.03 22.64 5.94
C SER A 189 -46.86 23.49 5.46
N VAL A 190 -45.71 22.87 5.25
CA VAL A 190 -44.56 23.56 4.71
C VAL A 190 -44.92 24.22 3.38
N THR A 191 -45.58 23.44 2.52
CA THR A 191 -46.03 23.89 1.19
C THR A 191 -47.13 24.93 1.23
N LYS A 192 -47.62 25.29 2.41
CA LYS A 192 -48.48 26.46 2.56
C LYS A 192 -47.70 27.64 3.14
N SER A 193 -47.33 27.59 4.42
CA SER A 193 -46.65 28.71 5.11
C SER A 193 -45.41 29.29 4.40
N LYS A 194 -44.55 28.41 3.91
N LYS A 194 -44.55 28.41 3.91
CA LYS A 194 -43.29 28.82 3.28
CA LYS A 194 -43.29 28.82 3.28
C LYS A 194 -43.48 29.21 1.82
C LYS A 194 -43.48 29.21 1.82
N PHE A 195 -44.70 29.16 1.30
CA PHE A 195 -44.97 29.48 -0.10
C PHE A 195 -46.06 30.52 -0.24
N ASP A 196 -47.27 30.18 0.17
CA ASP A 196 -48.41 31.08 0.16
C ASP A 196 -48.10 32.37 0.93
N ASN A 197 -47.76 32.26 2.20
CA ASN A 197 -47.61 33.46 3.04
C ASN A 197 -46.43 34.29 2.54
N LYS A 198 -45.36 33.62 2.14
CA LYS A 198 -44.17 34.30 1.70
C LYS A 198 -44.23 34.72 0.22
N TYR A 199 -44.19 33.76 -0.70
CA TYR A 199 -44.17 34.11 -2.12
C TYR A 199 -45.47 34.73 -2.56
N GLY A 200 -46.60 34.34 -1.97
CA GLY A 200 -47.88 34.92 -2.33
C GLY A 200 -47.92 36.42 -2.06
N CYS A 201 -47.56 36.82 -0.83
CA CYS A 201 -47.49 38.24 -0.51
C CYS A 201 -46.46 38.98 -1.32
N LYS A 202 -45.34 38.32 -1.63
CA LYS A 202 -44.37 38.89 -2.55
C LYS A 202 -45.01 39.27 -3.92
N GLU A 203 -45.90 38.42 -4.40
CA GLU A 203 -46.55 38.63 -5.69
C GLU A 203 -47.61 39.71 -5.62
N SER A 204 -48.38 39.77 -4.51
CA SER A 204 -49.62 40.54 -4.50
C SER A 204 -49.59 41.84 -3.67
N LEU A 205 -48.59 42.05 -2.80
CA LEU A 205 -48.58 43.26 -1.97
C LEU A 205 -48.40 44.50 -2.84
N VAL A 206 -47.27 44.57 -3.53
CA VAL A 206 -46.98 45.67 -4.43
C VAL A 206 -48.04 45.84 -5.52
N ASP A 207 -48.48 44.73 -6.11
CA ASP A 207 -49.59 44.71 -7.07
C ASP A 207 -50.74 45.57 -6.54
N SER A 208 -51.19 45.27 -5.32
CA SER A 208 -52.34 45.97 -4.75
C SER A 208 -52.09 47.45 -4.47
N ILE A 209 -50.91 47.79 -3.99
CA ILE A 209 -50.57 49.19 -3.78
C ILE A 209 -50.51 49.96 -5.11
N ARG A 210 -49.99 49.32 -6.18
CA ARG A 210 -49.94 49.96 -7.48
C ARG A 210 -51.34 50.21 -8.04
N ARG A 211 -52.22 49.21 -7.96
CA ARG A 211 -53.57 49.38 -8.47
C ARG A 211 -54.34 50.50 -7.74
N ALA A 212 -54.15 50.55 -6.43
CA ALA A 212 -54.81 51.52 -5.60
C ALA A 212 -54.31 52.96 -5.84
N THR A 213 -53.00 53.12 -5.96
CA THR A 213 -52.35 54.44 -5.89
C THR A 213 -51.49 54.82 -7.07
N ASP A 214 -51.05 53.86 -7.87
CA ASP A 214 -50.10 54.12 -8.97
C ASP A 214 -48.82 54.91 -8.53
N VAL A 215 -48.39 54.73 -7.27
CA VAL A 215 -47.21 55.37 -6.78
C VAL A 215 -45.93 54.75 -7.38
N MET A 216 -44.95 55.61 -7.68
CA MET A 216 -43.60 55.18 -7.97
C MET A 216 -42.99 54.53 -6.74
N MET A 217 -42.45 53.32 -6.89
CA MET A 217 -41.86 52.59 -5.77
C MET A 217 -40.38 52.98 -5.58
N ALA A 218 -39.67 53.11 -6.69
CA ALA A 218 -38.27 53.52 -6.65
C ALA A 218 -38.18 54.95 -6.08
N GLY A 219 -37.28 55.11 -5.11
CA GLY A 219 -37.11 56.39 -4.42
C GLY A 219 -37.89 56.43 -3.12
N LYS A 220 -38.87 55.54 -2.92
CA LYS A 220 -39.64 55.51 -1.67
C LYS A 220 -39.02 54.62 -0.64
N VAL A 221 -39.39 54.93 0.61
CA VAL A 221 -39.06 54.17 1.78
C VAL A 221 -40.36 53.56 2.31
N ALA A 222 -40.34 52.27 2.62
CA ALA A 222 -41.52 51.61 3.12
C ALA A 222 -41.18 50.94 4.45
N VAL A 223 -42.15 50.96 5.37
CA VAL A 223 -42.01 50.24 6.60
C VAL A 223 -42.95 49.04 6.58
N VAL A 224 -42.40 47.88 6.88
CA VAL A 224 -43.14 46.65 7.03
C VAL A 224 -43.06 46.24 8.49
N ALA A 225 -44.20 46.18 9.17
CA ALA A 225 -44.24 45.72 10.54
C ALA A 225 -44.41 44.20 10.56
N GLY A 226 -43.43 43.52 11.16
CA GLY A 226 -43.46 42.07 11.26
C GLY A 226 -42.60 41.41 10.17
N TYR A 227 -41.91 40.36 10.57
CA TYR A 227 -41.00 39.63 9.71
C TYR A 227 -41.13 38.10 9.91
N GLY A 228 -42.37 37.68 10.04
CA GLY A 228 -42.75 36.26 9.87
C GLY A 228 -42.82 36.05 8.35
N ASP A 229 -43.51 35.00 7.94
CA ASP A 229 -43.60 34.67 6.54
C ASP A 229 -44.27 35.73 5.70
N VAL A 230 -45.34 36.34 6.22
CA VAL A 230 -46.03 37.43 5.50
C VAL A 230 -45.13 38.67 5.36
N GLY A 231 -44.51 39.06 6.46
CA GLY A 231 -43.58 40.18 6.45
C GLY A 231 -42.37 39.97 5.55
N LYS A 232 -41.81 38.76 5.57
CA LYS A 232 -40.67 38.42 4.68
C LYS A 232 -41.07 38.65 3.22
N GLY A 233 -42.23 38.13 2.85
CA GLY A 233 -42.72 38.27 1.48
C GLY A 233 -43.09 39.67 1.13
N SER A 234 -43.63 40.41 2.10
CA SER A 234 -44.00 41.80 1.87
C SER A 234 -42.78 42.69 1.63
N ALA A 235 -41.76 42.53 2.49
CA ALA A 235 -40.49 43.23 2.29
C ALA A 235 -39.91 42.89 0.90
N ALA A 236 -39.92 41.63 0.54
CA ALA A 236 -39.42 41.21 -0.76
C ALA A 236 -40.23 41.81 -1.90
N SER A 237 -41.55 41.93 -1.75
CA SER A 237 -42.38 42.55 -2.79
C SER A 237 -41.90 43.98 -3.04
N LEU A 238 -41.77 44.74 -1.97
CA LEU A 238 -41.37 46.14 -2.02
C LEU A 238 -39.95 46.33 -2.56
N ARG A 239 -39.00 45.56 -2.04
CA ARG A 239 -37.63 45.67 -2.48
C ARG A 239 -37.52 45.29 -3.98
N GLY A 240 -38.19 44.22 -4.39
CA GLY A 240 -38.15 43.84 -5.78
C GLY A 240 -38.67 44.92 -6.73
N ALA A 241 -39.64 45.69 -6.26
CA ALA A 241 -40.16 46.84 -7.00
C ALA A 241 -39.31 48.11 -6.90
N GLY A 242 -38.29 48.10 -6.02
CA GLY A 242 -37.37 49.23 -5.94
C GLY A 242 -37.52 50.12 -4.69
N ALA A 243 -38.51 49.85 -3.83
CA ALA A 243 -38.62 50.54 -2.54
C ALA A 243 -37.52 50.06 -1.57
N ARG A 244 -37.13 50.93 -0.68
CA ARG A 244 -36.16 50.68 0.39
C ARG A 244 -37.04 50.37 1.60
N VAL A 245 -36.75 49.28 2.29
CA VAL A 245 -37.63 48.76 3.32
C VAL A 245 -36.99 48.80 4.68
N ILE A 246 -37.75 49.30 5.64
CA ILE A 246 -37.36 49.25 7.07
C ILE A 246 -38.33 48.31 7.73
N VAL A 247 -37.82 47.38 8.51
CA VAL A 247 -38.64 46.37 9.16
C VAL A 247 -38.80 46.68 10.66
N THR A 248 -39.98 46.36 11.25
CA THR A 248 -40.16 46.37 12.70
C THR A 248 -40.41 44.96 13.17
N GLU A 249 -39.96 44.66 14.39
CA GLU A 249 -40.19 43.34 14.97
C GLU A 249 -40.10 43.41 16.50
N ILE A 250 -40.70 42.39 17.11
CA ILE A 250 -40.63 42.10 18.53
C ILE A 250 -39.80 40.82 18.82
N ASP A 251 -39.58 40.00 17.78
CA ASP A 251 -38.90 38.74 17.94
C ASP A 251 -37.45 38.93 17.50
N PRO A 252 -36.49 38.75 18.41
CA PRO A 252 -35.09 38.96 18.07
C PRO A 252 -34.56 38.07 16.96
N ILE A 253 -35.04 36.85 16.87
CA ILE A 253 -34.61 35.98 15.77
C ILE A 253 -35.11 36.50 14.43
N CYS A 254 -36.40 36.79 14.33
CA CYS A 254 -36.96 37.33 13.10
C CYS A 254 -36.30 38.67 12.74
N ALA A 255 -36.03 39.50 13.75
CA ALA A 255 -35.32 40.78 13.49
C ALA A 255 -33.91 40.54 12.92
N LEU A 256 -33.19 39.57 13.48
CA LEU A 256 -31.84 39.28 13.02
C LEU A 256 -31.90 38.71 11.59
N GLN A 257 -32.93 37.95 11.26
CA GLN A 257 -33.14 37.51 9.87
C GLN A 257 -33.26 38.71 8.96
N ALA A 258 -34.10 39.65 9.33
CA ALA A 258 -34.31 40.82 8.48
C ALA A 258 -33.01 41.58 8.25
N ALA A 259 -32.24 41.73 9.33
CA ALA A 259 -30.97 42.41 9.24
C ALA A 259 -30.03 41.67 8.31
N MET A 260 -29.94 40.35 8.45
CA MET A 260 -29.11 39.55 7.57
C MET A 260 -29.60 39.60 6.12
N ASP A 261 -30.91 39.74 5.90
CA ASP A 261 -31.45 39.90 4.52
C ASP A 261 -31.27 41.29 3.98
N GLY A 262 -30.64 42.19 4.74
CA GLY A 262 -30.24 43.50 4.21
C GLY A 262 -31.13 44.64 4.65
N TYR A 263 -32.07 44.42 5.58
CA TYR A 263 -33.04 45.47 5.95
C TYR A 263 -32.66 46.15 7.24
N GLU A 264 -32.77 47.48 7.27
CA GLU A 264 -32.73 48.22 8.53
C GLU A 264 -33.92 47.79 9.40
N VAL A 265 -33.69 47.66 10.71
CA VAL A 265 -34.71 47.25 11.66
C VAL A 265 -34.76 48.27 12.82
N LYS A 266 -35.92 48.93 12.95
CA LYS A 266 -36.14 49.96 13.96
C LYS A 266 -37.53 49.83 14.55
N LYS A 267 -37.71 50.45 15.72
CA LYS A 267 -39.02 50.60 16.34
C LYS A 267 -39.93 51.45 15.46
N MET A 268 -41.22 51.11 15.47
CA MET A 268 -42.19 51.80 14.66
C MET A 268 -42.21 53.31 14.92
N ALA A 269 -42.08 53.70 16.18
CA ALA A 269 -42.11 55.15 16.56
C ALA A 269 -41.07 55.92 15.77
N ASP A 270 -39.92 55.31 15.53
CA ASP A 270 -38.86 55.92 14.72
C ASP A 270 -39.10 55.67 13.23
N ALA A 271 -39.35 54.43 12.87
CA ALA A 271 -39.47 54.07 11.45
C ALA A 271 -40.57 54.86 10.72
N VAL A 272 -41.71 55.07 11.39
CA VAL A 272 -42.87 55.65 10.73
C VAL A 272 -42.64 57.06 10.27
N LYS A 273 -41.75 57.79 10.94
CA LYS A 273 -41.42 59.16 10.54
C LYS A 273 -40.78 59.23 9.14
N ARG A 274 -40.11 58.16 8.76
CA ARG A 274 -39.40 58.10 7.46
C ARG A 274 -40.20 57.42 6.32
N ALA A 275 -41.41 56.96 6.60
CA ALA A 275 -42.16 56.12 5.68
C ALA A 275 -43.00 56.84 4.64
N ASP A 276 -42.78 56.49 3.37
CA ASP A 276 -43.70 56.86 2.28
C ASP A 276 -44.87 55.85 2.25
N ILE A 277 -44.60 54.62 2.70
CA ILE A 277 -45.55 53.52 2.62
C ILE A 277 -45.43 52.71 3.91
N VAL A 278 -46.56 52.30 4.48
CA VAL A 278 -46.59 51.53 5.72
C VAL A 278 -47.45 50.28 5.53
N VAL A 279 -46.88 49.12 5.88
CA VAL A 279 -47.56 47.85 5.71
C VAL A 279 -47.52 47.06 6.98
N THR A 280 -48.69 46.70 7.51
CA THR A 280 -48.74 45.91 8.73
C THR A 280 -48.88 44.42 8.37
N ALA A 281 -48.05 43.59 8.99
CA ALA A 281 -47.99 42.16 8.66
C ALA A 281 -47.77 41.28 9.88
N THR A 282 -48.41 41.62 11.01
CA THR A 282 -48.12 40.98 12.28
C THR A 282 -49.08 39.94 12.77
N GLY A 283 -50.35 40.04 12.40
CA GLY A 283 -51.40 39.24 13.05
C GLY A 283 -51.71 39.72 14.46
N ASN A 284 -51.20 40.88 14.85
CA ASN A 284 -51.36 41.44 16.21
C ASN A 284 -52.22 42.70 16.06
N LYS A 285 -52.51 43.35 17.15
CA LYS A 285 -53.35 44.57 17.15
C LYS A 285 -52.54 45.81 17.55
N ASN A 286 -53.06 46.98 17.17
CA ASN A 286 -52.51 48.26 17.58
C ASN A 286 -51.06 48.44 17.14
N ILE A 287 -50.75 48.09 15.90
CA ILE A 287 -49.45 48.28 15.33
C ILE A 287 -49.25 49.72 14.90
N ILE A 288 -50.30 50.33 14.33
CA ILE A 288 -50.33 51.72 13.93
C ILE A 288 -51.45 52.42 14.75
N THR A 289 -51.08 53.41 15.56
CA THR A 289 -51.95 54.07 16.53
C THR A 289 -51.94 55.56 16.18
N GLY A 290 -52.68 56.33 16.96
CA GLY A 290 -52.74 57.78 16.81
C GLY A 290 -51.41 58.50 16.87
N GLU A 291 -50.55 58.11 17.80
CA GLU A 291 -49.19 58.68 17.86
C GLU A 291 -48.44 58.45 16.54
N HIS A 292 -48.63 57.31 15.92
CA HIS A 292 -47.97 57.04 14.64
C HIS A 292 -48.56 57.93 13.55
N PHE A 293 -49.89 58.00 13.47
CA PHE A 293 -50.56 58.81 12.46
C PHE A 293 -50.11 60.29 12.52
N LYS A 294 -50.01 60.85 13.72
CA LYS A 294 -49.60 62.25 13.88
C LYS A 294 -48.15 62.52 13.45
N ALA A 295 -47.32 61.48 13.49
CA ALA A 295 -45.92 61.57 13.11
C ALA A 295 -45.63 61.34 11.61
N MET A 296 -46.65 61.12 10.80
CA MET A 296 -46.43 60.65 9.43
C MET A 296 -46.19 61.77 8.45
N ARG A 297 -45.49 61.42 7.37
CA ARG A 297 -45.31 62.31 6.21
C ARG A 297 -46.60 62.45 5.44
N ASP A 298 -46.72 63.57 4.74
CA ASP A 298 -47.86 63.87 3.89
C ASP A 298 -48.03 62.83 2.78
N LYS A 299 -49.26 62.36 2.62
CA LYS A 299 -49.69 61.38 1.62
C LYS A 299 -49.00 60.01 1.72
N VAL A 300 -48.54 59.68 2.93
CA VAL A 300 -48.18 58.35 3.26
C VAL A 300 -49.32 57.38 2.89
N ILE A 301 -48.95 56.21 2.37
CA ILE A 301 -49.91 55.17 2.01
C ILE A 301 -49.84 54.10 3.09
N VAL A 302 -50.93 53.86 3.78
CA VAL A 302 -50.98 52.94 4.92
C VAL A 302 -51.96 51.80 4.62
N CYS A 303 -51.49 50.57 4.85
CA CYS A 303 -52.29 49.39 4.55
C CYS A 303 -51.88 48.22 5.41
N ASN A 304 -52.71 47.19 5.36
CA ASN A 304 -52.56 46.01 6.20
C ASN A 304 -52.66 44.75 5.34
N ILE A 305 -51.71 43.83 5.52
CA ILE A 305 -51.76 42.51 4.87
C ILE A 305 -51.89 41.32 5.84
N GLY A 306 -52.05 41.60 7.14
CA GLY A 306 -52.38 40.59 8.14
C GLY A 306 -53.87 40.32 8.10
N HIS A 307 -54.33 39.23 8.67
CA HIS A 307 -55.72 38.78 8.46
C HIS A 307 -56.88 39.74 8.90
N PHE A 308 -56.72 40.47 10.00
CA PHE A 308 -57.80 41.34 10.52
C PHE A 308 -57.40 42.80 10.48
N ASP A 309 -58.44 43.66 10.48
CA ASP A 309 -58.28 45.16 10.44
C ASP A 309 -58.00 45.91 11.78
N ASN A 310 -57.70 45.16 12.82
CA ASN A 310 -57.22 45.77 14.06
C ASN A 310 -55.70 46.12 14.10
N GLU A 311 -54.92 45.77 13.06
CA GLU A 311 -53.50 46.08 13.06
C GLU A 311 -53.31 47.61 13.06
N ILE A 312 -54.17 48.26 12.28
CA ILE A 312 -54.22 49.70 12.16
C ILE A 312 -55.42 50.15 12.99
N ASP A 313 -55.23 51.21 13.78
N ASP A 313 -55.23 51.21 13.78
CA ASP A 313 -56.29 51.71 14.66
CA ASP A 313 -56.29 51.71 14.65
C ASP A 313 -57.26 52.60 13.86
C ASP A 313 -57.26 52.60 13.86
N MET A 314 -58.05 51.95 13.00
CA MET A 314 -59.05 52.63 12.19
C MET A 314 -60.16 53.32 13.03
N ALA A 315 -60.58 52.68 14.11
CA ALA A 315 -61.54 53.31 15.04
C ALA A 315 -61.04 54.68 15.51
N TRP A 316 -59.77 54.79 15.91
CA TRP A 316 -59.19 56.09 16.29
C TRP A 316 -59.18 57.07 15.11
N LEU A 317 -58.75 56.58 13.95
CA LEU A 317 -58.64 57.44 12.78
C LEU A 317 -60.00 58.01 12.36
N ASN A 318 -61.00 57.13 12.31
CA ASN A 318 -62.36 57.55 11.96
C ASN A 318 -62.99 58.46 13.00
N LYS A 319 -62.86 58.14 14.29
CA LYS A 319 -63.42 58.99 15.32
C LYS A 319 -62.79 60.40 15.32
N THR A 320 -61.47 60.47 15.21
CA THR A 320 -60.74 61.71 15.37
C THR A 320 -60.69 62.60 14.11
N TYR A 321 -60.52 61.97 12.93
CA TYR A 321 -60.38 62.72 11.67
C TYR A 321 -61.34 62.30 10.56
N GLY A 322 -62.36 61.51 10.91
CA GLY A 322 -63.39 61.06 9.99
C GLY A 322 -64.14 62.15 9.26
N SER A 323 -64.38 63.28 9.91
CA SER A 323 -65.00 64.42 9.26
C SER A 323 -64.23 64.95 8.03
N THR A 324 -62.92 64.72 7.95
CA THR A 324 -62.11 65.13 6.79
C THR A 324 -62.03 64.10 5.67
N LYS A 325 -62.60 62.92 5.87
CA LYS A 325 -62.39 61.79 4.98
C LYS A 325 -62.91 62.04 3.57
N VAL A 326 -62.11 61.70 2.58
CA VAL A 326 -62.46 61.84 1.17
C VAL A 326 -62.11 60.51 0.49
N THR A 327 -63.06 59.93 -0.20
CA THR A 327 -62.85 58.72 -0.99
C THR A 327 -62.39 59.11 -2.39
N VAL A 328 -61.21 58.64 -2.78
CA VAL A 328 -60.65 58.88 -4.10
C VAL A 328 -61.37 57.98 -5.08
N LYS A 329 -61.42 56.71 -4.73
CA LYS A 329 -62.16 55.68 -5.44
C LYS A 329 -62.34 54.54 -4.44
N PRO A 330 -63.16 53.52 -4.79
CA PRO A 330 -63.42 52.50 -3.78
C PRO A 330 -62.14 51.88 -3.17
N GLN A 331 -62.11 51.81 -1.85
CA GLN A 331 -60.99 51.28 -1.06
C GLN A 331 -59.73 52.13 -1.08
N VAL A 332 -59.82 53.41 -1.46
CA VAL A 332 -58.71 54.35 -1.32
C VAL A 332 -59.29 55.64 -0.70
N ASP A 333 -59.06 55.81 0.60
CA ASP A 333 -59.60 56.90 1.39
C ASP A 333 -58.45 57.78 1.89
N ILE A 334 -58.64 59.10 1.87
CA ILE A 334 -57.66 60.08 2.35
C ILE A 334 -58.22 60.79 3.58
N TYR A 335 -57.42 60.81 4.66
CA TYR A 335 -57.73 61.54 5.89
C TYR A 335 -56.73 62.67 6.09
N ASN A 336 -57.20 63.82 6.57
CA ASN A 336 -56.35 64.93 6.91
C ASN A 336 -56.07 64.88 8.41
N VAL A 337 -54.90 64.38 8.77
CA VAL A 337 -54.49 64.28 10.16
C VAL A 337 -53.61 65.50 10.46
N ASP A 338 -54.22 66.54 11.03
N ASP A 338 -54.23 66.55 11.03
CA ASP A 338 -53.51 67.76 11.48
CA ASP A 338 -53.53 67.76 11.48
C ASP A 338 -52.70 68.43 10.37
C ASP A 338 -52.70 68.43 10.37
N GLY A 339 -53.27 68.51 9.16
CA GLY A 339 -52.62 69.18 8.02
C GLY A 339 -51.72 68.36 7.16
N HIS A 340 -51.55 67.07 7.47
CA HIS A 340 -50.83 66.14 6.59
C HIS A 340 -51.75 64.94 6.27
N ASP A 341 -51.82 64.58 4.99
CA ASP A 341 -52.73 63.52 4.52
C ASP A 341 -52.27 62.11 4.83
N VAL A 342 -53.20 61.25 5.19
CA VAL A 342 -52.96 59.82 5.34
C VAL A 342 -53.87 59.08 4.38
N ILE A 343 -53.29 58.25 3.52
CA ILE A 343 -54.06 57.48 2.51
C ILE A 343 -54.22 56.07 3.09
N ILE A 344 -55.46 55.65 3.28
CA ILE A 344 -55.77 54.32 3.79
C ILE A 344 -56.33 53.43 2.68
N LEU A 345 -55.78 52.24 2.54
CA LEU A 345 -56.25 51.26 1.57
C LEU A 345 -57.14 50.21 2.19
N ALA A 346 -58.24 49.96 1.51
CA ALA A 346 -59.23 48.94 1.88
C ALA A 346 -59.70 49.05 3.32
N GLU A 347 -59.80 50.29 3.82
CA GLU A 347 -60.20 50.53 5.21
C GLU A 347 -59.38 49.73 6.22
N GLY A 348 -58.11 49.49 5.92
CA GLY A 348 -57.26 48.67 6.79
C GLY A 348 -57.50 47.16 6.80
N ARG A 349 -58.29 46.65 5.86
N ARG A 349 -58.29 46.65 5.86
CA ARG A 349 -58.45 45.20 5.68
CA ARG A 349 -58.45 45.20 5.68
C ARG A 349 -57.45 44.67 4.63
C ARG A 349 -57.45 44.67 4.63
N LEU A 350 -57.30 43.35 4.60
CA LEU A 350 -56.32 42.68 3.71
C LEU A 350 -56.17 43.39 2.38
N VAL A 351 -55.04 44.05 2.22
CA VAL A 351 -54.84 44.92 1.08
C VAL A 351 -54.67 44.19 -0.26
N ASN A 352 -54.00 43.04 -0.23
CA ASN A 352 -53.75 42.29 -1.48
C ASN A 352 -55.07 41.83 -2.11
N LEU A 353 -56.00 41.34 -1.29
CA LEU A 353 -57.31 40.90 -1.73
C LEU A 353 -58.30 42.07 -1.93
N GLY A 354 -58.17 43.12 -1.10
CA GLY A 354 -59.09 44.25 -1.13
C GLY A 354 -58.88 45.23 -2.29
N CYS A 355 -57.60 45.47 -2.66
CA CYS A 355 -57.25 46.41 -3.72
C CYS A 355 -56.69 45.77 -5.02
N ALA A 356 -56.43 44.47 -5.02
CA ALA A 356 -56.11 43.75 -6.26
C ALA A 356 -56.83 42.39 -6.22
N THR A 357 -56.17 41.29 -6.51
CA THR A 357 -56.87 40.00 -6.63
C THR A 357 -56.27 38.95 -5.72
N GLY A 358 -55.55 39.36 -4.69
CA GLY A 358 -54.80 38.40 -3.85
C GLY A 358 -53.71 37.61 -4.57
N HIS A 359 -53.33 36.49 -3.96
CA HIS A 359 -52.21 35.71 -4.46
C HIS A 359 -52.57 35.13 -5.83
N PRO A 360 -51.57 34.91 -6.70
CA PRO A 360 -51.85 34.28 -7.99
C PRO A 360 -52.24 32.78 -7.89
N SER A 361 -52.85 32.28 -8.96
CA SER A 361 -53.37 30.90 -8.98
C SER A 361 -52.31 29.84 -8.64
N PHE A 362 -51.11 29.96 -9.21
CA PHE A 362 -50.07 28.96 -9.00
C PHE A 362 -49.77 28.66 -7.54
N VAL A 363 -49.56 29.69 -6.72
CA VAL A 363 -49.30 29.44 -5.29
C VAL A 363 -50.57 29.01 -4.52
N MET A 364 -51.75 29.52 -4.87
CA MET A 364 -52.97 29.06 -4.22
C MET A 364 -53.26 27.58 -4.49
N SER A 365 -52.77 27.07 -5.61
CA SER A 365 -52.93 25.64 -5.91
C SER A 365 -52.28 24.78 -4.82
N SER A 366 -51.15 25.23 -4.28
CA SER A 366 -50.50 24.51 -3.17
C SER A 366 -51.33 24.55 -1.91
N SER A 367 -51.80 25.74 -1.53
CA SER A 367 -52.61 25.91 -0.31
C SER A 367 -53.89 25.10 -0.41
N PHE A 368 -54.53 25.18 -1.57
CA PHE A 368 -55.82 24.53 -1.77
C PHE A 368 -55.71 23.02 -1.99
N SER A 369 -54.57 22.57 -2.55
CA SER A 369 -54.25 21.14 -2.57
C SER A 369 -54.15 20.63 -1.14
N ASN A 370 -53.50 21.37 -0.26
CA ASN A 370 -53.49 20.98 1.17
C ASN A 370 -54.91 20.91 1.75
N GLN A 371 -55.76 21.91 1.42
CA GLN A 371 -57.15 21.90 1.90
C GLN A 371 -57.91 20.65 1.52
N VAL A 372 -57.80 20.25 0.25
CA VAL A 372 -58.57 19.11 -0.24
C VAL A 372 -58.11 17.86 0.48
N ILE A 373 -56.80 17.69 0.59
CA ILE A 373 -56.18 16.55 1.30
C ILE A 373 -56.67 16.49 2.74
N ALA A 374 -56.73 17.63 3.40
CA ALA A 374 -57.24 17.67 4.80
C ALA A 374 -58.73 17.31 4.90
N GLN A 375 -59.53 17.79 3.95
CA GLN A 375 -60.97 17.45 3.90
C GLN A 375 -61.19 15.97 3.66
N LEU A 376 -60.45 15.41 2.72
CA LEU A 376 -60.44 13.96 2.49
C LEU A 376 -60.13 13.18 3.75
N GLU A 377 -59.09 13.63 4.46
CA GLU A 377 -58.58 12.93 5.63
C GLU A 377 -59.59 12.94 6.79
N LEU A 378 -60.17 14.11 7.08
CA LEU A 378 -61.20 14.19 8.11
C LEU A 378 -62.49 13.47 7.69
N TRP A 379 -62.89 13.60 6.43
CA TRP A 379 -64.15 12.99 5.98
C TRP A 379 -64.10 11.47 6.18
N GLU A 380 -63.02 10.86 5.70
CA GLU A 380 -62.79 9.42 5.82
C GLU A 380 -62.44 8.94 7.23
N ASN A 381 -61.58 9.67 7.93
CA ASN A 381 -60.94 9.19 9.17
C ASN A 381 -61.18 10.01 10.45
N SER A 382 -62.17 10.90 10.47
CA SER A 382 -62.42 11.78 11.65
C SER A 382 -62.50 11.03 12.98
N SER A 383 -63.02 9.81 12.98
CA SER A 383 -63.15 9.06 14.23
C SER A 383 -61.79 8.74 14.90
N LYS A 384 -60.72 8.63 14.11
CA LYS A 384 -59.38 8.38 14.65
C LYS A 384 -58.71 9.65 15.23
N TYR A 385 -59.40 10.78 15.25
CA TYR A 385 -58.85 12.06 15.71
C TYR A 385 -59.49 12.52 17.02
N GLU A 386 -58.67 13.11 17.89
CA GLU A 386 -59.17 13.79 19.10
C GLU A 386 -59.57 15.21 18.68
N ASN A 387 -60.32 15.88 19.54
CA ASN A 387 -60.68 17.28 19.35
C ASN A 387 -59.49 18.21 19.64
N LYS A 388 -58.54 18.21 18.71
CA LYS A 388 -57.24 18.88 18.86
C LYS A 388 -56.80 19.36 17.48
N VAL A 389 -55.79 20.20 17.43
CA VAL A 389 -55.29 20.72 16.17
C VAL A 389 -54.17 19.80 15.70
N TYR A 390 -54.24 19.37 14.43
CA TYR A 390 -53.25 18.45 13.84
C TYR A 390 -52.65 19.12 12.64
N THR A 391 -51.51 18.60 12.21
CA THR A 391 -50.96 18.94 10.89
C THR A 391 -50.88 17.66 10.04
N LEU A 392 -50.75 17.85 8.73
CA LEU A 392 -50.66 16.74 7.80
C LEU A 392 -49.25 16.12 7.84
N PRO A 393 -49.16 14.79 7.59
CA PRO A 393 -47.82 14.18 7.52
C PRO A 393 -46.96 14.77 6.40
N LYS A 394 -45.65 14.73 6.59
CA LYS A 394 -44.72 15.28 5.64
C LYS A 394 -44.82 14.66 4.24
N SER A 395 -45.16 13.37 4.16
CA SER A 395 -45.29 12.69 2.88
C SER A 395 -46.33 13.37 1.99
N LEU A 396 -47.43 13.84 2.59
CA LEU A 396 -48.49 14.58 1.86
C LEU A 396 -48.05 16.01 1.50
N ASP A 397 -47.34 16.65 2.43
CA ASP A 397 -46.73 17.96 2.18
C ASP A 397 -45.75 17.91 0.98
N GLU A 398 -44.94 16.86 0.92
CA GLU A 398 -44.05 16.65 -0.22
C GLU A 398 -44.77 16.36 -1.51
N LYS A 399 -45.83 15.53 -1.46
CA LYS A 399 -46.68 15.27 -2.61
C LYS A 399 -47.22 16.56 -3.22
N VAL A 400 -47.72 17.46 -2.38
CA VAL A 400 -48.26 18.74 -2.88
C VAL A 400 -47.18 19.48 -3.69
N ALA A 401 -45.97 19.59 -3.17
CA ALA A 401 -44.88 20.23 -3.92
C ALA A 401 -44.60 19.54 -5.26
N ARG A 402 -44.53 18.21 -5.21
CA ARG A 402 -44.26 17.40 -6.39
CA ARG A 402 -44.27 17.40 -6.39
C ARG A 402 -45.25 17.72 -7.52
N LEU A 403 -46.51 17.92 -7.17
CA LEU A 403 -47.54 18.18 -8.17
C LEU A 403 -47.37 19.47 -8.96
N HIS A 404 -46.57 20.41 -8.45
CA HIS A 404 -46.38 21.69 -9.13
C HIS A 404 -45.08 21.83 -9.94
N LEU A 405 -44.28 20.77 -9.99
CA LEU A 405 -42.94 20.90 -10.56
C LEU A 405 -42.95 20.90 -12.08
N SER A 406 -43.82 20.11 -12.67
N SER A 406 -43.82 20.12 -12.67
CA SER A 406 -43.78 19.89 -14.13
CA SER A 406 -43.79 19.90 -14.13
C SER A 406 -44.18 21.14 -14.90
C SER A 406 -44.17 21.14 -14.91
N LYS A 407 -45.21 21.86 -14.46
CA LYS A 407 -45.64 23.11 -15.10
C LYS A 407 -44.48 24.11 -15.29
N ILE A 408 -43.54 24.16 -14.34
CA ILE A 408 -42.44 25.14 -14.35
C ILE A 408 -41.09 24.49 -14.65
N ASP A 409 -41.15 23.24 -15.19
CA ASP A 409 -39.97 22.52 -15.68
C ASP A 409 -38.87 22.35 -14.64
N VAL A 410 -39.27 22.09 -13.41
CA VAL A 410 -38.39 21.68 -12.35
C VAL A 410 -38.26 20.14 -12.41
N GLU A 411 -37.03 19.66 -12.57
CA GLU A 411 -36.72 18.26 -12.68
C GLU A 411 -35.79 17.89 -11.53
N LEU A 412 -36.18 16.84 -10.80
CA LEU A 412 -35.45 16.34 -9.66
C LEU A 412 -34.49 15.25 -10.09
N ASP A 413 -33.32 15.23 -9.48
CA ASP A 413 -32.54 14.00 -9.47
C ASP A 413 -33.21 12.98 -8.58
N ILE A 414 -32.83 11.71 -8.83
CA ILE A 414 -33.36 10.59 -8.10
C ILE A 414 -32.19 9.96 -7.35
N LEU A 415 -32.39 9.73 -6.05
CA LEU A 415 -31.38 9.09 -5.25
C LEU A 415 -31.21 7.66 -5.73
N SER A 416 -29.96 7.17 -5.80
CA SER A 416 -29.72 5.72 -5.90
C SER A 416 -29.99 5.10 -4.54
N ALA A 417 -30.09 3.78 -4.50
CA ALA A 417 -30.32 3.05 -3.26
C ALA A 417 -29.19 3.35 -2.27
N ASP A 418 -27.95 3.34 -2.77
CA ASP A 418 -26.78 3.71 -1.96
C ASP A 418 -26.89 5.13 -1.35
N GLN A 419 -27.22 6.12 -2.15
CA GLN A 419 -27.38 7.49 -1.64
C GLN A 419 -28.49 7.61 -0.62
N ALA A 420 -29.63 6.98 -0.90
CA ALA A 420 -30.79 7.00 -0.03
C ALA A 420 -30.46 6.34 1.33
N ALA A 421 -29.84 5.18 1.31
CA ALA A 421 -29.38 4.53 2.54
C ALA A 421 -28.43 5.42 3.32
N TYR A 422 -27.48 6.04 2.62
CA TYR A 422 -26.44 6.89 3.25
C TYR A 422 -27.01 8.02 4.07
N ILE A 423 -28.04 8.69 3.57
CA ILE A 423 -28.68 9.79 4.31
C ILE A 423 -29.89 9.36 5.12
N GLY A 424 -30.21 8.06 5.13
CA GLY A 424 -31.28 7.49 5.95
C GLY A 424 -32.69 7.78 5.45
N VAL A 425 -32.88 7.80 4.13
CA VAL A 425 -34.19 8.08 3.56
C VAL A 425 -34.53 7.03 2.49
N THR A 426 -35.81 6.94 2.18
CA THR A 426 -36.28 6.12 1.08
C THR A 426 -36.23 7.02 -0.16
N VAL A 427 -36.18 6.39 -1.31
CA VAL A 427 -36.04 7.09 -2.59
C VAL A 427 -37.19 8.06 -2.87
N ASP A 428 -38.41 7.65 -2.53
N ASP A 428 -38.40 7.66 -2.53
CA ASP A 428 -39.58 8.53 -2.74
CA ASP A 428 -39.58 8.50 -2.75
C ASP A 428 -39.94 9.39 -1.53
C ASP A 428 -39.94 9.39 -1.54
N GLY A 429 -39.06 9.46 -0.54
CA GLY A 429 -39.25 10.36 0.60
C GLY A 429 -40.13 9.71 1.64
N PRO A 430 -40.41 10.34 2.77
CA PRO A 430 -39.99 11.72 3.09
C PRO A 430 -38.48 11.93 3.23
N TYR A 431 -38.02 13.12 2.85
CA TYR A 431 -36.59 13.41 2.76
C TYR A 431 -36.00 14.12 3.95
N LYS A 432 -36.86 14.66 4.82
CA LYS A 432 -36.41 15.45 5.97
C LYS A 432 -37.11 14.96 7.21
N ASN A 433 -36.44 15.07 8.36
CA ASN A 433 -37.13 14.73 9.61
C ASN A 433 -38.12 15.83 9.99
N ASP A 434 -39.01 15.54 10.94
CA ASP A 434 -40.15 16.41 11.21
C ASP A 434 -39.80 17.77 11.83
N GLU A 435 -38.59 17.93 12.36
CA GLU A 435 -38.14 19.20 12.93
C GLU A 435 -37.49 20.12 11.89
N TYR A 436 -37.27 19.61 10.67
CA TYR A 436 -36.63 20.39 9.63
C TYR A 436 -37.44 21.64 9.27
N ARG A 437 -36.73 22.77 9.15
CA ARG A 437 -37.37 24.06 9.05
C ARG A 437 -37.40 24.66 7.63
N TYR A 438 -36.66 24.05 6.68
CA TYR A 438 -36.58 24.56 5.30
C TYR A 438 -36.15 26.06 5.25
N MET B 4 5.67 1.95 26.76
CA MET B 4 5.48 2.18 28.23
C MET B 4 5.38 3.69 28.49
N VAL B 5 6.38 4.50 28.10
CA VAL B 5 6.39 5.96 28.31
C VAL B 5 5.81 6.80 27.16
N ASP B 6 4.78 7.57 27.46
CA ASP B 6 4.07 8.37 26.46
C ASP B 6 4.85 9.61 26.11
N THR B 7 4.77 9.98 24.84
CA THR B 7 5.29 11.22 24.40
C THR B 7 4.26 12.34 24.70
N PHE B 8 4.73 13.43 25.29
CA PHE B 8 3.92 14.62 25.45
C PHE B 8 4.40 15.72 24.52
N VAL B 9 3.54 16.09 23.57
CA VAL B 9 3.80 17.19 22.70
C VAL B 9 2.87 18.31 23.15
N LYS B 10 3.44 19.42 23.60
CA LYS B 10 2.63 20.51 24.14
C LYS B 10 1.66 21.12 23.12
N HIS B 11 2.16 21.36 21.90
CA HIS B 11 1.38 21.83 20.78
C HIS B 11 2.07 21.47 19.48
N LYS B 12 1.34 21.49 18.37
CA LYS B 12 1.95 21.34 17.05
C LYS B 12 1.27 22.24 16.04
N VAL B 13 2.02 23.22 15.52
CA VAL B 13 1.52 24.23 14.62
C VAL B 13 2.57 24.51 13.56
N LYS B 14 2.15 25.09 12.45
CA LYS B 14 3.02 25.30 11.29
C LYS B 14 4.16 26.23 11.66
N ASP B 15 3.84 27.38 12.27
CA ASP B 15 4.85 28.41 12.54
C ASP B 15 4.41 29.34 13.66
N ILE B 16 4.98 29.10 14.84
CA ILE B 16 4.57 29.83 16.06
C ILE B 16 4.94 31.33 16.04
N SER B 17 5.86 31.73 15.18
CA SER B 17 6.18 33.15 15.00
C SER B 17 5.02 33.96 14.35
N LEU B 18 3.99 33.27 13.81
CA LEU B 18 2.83 33.97 13.27
C LEU B 18 1.85 34.40 14.39
N ALA B 19 2.16 34.13 15.66
CA ALA B 19 1.28 34.45 16.77
C ALA B 19 0.87 35.91 16.90
N ALA B 20 1.81 36.84 16.73
CA ALA B 20 1.48 38.25 16.90
C ALA B 20 0.41 38.70 15.87
N TRP B 21 0.60 38.32 14.61
CA TRP B 21 -0.38 38.55 13.58
C TRP B 21 -1.73 37.94 13.97
N GLY B 22 -1.70 36.68 14.40
CA GLY B 22 -2.92 35.99 14.83
C GLY B 22 -3.66 36.71 15.94
N ARG B 23 -2.91 37.16 16.94
CA ARG B 23 -3.46 37.89 18.08
C ARG B 23 -4.15 39.20 17.65
N LYS B 24 -3.55 39.94 16.72
CA LYS B 24 -4.17 41.16 16.23
C LYS B 24 -5.51 40.90 15.57
N GLU B 25 -5.58 39.85 14.73
CA GLU B 25 -6.84 39.48 14.10
C GLU B 25 -7.86 38.91 15.09
N ILE B 26 -7.38 38.22 16.13
CA ILE B 26 -8.28 37.74 17.18
C ILE B 26 -8.99 38.89 17.87
N GLU B 27 -8.23 39.94 18.17
CA GLU B 27 -8.78 41.16 18.77
C GLU B 27 -9.83 41.81 17.90
N LEU B 28 -9.56 41.92 16.59
CA LEU B 28 -10.55 42.44 15.67
C LEU B 28 -11.79 41.58 15.64
N ALA B 29 -11.58 40.25 15.63
CA ALA B 29 -12.70 39.31 15.65
C ALA B 29 -13.54 39.44 16.92
N GLU B 30 -12.88 39.63 18.05
CA GLU B 30 -13.62 39.80 19.33
C GLU B 30 -14.70 40.90 19.24
N ALA B 31 -14.37 42.01 18.59
CA ALA B 31 -15.34 43.10 18.40
C ALA B 31 -16.48 42.73 17.44
N GLU B 32 -16.22 41.84 16.49
CA GLU B 32 -17.26 41.31 15.62
C GLU B 32 -18.05 40.14 16.25
N MET B 33 -17.73 39.73 17.47
CA MET B 33 -18.39 38.60 18.11
C MET B 33 -19.01 38.95 19.48
N PRO B 34 -19.99 39.86 19.51
CA PRO B 34 -20.56 40.34 20.80
C PRO B 34 -21.24 39.24 21.61
N GLY B 35 -21.78 38.22 20.94
CA GLY B 35 -22.36 37.10 21.65
C GLY B 35 -21.36 36.43 22.58
N LEU B 36 -20.24 36.00 22.01
CA LEU B 36 -19.24 35.31 22.79
C LEU B 36 -18.69 36.18 23.86
N MET B 37 -18.46 37.45 23.54
CA MET B 37 -17.84 38.37 24.51
C MET B 37 -18.79 38.65 25.65
N SER B 38 -20.07 38.79 25.34
CA SER B 38 -21.09 38.97 26.36
C SER B 38 -21.16 37.74 27.29
N ILE B 39 -21.07 36.56 26.69
CA ILE B 39 -21.03 35.32 27.47
C ILE B 39 -19.81 35.25 28.41
N ARG B 40 -18.66 35.75 27.94
CA ARG B 40 -17.45 35.87 28.78
C ARG B 40 -17.70 36.73 29.99
N LYS B 41 -18.25 37.93 29.80
CA LYS B 41 -18.59 38.81 30.92
C LYS B 41 -19.59 38.22 31.88
N GLU B 42 -20.69 37.69 31.37
CA GLU B 42 -21.75 37.10 32.22
C GLU B 42 -21.22 35.93 33.06
N PHE B 43 -20.58 34.96 32.44
CA PHE B 43 -20.21 33.72 33.14
C PHE B 43 -18.76 33.64 33.62
N GLY B 44 -17.89 34.46 33.05
CA GLY B 44 -16.45 34.42 33.40
C GLY B 44 -16.09 34.54 34.87
N PRO B 45 -16.60 35.58 35.56
CA PRO B 45 -16.30 35.78 36.99
C PRO B 45 -16.59 34.57 37.89
N SER B 46 -17.64 33.81 37.59
CA SER B 46 -18.01 32.64 38.42
C SER B 46 -17.28 31.31 38.04
N LYS B 47 -16.45 31.33 36.98
CA LYS B 47 -15.70 30.14 36.53
C LYS B 47 -16.49 28.81 36.56
N PRO B 48 -17.69 28.79 35.96
CA PRO B 48 -18.55 27.61 36.03
C PRO B 48 -17.96 26.34 35.39
N LEU B 49 -16.97 26.49 34.51
CA LEU B 49 -16.27 25.35 33.88
C LEU B 49 -14.93 24.96 34.56
N LYS B 50 -14.68 25.46 35.79
CA LYS B 50 -13.53 25.00 36.60
C LYS B 50 -13.60 23.48 36.70
N GLY B 51 -12.50 22.81 36.40
CA GLY B 51 -12.43 21.34 36.43
C GLY B 51 -12.79 20.67 35.12
N ALA B 52 -13.33 21.41 34.14
CA ALA B 52 -13.63 20.85 32.84
C ALA B 52 -12.38 20.78 32.00
N ARG B 53 -12.26 19.70 31.24
CA ARG B 53 -11.19 19.48 30.30
C ARG B 53 -11.82 19.20 28.95
N VAL B 54 -11.97 20.26 28.17
CA VAL B 54 -12.71 20.24 26.92
C VAL B 54 -11.77 19.97 25.77
N ALA B 55 -11.96 18.85 25.09
CA ALA B 55 -11.29 18.57 23.81
C ALA B 55 -12.25 19.01 22.68
N GLY B 56 -11.76 19.92 21.85
CA GLY B 56 -12.46 20.39 20.68
C GLY B 56 -11.85 19.83 19.40
N CYS B 57 -12.72 19.43 18.46
CA CYS B 57 -12.30 19.12 17.10
C CYS B 57 -13.15 19.97 16.14
N LEU B 58 -12.56 21.05 15.64
CA LEU B 58 -13.32 22.11 14.97
C LEU B 58 -12.31 23.04 14.31
N HIS B 59 -12.53 23.28 13.02
CA HIS B 59 -11.71 24.18 12.19
C HIS B 59 -10.96 25.23 12.99
N MET B 60 -9.64 25.18 12.95
CA MET B 60 -8.79 26.05 13.82
C MET B 60 -8.58 27.42 13.16
N THR B 61 -9.65 28.22 13.19
CA THR B 61 -9.67 29.57 12.62
C THR B 61 -9.51 30.65 13.67
N ILE B 62 -9.43 31.90 13.20
CA ILE B 62 -9.47 33.06 14.11
C ILE B 62 -10.74 33.05 14.96
N GLN B 63 -11.83 32.61 14.36
CA GLN B 63 -13.14 32.59 15.02
C GLN B 63 -13.14 31.56 16.14
N THR B 64 -12.58 30.40 15.83
CA THR B 64 -12.45 29.32 16.80
C THR B 64 -11.51 29.73 17.96
N ALA B 65 -10.49 30.52 17.66
CA ALA B 65 -9.61 31.04 18.74
C ALA B 65 -10.42 31.79 19.82
N VAL B 66 -11.43 32.54 19.40
CA VAL B 66 -12.28 33.32 20.30
C VAL B 66 -13.13 32.37 21.15
N LEU B 67 -13.63 31.30 20.52
CA LEU B 67 -14.34 30.26 21.23
C LEU B 67 -13.46 29.60 22.31
N ILE B 68 -12.27 29.17 21.89
CA ILE B 68 -11.31 28.53 22.79
C ILE B 68 -11.08 29.41 24.02
N GLU B 69 -10.75 30.68 23.77
CA GLU B 69 -10.43 31.59 24.88
C GLU B 69 -11.65 31.96 25.72
N THR B 70 -12.84 31.89 25.13
CA THR B 70 -14.07 32.01 25.90
C THR B 70 -14.21 30.84 26.89
N LEU B 71 -14.01 29.60 26.42
CA LEU B 71 -14.06 28.45 27.31
C LEU B 71 -13.01 28.56 28.45
N ILE B 72 -11.80 29.01 28.12
CA ILE B 72 -10.75 29.20 29.15
C ILE B 72 -11.15 30.28 30.18
N GLU B 73 -11.72 31.38 29.72
CA GLU B 73 -12.19 32.47 30.61
C GLU B 73 -13.31 31.99 31.53
N LEU B 74 -14.08 30.99 31.08
CA LEU B 74 -15.08 30.34 31.93
C LEU B 74 -14.52 29.29 32.89
N GLY B 75 -13.21 29.05 32.82
CA GLY B 75 -12.51 28.18 33.75
C GLY B 75 -12.11 26.83 33.20
N ALA B 76 -12.40 26.54 31.94
CA ALA B 76 -12.06 25.23 31.37
C ALA B 76 -10.57 25.11 31.04
N GLU B 77 -10.03 23.90 31.15
CA GLU B 77 -8.84 23.51 30.40
C GLU B 77 -9.33 23.12 29.01
N VAL B 78 -8.53 23.39 27.97
CA VAL B 78 -8.94 23.16 26.61
C VAL B 78 -7.78 22.60 25.79
N THR B 79 -8.04 21.53 25.05
CA THR B 79 -7.15 21.05 24.00
C THR B 79 -7.88 21.13 22.67
N TRP B 80 -7.15 21.17 21.56
CA TRP B 80 -7.80 21.40 20.27
C TRP B 80 -7.08 20.83 19.06
N SER B 81 -7.89 20.34 18.13
CA SER B 81 -7.48 20.04 16.76
C SER B 81 -8.50 20.55 15.78
N SER B 82 -8.14 20.53 14.51
CA SER B 82 -9.03 20.90 13.42
C SER B 82 -9.79 19.66 12.96
N CYS B 83 -11.01 19.89 12.46
CA CYS B 83 -11.84 18.80 11.91
C CYS B 83 -11.70 18.70 10.39
N ASN B 84 -10.80 19.49 9.80
CA ASN B 84 -10.50 19.41 8.38
C ASN B 84 -9.02 19.68 8.12
N ILE B 85 -8.46 18.98 7.14
CA ILE B 85 -7.02 19.09 6.84
C ILE B 85 -6.59 20.41 6.23
N PHE B 86 -7.51 21.16 5.64
CA PHE B 86 -7.19 22.43 4.98
C PHE B 86 -7.80 23.66 5.63
N SER B 87 -8.53 23.50 6.74
CA SER B 87 -9.30 24.60 7.30
C SER B 87 -8.57 25.47 8.33
N THR B 88 -7.47 24.96 8.88
CA THR B 88 -6.76 25.72 9.87
C THR B 88 -6.22 27.02 9.28
N GLN B 89 -6.32 28.08 10.05
N GLN B 89 -6.32 28.09 10.04
CA GLN B 89 -5.60 29.32 9.80
CA GLN B 89 -5.59 29.33 9.79
C GLN B 89 -4.36 29.34 10.68
C GLN B 89 -4.36 29.34 10.68
N ASP B 90 -3.18 29.27 10.07
CA ASP B 90 -1.95 29.03 10.82
C ASP B 90 -1.60 30.13 11.85
N HIS B 91 -1.87 31.38 11.52
CA HIS B 91 -1.73 32.46 12.50
C HIS B 91 -2.70 32.36 13.71
N ALA B 92 -3.92 31.86 13.48
CA ALA B 92 -4.83 31.58 14.60
C ALA B 92 -4.26 30.48 15.48
N ALA B 93 -3.83 29.39 14.86
CA ALA B 93 -3.25 28.26 15.62
C ALA B 93 -2.02 28.72 16.41
N ALA B 94 -1.17 29.51 15.77
CA ALA B 94 0.03 30.04 16.40
C ALA B 94 -0.30 30.90 17.61
N ALA B 95 -1.31 31.76 17.50
CA ALA B 95 -1.71 32.61 18.63
C ALA B 95 -2.16 31.79 19.82
N ILE B 96 -2.95 30.76 19.53
CA ILE B 96 -3.45 29.84 20.56
C ILE B 96 -2.29 29.08 21.21
N ALA B 97 -1.36 28.59 20.41
CA ALA B 97 -0.17 27.90 20.95
C ALA B 97 0.68 28.85 21.81
N ALA B 98 0.85 30.08 21.32
CA ALA B 98 1.65 31.08 22.07
C ALA B 98 1.02 31.42 23.41
N ALA B 99 -0.30 31.30 23.53
CA ALA B 99 -1.00 31.48 24.81
C ALA B 99 -0.85 30.30 25.77
N GLY B 100 -0.03 29.31 25.44
CA GLY B 100 0.18 28.14 26.29
C GLY B 100 -0.85 27.01 26.09
N ILE B 101 -1.72 27.13 25.09
CA ILE B 101 -2.79 26.15 24.91
C ILE B 101 -2.33 25.00 24.00
N SER B 102 -2.76 23.77 24.32
CA SER B 102 -2.39 22.59 23.56
C SER B 102 -3.26 22.47 22.32
N VAL B 103 -2.73 22.98 21.20
CA VAL B 103 -3.40 22.94 19.90
C VAL B 103 -2.53 22.15 18.92
N TYR B 104 -3.17 21.30 18.11
CA TYR B 104 -2.49 20.46 17.14
C TYR B 104 -3.22 20.64 15.82
N ALA B 105 -2.73 21.55 14.98
CA ALA B 105 -3.45 21.96 13.80
C ALA B 105 -2.59 22.79 12.88
N TRP B 106 -2.63 22.45 11.60
CA TRP B 106 -2.07 23.29 10.57
C TRP B 106 -2.72 23.08 9.20
N LYS B 107 -2.61 24.09 8.34
CA LYS B 107 -3.19 24.00 7.00
C LYS B 107 -2.37 23.02 6.16
N GLY B 108 -3.02 22.02 5.58
CA GLY B 108 -2.34 21.08 4.70
C GLY B 108 -1.78 19.83 5.38
N MET B 109 -2.49 19.32 6.36
CA MET B 109 -2.19 18.01 6.94
C MET B 109 -2.53 16.89 5.94
N ASN B 110 -1.96 15.72 6.20
CA ASN B 110 -2.42 14.49 5.58
C ASN B 110 -3.32 13.76 6.58
N GLU B 111 -3.84 12.59 6.19
CA GLU B 111 -4.83 11.87 7.00
C GLU B 111 -4.22 11.30 8.29
N GLU B 112 -3.02 10.73 8.19
CA GLU B 112 -2.28 10.24 9.39
C GLU B 112 -2.06 11.39 10.39
N GLU B 113 -1.56 12.52 9.90
CA GLU B 113 -1.38 13.72 10.75
C GLU B 113 -2.70 14.17 11.41
N PHE B 114 -3.77 14.18 10.61
CA PHE B 114 -5.11 14.55 11.08
C PHE B 114 -5.55 13.72 12.29
N ASP B 115 -5.40 12.41 12.16
N ASP B 115 -5.40 12.41 12.16
CA ASP B 115 -5.77 11.46 13.19
CA ASP B 115 -5.77 11.46 13.19
C ASP B 115 -4.90 11.60 14.45
C ASP B 115 -4.90 11.61 14.46
N TRP B 116 -3.59 11.71 14.25
CA TRP B 116 -2.62 11.96 15.34
C TRP B 116 -3.00 13.20 16.19
N CYS B 117 -3.34 14.29 15.50
CA CYS B 117 -3.70 15.55 16.16
C CYS B 117 -4.89 15.37 17.09
N ILE B 118 -5.92 14.66 16.63
CA ILE B 118 -7.08 14.41 17.45
C ILE B 118 -6.66 13.61 18.67
N GLU B 119 -5.84 12.56 18.46
CA GLU B 119 -5.41 11.69 19.58
C GLU B 119 -4.72 12.48 20.71
N GLN B 120 -3.89 13.46 20.35
CA GLN B 120 -3.17 14.23 21.36
C GLN B 120 -4.10 15.03 22.30
N THR B 121 -5.27 15.44 21.77
CA THR B 121 -6.23 16.24 22.51
C THR B 121 -6.93 15.48 23.64
N LEU B 122 -6.89 14.16 23.60
CA LEU B 122 -7.61 13.34 24.59
C LEU B 122 -7.02 13.41 26.00
N PHE B 123 -5.72 13.72 26.09
CA PHE B 123 -5.02 13.83 27.38
C PHE B 123 -4.41 15.23 27.55
N PHE B 124 -4.52 15.74 28.78
CA PHE B 124 -4.22 17.14 29.11
C PHE B 124 -2.95 17.20 29.96
N GLY B 125 -1.93 17.89 29.47
CA GLY B 125 -0.69 18.11 30.19
C GLY B 125 0.20 16.87 30.18
N GLU B 126 1.42 17.06 30.69
CA GLU B 126 2.39 15.98 30.74
C GLU B 126 1.93 14.81 31.64
N ASP B 127 1.13 15.15 32.64
CA ASP B 127 0.54 14.17 33.55
C ASP B 127 -0.73 13.47 33.00
N ARG B 128 -1.16 13.82 31.78
CA ARG B 128 -2.17 13.05 31.02
C ARG B 128 -3.55 12.91 31.70
N LYS B 129 -4.06 14.02 32.25
CA LYS B 129 -5.45 14.02 32.76
C LYS B 129 -6.40 13.87 31.55
N PRO B 130 -7.25 12.83 31.54
CA PRO B 130 -8.10 12.66 30.34
C PRO B 130 -9.19 13.71 30.20
N LEU B 131 -9.64 13.91 28.97
CA LEU B 131 -10.78 14.79 28.68
C LEU B 131 -12.01 14.36 29.47
N ASN B 132 -12.86 15.33 29.82
CA ASN B 132 -14.20 15.04 30.35
C ASN B 132 -15.35 15.75 29.60
N MET B 133 -15.05 16.39 28.47
CA MET B 133 -16.05 17.02 27.63
C MET B 133 -15.59 16.92 26.19
N ILE B 134 -16.56 16.81 25.29
CA ILE B 134 -16.31 16.72 23.87
C ILE B 134 -17.08 17.84 23.19
N LEU B 135 -16.37 18.57 22.32
CA LEU B 135 -16.92 19.64 21.51
C LEU B 135 -16.49 19.29 20.09
N ASP B 136 -17.45 18.88 19.25
CA ASP B 136 -17.13 18.25 17.97
C ASP B 136 -17.81 18.94 16.79
N ASP B 137 -17.22 18.77 15.62
CA ASP B 137 -17.73 19.32 14.36
C ASP B 137 -17.46 18.30 13.28
N GLY B 138 -18.45 17.44 13.07
CA GLY B 138 -18.39 16.36 12.08
C GLY B 138 -18.34 14.97 12.64
N GLY B 139 -18.20 14.85 13.96
CA GLY B 139 -18.20 13.54 14.60
C GLY B 139 -16.89 12.74 14.64
N ASP B 140 -15.77 13.29 14.11
CA ASP B 140 -14.50 12.53 14.06
C ASP B 140 -13.87 12.38 15.44
N LEU B 141 -13.96 13.40 16.30
CA LEU B 141 -13.48 13.28 17.70
C LEU B 141 -14.34 12.30 18.46
N THR B 142 -15.64 12.47 18.35
CA THR B 142 -16.62 11.56 18.95
C THR B 142 -16.32 10.09 18.55
N ASN B 143 -16.12 9.85 17.26
CA ASN B 143 -15.77 8.51 16.73
C ASN B 143 -14.47 8.01 17.34
N MET B 144 -13.46 8.87 17.43
CA MET B 144 -12.21 8.40 18.01
C MET B 144 -12.37 7.96 19.46
N VAL B 145 -13.08 8.73 20.26
CA VAL B 145 -13.29 8.35 21.65
C VAL B 145 -14.14 7.09 21.74
N LEU B 146 -15.33 7.07 21.12
CA LEU B 146 -16.25 5.94 21.29
C LEU B 146 -15.74 4.60 20.65
N ASP B 147 -15.18 4.69 19.44
CA ASP B 147 -14.65 3.52 18.73
C ASP B 147 -13.25 3.08 19.19
N ARG B 148 -12.34 4.03 19.50
CA ARG B 148 -10.91 3.70 19.78
C ARG B 148 -10.40 3.96 21.21
N PHE B 149 -11.10 4.78 22.02
CA PHE B 149 -10.74 5.01 23.42
C PHE B 149 -11.97 4.89 24.34
N PRO B 150 -12.72 3.77 24.25
CA PRO B 150 -13.98 3.66 25.04
C PRO B 150 -13.80 3.68 26.58
N GLU B 151 -12.59 3.36 27.07
CA GLU B 151 -12.24 3.49 28.49
C GLU B 151 -12.46 4.92 29.04
N LEU B 152 -12.31 5.92 28.17
CA LEU B 152 -12.49 7.32 28.53
C LEU B 152 -13.95 7.81 28.64
N VAL B 153 -14.91 7.02 28.17
CA VAL B 153 -16.33 7.46 28.13
C VAL B 153 -16.91 7.64 29.52
N LYS B 154 -16.48 6.79 30.48
CA LYS B 154 -16.98 6.85 31.87
C LYS B 154 -16.94 8.28 32.42
N ASP B 155 -15.77 8.94 32.32
CA ASP B 155 -15.58 10.26 32.96
C ASP B 155 -16.01 11.45 32.10
N ILE B 156 -16.35 11.21 30.83
CA ILE B 156 -16.83 12.29 29.96
C ILE B 156 -18.30 12.56 30.23
N ARG B 157 -18.64 13.82 30.38
CA ARG B 157 -20.01 14.21 30.75
C ARG B 157 -20.96 14.37 29.56
N GLY B 158 -20.45 14.87 28.43
CA GLY B 158 -21.31 15.09 27.26
C GLY B 158 -20.59 15.46 25.99
N ILE B 159 -21.37 15.54 24.92
CA ILE B 159 -20.91 15.94 23.58
C ILE B 159 -21.74 17.15 23.15
N SER B 160 -21.11 18.15 22.53
CA SER B 160 -21.85 19.12 21.75
C SER B 160 -21.40 19.00 20.31
N GLU B 161 -22.36 19.01 19.37
CA GLU B 161 -22.07 18.83 17.94
C GLU B 161 -22.52 20.01 17.04
N GLU B 162 -21.63 20.45 16.17
CA GLU B 162 -21.75 21.70 15.44
C GLU B 162 -22.53 21.55 14.11
N THR B 163 -22.43 20.44 13.41
CA THR B 163 -22.81 20.45 11.98
C THR B 163 -23.75 19.31 11.54
N THR B 164 -24.48 19.61 10.46
CA THR B 164 -25.55 18.74 9.95
C THR B 164 -25.05 17.29 9.79
N THR B 165 -23.84 17.13 9.25
CA THR B 165 -23.25 15.80 9.04
C THR B 165 -22.91 15.05 10.34
N GLY B 166 -22.34 15.75 11.32
CA GLY B 166 -22.08 15.14 12.62
C GLY B 166 -23.34 14.73 13.38
N VAL B 167 -24.38 15.55 13.24
CA VAL B 167 -25.69 15.27 13.86
C VAL B 167 -26.28 13.96 13.32
N LEU B 168 -26.24 13.82 11.97
CA LEU B 168 -26.69 12.61 11.29
C LEU B 168 -25.95 11.36 11.83
N ARG B 169 -24.64 11.47 12.03
CA ARG B 169 -23.84 10.39 12.63
C ARG B 169 -24.30 10.04 14.05
N LEU B 170 -24.62 11.07 14.85
CA LEU B 170 -25.12 10.89 16.22
C LEU B 170 -26.49 10.21 16.24
N LYS B 171 -27.39 10.64 15.34
CA LYS B 171 -28.72 10.00 15.20
C LYS B 171 -28.63 8.54 14.75
N ASP B 172 -27.64 8.20 13.92
CA ASP B 172 -27.35 6.77 13.56
C ASP B 172 -26.87 5.97 14.77
N ARG B 173 -26.01 6.59 15.58
CA ARG B 173 -25.55 5.98 16.83
C ARG B 173 -26.72 5.76 17.81
N GLU B 174 -27.62 6.75 17.87
CA GLU B 174 -28.83 6.70 18.71
C GLU B 174 -29.71 5.51 18.30
N ARG B 175 -29.98 5.41 17.00
CA ARG B 175 -30.71 4.26 16.41
C ARG B 175 -30.00 2.90 16.66
N ASN B 176 -28.71 2.84 16.32
CA ASN B 176 -27.89 1.61 16.46
C ASN B 176 -27.65 1.17 17.91
N GLY B 177 -27.81 2.08 18.87
CA GLY B 177 -27.57 1.78 20.29
C GLY B 177 -26.11 1.93 20.73
N SER B 178 -25.32 2.70 19.97
CA SER B 178 -23.90 2.95 20.30
C SER B 178 -23.63 4.37 20.84
N LEU B 179 -24.67 5.21 20.93
CA LEU B 179 -24.56 6.53 21.59
C LEU B 179 -24.59 6.31 23.09
N VAL B 180 -23.41 6.41 23.72
CA VAL B 180 -23.20 6.07 25.14
C VAL B 180 -22.90 7.36 25.98
N LEU B 181 -23.14 8.53 25.38
CA LEU B 181 -23.09 9.83 26.07
C LEU B 181 -24.29 10.70 25.63
N PRO B 182 -24.75 11.60 26.53
CA PRO B 182 -25.70 12.62 26.06
C PRO B 182 -25.04 13.57 25.06
N ALA B 183 -25.82 14.06 24.10
CA ALA B 183 -25.31 14.98 23.09
C ALA B 183 -26.29 16.14 22.92
N ILE B 184 -25.76 17.35 22.85
CA ILE B 184 -26.54 18.51 22.44
C ILE B 184 -26.19 18.89 20.99
N ASN B 185 -27.21 18.80 20.13
CA ASN B 185 -27.14 19.20 18.73
C ASN B 185 -27.39 20.71 18.67
N ILE B 186 -26.31 21.47 18.46
CA ILE B 186 -26.41 22.90 18.25
C ILE B 186 -26.49 23.27 16.77
N ASN B 187 -26.34 22.30 15.85
CA ASN B 187 -26.56 22.62 14.43
C ASN B 187 -27.97 23.16 14.23
N ASP B 188 -28.93 22.49 14.87
CA ASP B 188 -30.34 22.83 14.80
C ASP B 188 -30.88 23.82 15.83
N SER B 189 -30.02 24.58 16.50
CA SER B 189 -30.45 25.87 17.04
C SER B 189 -30.89 26.69 15.81
N VAL B 190 -31.98 27.42 15.94
CA VAL B 190 -32.43 28.28 14.86
C VAL B 190 -31.32 29.27 14.49
N THR B 191 -30.74 29.89 15.55
CA THR B 191 -29.65 30.85 15.40
C THR B 191 -28.35 30.27 14.89
N LYS B 192 -28.29 28.95 14.68
CA LYS B 192 -27.19 28.34 13.94
C LYS B 192 -27.60 28.00 12.51
N SER B 193 -28.44 26.98 12.32
CA SER B 193 -28.82 26.50 10.95
C SER B 193 -29.33 27.58 9.98
N LYS B 194 -30.20 28.47 10.48
CA LYS B 194 -30.80 29.50 9.63
C LYS B 194 -29.90 30.72 9.44
N PHE B 195 -28.70 30.71 10.00
CA PHE B 195 -27.78 31.83 9.93
C PHE B 195 -26.42 31.41 9.45
N ASP B 196 -25.74 30.59 10.24
CA ASP B 196 -24.43 30.05 9.88
C ASP B 196 -24.48 29.34 8.51
N ASN B 197 -25.31 28.33 8.39
CA ASN B 197 -25.31 27.50 7.17
C ASN B 197 -25.73 28.33 5.96
N LYS B 198 -26.70 29.20 6.14
CA LYS B 198 -27.22 30.00 5.07
C LYS B 198 -26.39 31.28 4.84
N TYR B 199 -26.43 32.23 5.76
CA TYR B 199 -25.74 33.50 5.55
C TYR B 199 -24.22 33.33 5.56
N GLY B 200 -23.71 32.38 6.34
CA GLY B 200 -22.27 32.11 6.35
C GLY B 200 -21.76 31.66 4.98
N CYS B 201 -22.41 30.68 4.38
CA CYS B 201 -22.03 30.23 3.03
C CYS B 201 -22.23 31.31 1.99
N LYS B 202 -23.27 32.14 2.17
CA LYS B 202 -23.44 33.29 1.31
C LYS B 202 -22.20 34.22 1.33
N GLU B 203 -21.62 34.40 2.50
CA GLU B 203 -20.46 35.26 2.68
C GLU B 203 -19.19 34.64 2.14
N SER B 204 -19.01 33.33 2.32
CA SER B 204 -17.70 32.70 2.12
C SER B 204 -17.54 31.82 0.85
N LEU B 205 -18.63 31.43 0.19
CA LEU B 205 -18.50 30.56 -0.98
C LEU B 205 -17.79 31.30 -2.11
N VAL B 206 -18.39 32.40 -2.55
CA VAL B 206 -17.81 33.23 -3.61
C VAL B 206 -16.39 33.71 -3.27
N ASP B 207 -16.23 34.17 -2.03
CA ASP B 207 -14.94 34.58 -1.48
C ASP B 207 -13.88 33.52 -1.83
N SER B 208 -14.16 32.26 -1.47
CA SER B 208 -13.19 31.20 -1.68
C SER B 208 -12.91 30.87 -3.15
N ILE B 209 -13.93 30.91 -3.98
CA ILE B 209 -13.73 30.74 -5.41
C ILE B 209 -12.91 31.87 -6.02
N ARG B 210 -13.13 33.09 -5.57
CA ARG B 210 -12.35 34.25 -6.06
C ARG B 210 -10.89 34.15 -5.65
N ARG B 211 -10.63 33.82 -4.39
CA ARG B 211 -9.23 33.71 -3.93
C ARG B 211 -8.47 32.62 -4.69
N ALA B 212 -9.16 31.50 -4.93
CA ALA B 212 -8.54 30.37 -5.60
C ALA B 212 -8.28 30.63 -7.08
N THR B 213 -9.24 31.26 -7.76
CA THR B 213 -9.25 31.29 -9.25
C THR B 213 -9.29 32.69 -9.86
N ASP B 214 -9.70 33.71 -9.11
CA ASP B 214 -9.91 35.07 -9.64
C ASP B 214 -10.81 35.12 -10.92
N VAL B 215 -11.75 34.17 -11.05
CA VAL B 215 -12.65 34.14 -12.17
C VAL B 215 -13.73 35.23 -12.07
N MET B 216 -14.04 35.83 -13.22
CA MET B 216 -15.20 36.73 -13.35
C MET B 216 -16.47 35.92 -13.13
N MET B 217 -17.33 36.41 -12.25
CA MET B 217 -18.58 35.76 -11.91
C MET B 217 -19.69 36.13 -12.89
N ALA B 218 -19.76 37.41 -13.23
CA ALA B 218 -20.75 37.89 -14.18
C ALA B 218 -20.49 37.27 -15.56
N GLY B 219 -21.54 36.73 -16.16
CA GLY B 219 -21.42 36.04 -17.44
C GLY B 219 -21.32 34.53 -17.25
N LYS B 220 -21.00 34.04 -16.05
CA LYS B 220 -20.89 32.60 -15.82
C LYS B 220 -22.18 31.99 -15.35
N VAL B 221 -22.26 30.68 -15.56
CA VAL B 221 -23.32 29.82 -15.08
C VAL B 221 -22.73 28.87 -14.04
N ALA B 222 -23.42 28.73 -12.90
CA ALA B 222 -22.95 27.86 -11.86
C ALA B 222 -24.04 26.88 -11.49
N VAL B 223 -23.63 25.65 -11.16
CA VAL B 223 -24.53 24.66 -10.66
C VAL B 223 -24.26 24.44 -9.19
N VAL B 224 -25.31 24.52 -8.38
CA VAL B 224 -25.27 24.23 -6.97
C VAL B 224 -26.12 22.98 -6.74
N ALA B 225 -25.49 21.89 -6.28
CA ALA B 225 -26.23 20.71 -5.94
C ALA B 225 -26.72 20.77 -4.50
N GLY B 226 -28.04 20.72 -4.31
CA GLY B 226 -28.63 20.83 -3.00
C GLY B 226 -29.18 22.22 -2.73
N TYR B 227 -30.31 22.25 -2.05
CA TYR B 227 -31.00 23.49 -1.69
C TYR B 227 -31.57 23.43 -0.29
N GLY B 228 -30.79 22.82 0.62
CA GLY B 228 -30.98 23.00 2.05
C GLY B 228 -30.41 24.37 2.42
N ASP B 229 -30.10 24.56 3.67
CA ASP B 229 -29.54 25.83 4.14
C ASP B 229 -28.21 26.20 3.50
N VAL B 230 -27.32 25.23 3.35
CA VAL B 230 -26.02 25.49 2.70
C VAL B 230 -26.19 25.83 1.22
N GLY B 231 -26.99 25.03 0.52
CA GLY B 231 -27.29 25.30 -0.88
C GLY B 231 -28.00 26.63 -1.13
N LYS B 232 -28.95 26.97 -0.26
CA LYS B 232 -29.63 28.29 -0.35
C LYS B 232 -28.61 29.42 -0.28
N GLY B 233 -27.72 29.34 0.69
CA GLY B 233 -26.68 30.36 0.88
C GLY B 233 -25.67 30.37 -0.22
N SER B 234 -25.34 29.19 -0.74
CA SER B 234 -24.39 29.07 -1.88
C SER B 234 -24.93 29.69 -3.16
N ALA B 235 -26.18 29.36 -3.46
CA ALA B 235 -26.85 29.99 -4.61
C ALA B 235 -26.89 31.51 -4.45
N ALA B 236 -27.23 31.97 -3.26
CA ALA B 236 -27.28 33.41 -3.00
C ALA B 236 -25.90 34.05 -3.12
N SER B 237 -24.84 33.36 -2.70
CA SER B 237 -23.48 33.88 -2.83
C SER B 237 -23.19 34.16 -4.31
N LEU B 238 -23.44 33.17 -5.14
CA LEU B 238 -23.18 33.24 -6.57
C LEU B 238 -24.03 34.28 -7.28
N ARG B 239 -25.32 34.27 -7.02
CA ARG B 239 -26.23 35.24 -7.64
C ARG B 239 -25.83 36.68 -7.23
N GLY B 240 -25.55 36.90 -5.96
CA GLY B 240 -25.15 38.20 -5.51
C GLY B 240 -23.89 38.73 -6.21
N ALA B 241 -23.00 37.82 -6.58
CA ALA B 241 -21.79 38.15 -7.33
C ALA B 241 -22.03 38.25 -8.83
N GLY B 242 -23.22 37.90 -9.33
CA GLY B 242 -23.55 38.07 -10.74
C GLY B 242 -23.58 36.78 -11.58
N ALA B 243 -23.24 35.63 -10.99
CA ALA B 243 -23.38 34.34 -11.66
C ALA B 243 -24.88 33.96 -11.76
N ARG B 244 -25.21 33.21 -12.80
CA ARG B 244 -26.52 32.64 -13.02
C ARG B 244 -26.45 31.22 -12.49
N VAL B 245 -27.39 30.82 -11.68
CA VAL B 245 -27.30 29.59 -10.90
C VAL B 245 -28.40 28.62 -11.30
N ILE B 246 -27.98 27.37 -11.51
CA ILE B 246 -28.90 26.25 -11.75
C ILE B 246 -28.79 25.37 -10.53
N VAL B 247 -29.91 24.98 -9.97
CA VAL B 247 -29.93 24.18 -8.76
C VAL B 247 -30.30 22.70 -9.10
N THR B 248 -29.71 21.74 -8.38
CA THR B 248 -30.18 20.35 -8.40
C THR B 248 -30.73 19.98 -7.06
N GLU B 249 -31.70 19.09 -7.02
CA GLU B 249 -32.29 18.62 -5.79
C GLU B 249 -32.97 17.25 -5.99
N ILE B 250 -33.18 16.59 -4.87
CA ILE B 250 -33.99 15.39 -4.76
C ILE B 250 -35.30 15.62 -4.01
N ASP B 251 -35.37 16.74 -3.25
CA ASP B 251 -36.50 17.00 -2.36
C ASP B 251 -37.43 17.97 -3.09
N PRO B 252 -38.67 17.56 -3.40
CA PRO B 252 -39.57 18.42 -4.15
C PRO B 252 -39.89 19.74 -3.48
N ILE B 253 -39.95 19.77 -2.16
CA ILE B 253 -40.20 21.04 -1.48
C ILE B 253 -39.02 21.98 -1.64
N CYS B 254 -37.81 21.51 -1.37
CA CYS B 254 -36.62 22.35 -1.53
C CYS B 254 -36.46 22.77 -3.00
N ALA B 255 -36.76 21.87 -3.95
CA ALA B 255 -36.73 22.24 -5.36
C ALA B 255 -37.72 23.37 -5.69
N LEU B 256 -38.94 23.27 -5.14
CA LEU B 256 -39.96 24.28 -5.40
C LEU B 256 -39.53 25.61 -4.77
N GLN B 257 -38.87 25.56 -3.62
CA GLN B 257 -38.28 26.79 -3.05
C GLN B 257 -37.32 27.42 -4.02
N ALA B 258 -36.41 26.63 -4.55
CA ALA B 258 -35.39 27.18 -5.48
C ALA B 258 -36.06 27.83 -6.69
N ALA B 259 -37.07 27.16 -7.22
CA ALA B 259 -37.78 27.67 -8.37
C ALA B 259 -38.47 29.01 -8.00
N MET B 260 -39.12 29.06 -6.86
CA MET B 260 -39.76 30.27 -6.42
C MET B 260 -38.74 31.40 -6.15
N ASP B 261 -37.52 31.04 -5.70
CA ASP B 261 -36.46 32.02 -5.52
C ASP B 261 -35.80 32.45 -6.82
N GLY B 262 -36.27 31.94 -7.96
CA GLY B 262 -35.87 32.42 -9.27
C GLY B 262 -34.84 31.54 -9.98
N TYR B 263 -34.55 30.34 -9.46
CA TYR B 263 -33.51 29.49 -10.04
C TYR B 263 -34.08 28.41 -10.92
N GLU B 264 -33.45 28.19 -12.07
CA GLU B 264 -33.71 26.97 -12.86
C GLU B 264 -33.28 25.73 -12.05
N VAL B 265 -34.06 24.66 -12.14
CA VAL B 265 -33.80 23.44 -11.41
C VAL B 265 -33.83 22.22 -12.35
N LYS B 266 -32.70 21.54 -12.49
CA LYS B 266 -32.51 20.44 -13.44
C LYS B 266 -31.68 19.32 -12.83
N LYS B 267 -31.72 18.16 -13.44
CA LYS B 267 -30.87 17.03 -13.08
C LYS B 267 -29.41 17.36 -13.39
N MET B 268 -28.52 16.84 -12.56
CA MET B 268 -27.10 17.09 -12.72
C MET B 268 -26.58 16.71 -14.10
N ALA B 269 -27.05 15.59 -14.64
CA ALA B 269 -26.61 15.10 -15.96
C ALA B 269 -26.82 16.19 -17.02
N ASP B 270 -27.89 16.94 -16.90
CA ASP B 270 -28.18 18.05 -17.80
C ASP B 270 -27.46 19.32 -17.35
N ALA B 271 -27.60 19.66 -16.09
CA ALA B 271 -27.03 20.91 -15.58
C ALA B 271 -25.53 21.03 -15.79
N VAL B 272 -24.81 19.95 -15.57
CA VAL B 272 -23.34 20.00 -15.56
C VAL B 272 -22.75 20.37 -16.90
N LYS B 273 -23.47 20.04 -17.99
CA LYS B 273 -23.01 20.39 -19.32
C LYS B 273 -22.93 21.91 -19.54
N ARG B 274 -23.74 22.66 -18.81
CA ARG B 274 -23.82 24.13 -18.94
C ARG B 274 -22.95 24.90 -17.94
N ALA B 275 -22.28 24.18 -17.02
CA ALA B 275 -21.67 24.81 -15.86
C ALA B 275 -20.24 25.33 -16.10
N ASP B 276 -20.02 26.60 -15.77
CA ASP B 276 -18.67 27.14 -15.65
C ASP B 276 -18.12 26.81 -14.26
N ILE B 277 -19.01 26.66 -13.28
CA ILE B 277 -18.66 26.48 -11.87
C ILE B 277 -19.64 25.42 -11.34
N VAL B 278 -19.12 24.48 -10.54
CA VAL B 278 -19.94 23.44 -9.93
C VAL B 278 -19.66 23.41 -8.41
N VAL B 279 -20.74 23.45 -7.62
CA VAL B 279 -20.63 23.46 -6.17
C VAL B 279 -21.52 22.38 -5.59
N THR B 280 -20.95 21.47 -4.82
CA THR B 280 -21.75 20.45 -4.16
C THR B 280 -22.09 20.87 -2.73
N ALA B 281 -23.36 20.77 -2.36
CA ALA B 281 -23.84 21.26 -1.06
C ALA B 281 -24.89 20.35 -0.43
N THR B 282 -24.71 19.03 -0.55
CA THR B 282 -25.75 18.07 -0.19
C THR B 282 -25.59 17.34 1.14
N GLY B 283 -24.36 17.16 1.59
CA GLY B 283 -24.09 16.25 2.69
C GLY B 283 -24.24 14.78 2.30
N ASN B 284 -24.36 14.50 1.00
CA ASN B 284 -24.58 13.14 0.47
C ASN B 284 -23.32 12.76 -0.30
N LYS B 285 -23.26 11.54 -0.84
CA LYS B 285 -22.11 11.08 -1.63
C LYS B 285 -22.44 10.95 -3.12
N ASN B 286 -21.39 10.99 -3.93
CA ASN B 286 -21.49 10.67 -5.36
C ASN B 286 -22.41 11.61 -6.10
N ILE B 287 -22.27 12.92 -5.82
CA ILE B 287 -23.01 13.95 -6.52
C ILE B 287 -22.40 14.21 -7.89
N ILE B 288 -21.06 14.21 -7.95
CA ILE B 288 -20.30 14.37 -9.18
C ILE B 288 -19.43 13.12 -9.36
N THR B 289 -19.67 12.40 -10.47
CA THR B 289 -19.07 11.10 -10.77
C THR B 289 -18.34 11.26 -12.10
N GLY B 290 -17.76 10.13 -12.56
CA GLY B 290 -17.03 10.09 -13.83
C GLY B 290 -17.82 10.54 -15.04
N GLU B 291 -19.08 10.11 -15.13
CA GLU B 291 -19.95 10.55 -16.23
C GLU B 291 -20.11 12.07 -16.22
N HIS B 292 -20.18 12.67 -15.03
CA HIS B 292 -20.29 14.13 -14.95
C HIS B 292 -19.00 14.80 -15.42
N PHE B 293 -17.86 14.30 -14.91
CA PHE B 293 -16.55 14.85 -15.29
C PHE B 293 -16.33 14.83 -16.81
N LYS B 294 -16.68 13.74 -17.46
CA LYS B 294 -16.49 13.60 -18.92
C LYS B 294 -17.36 14.55 -19.73
N ALA B 295 -18.49 14.97 -19.14
CA ALA B 295 -19.43 15.88 -19.78
C ALA B 295 -19.14 17.38 -19.57
N MET B 296 -18.06 17.72 -18.87
CA MET B 296 -17.86 19.11 -18.44
C MET B 296 -17.17 19.96 -19.51
N ARG B 297 -17.43 21.26 -19.46
CA ARG B 297 -16.74 22.28 -20.23
C ARG B 297 -15.31 22.44 -19.76
N ASP B 298 -14.47 22.89 -20.69
CA ASP B 298 -13.06 23.15 -20.41
C ASP B 298 -12.87 24.23 -19.32
N LYS B 299 -12.01 23.93 -18.35
CA LYS B 299 -11.69 24.81 -17.22
C LYS B 299 -12.86 25.15 -16.30
N VAL B 300 -13.85 24.27 -16.28
CA VAL B 300 -14.83 24.27 -15.22
C VAL B 300 -14.14 24.25 -13.86
N ILE B 301 -14.71 25.00 -12.91
CA ILE B 301 -14.20 25.06 -11.54
C ILE B 301 -15.15 24.23 -10.69
N VAL B 302 -14.64 23.15 -10.08
CA VAL B 302 -15.44 22.22 -9.32
C VAL B 302 -14.98 22.23 -7.84
N CYS B 303 -15.96 22.35 -6.95
CA CYS B 303 -15.69 22.40 -5.53
C CYS B 303 -16.86 21.91 -4.72
N ASN B 304 -16.60 21.71 -3.43
CA ASN B 304 -17.55 21.17 -2.50
C ASN B 304 -17.62 22.04 -1.24
N ILE B 305 -18.85 22.37 -0.80
CA ILE B 305 -19.05 23.10 0.45
C ILE B 305 -19.83 22.31 1.52
N GLY B 306 -20.12 21.02 1.24
CA GLY B 306 -20.66 20.10 2.23
C GLY B 306 -19.53 19.57 3.08
N HIS B 307 -19.82 19.00 4.23
CA HIS B 307 -18.77 18.70 5.23
C HIS B 307 -17.61 17.73 4.79
N PHE B 308 -17.92 16.69 3.99
CA PHE B 308 -16.88 15.71 3.59
C PHE B 308 -16.65 15.72 2.09
N ASP B 309 -15.47 15.22 1.68
CA ASP B 309 -15.04 15.11 0.24
C ASP B 309 -15.55 13.89 -0.57
N ASN B 310 -16.51 13.16 -0.04
CA ASN B 310 -17.34 12.24 -0.79
C ASN B 310 -18.30 12.74 -1.86
N GLU B 311 -18.64 14.02 -1.80
CA GLU B 311 -19.68 14.57 -2.69
C GLU B 311 -19.18 14.49 -4.13
N ILE B 312 -17.90 14.76 -4.30
CA ILE B 312 -17.21 14.68 -5.57
C ILE B 312 -16.41 13.37 -5.54
N ASP B 313 -16.44 12.63 -6.63
CA ASP B 313 -15.71 11.37 -6.72
C ASP B 313 -14.25 11.61 -7.06
N MET B 314 -13.52 12.14 -6.06
CA MET B 314 -12.09 12.41 -6.18
C MET B 314 -11.26 11.13 -6.37
N ALA B 315 -11.64 10.05 -5.68
CA ALA B 315 -10.97 8.75 -5.90
C ALA B 315 -10.99 8.36 -7.39
N TRP B 316 -12.14 8.47 -8.05
CA TRP B 316 -12.22 8.21 -9.49
C TRP B 316 -11.35 9.16 -10.30
N LEU B 317 -11.41 10.46 -9.98
CA LEU B 317 -10.67 11.47 -10.72
C LEU B 317 -9.14 11.23 -10.61
N ASN B 318 -8.68 10.97 -9.40
CA ASN B 318 -7.27 10.67 -9.16
C ASN B 318 -6.82 9.35 -9.80
N LYS B 319 -7.60 8.28 -9.66
CA LYS B 319 -7.23 7.03 -10.26
C LYS B 319 -7.15 7.11 -11.79
N THR B 320 -8.13 7.75 -12.42
CA THR B 320 -8.29 7.77 -13.85
C THR B 320 -7.43 8.81 -14.57
N TYR B 321 -7.32 10.03 -13.99
CA TYR B 321 -6.59 11.14 -14.64
C TYR B 321 -5.53 11.81 -13.75
N GLY B 322 -5.18 11.17 -12.64
CA GLY B 322 -4.18 11.67 -11.70
C GLY B 322 -2.82 11.92 -12.28
N SER B 323 -2.40 11.09 -13.22
CA SER B 323 -1.14 11.28 -13.93
C SER B 323 -1.04 12.65 -14.66
N THR B 324 -2.17 13.26 -15.02
CA THR B 324 -2.18 14.58 -15.69
C THR B 324 -2.22 15.77 -14.72
N LYS B 325 -2.35 15.51 -13.43
CA LYS B 325 -2.60 16.55 -12.43
C LYS B 325 -1.48 17.56 -12.35
N VAL B 326 -1.84 18.83 -12.32
CA VAL B 326 -0.91 19.95 -12.20
C VAL B 326 -1.46 20.87 -11.13
N THR B 327 -0.63 21.17 -10.14
CA THR B 327 -0.99 22.12 -9.09
C THR B 327 -0.60 23.54 -9.54
N VAL B 328 -1.60 24.43 -9.61
CA VAL B 328 -1.40 25.83 -9.96
C VAL B 328 -0.77 26.51 -8.76
N LYS B 329 -1.42 26.33 -7.61
CA LYS B 329 -0.93 26.78 -6.33
C LYS B 329 -1.66 25.94 -5.30
N PRO B 330 -1.26 26.02 -4.01
CA PRO B 330 -1.89 25.13 -3.05
C PRO B 330 -3.44 25.17 -3.07
N GLN B 331 -4.04 23.96 -3.13
CA GLN B 331 -5.50 23.76 -3.17
C GLN B 331 -6.17 24.22 -4.47
N VAL B 332 -5.42 24.42 -5.55
CA VAL B 332 -5.99 24.62 -6.88
C VAL B 332 -5.25 23.69 -7.85
N ASP B 333 -5.91 22.58 -8.21
CA ASP B 333 -5.36 21.52 -9.01
C ASP B 333 -6.13 21.43 -10.33
N ILE B 334 -5.41 21.20 -11.44
CA ILE B 334 -6.01 21.04 -12.76
C ILE B 334 -5.78 19.60 -13.24
N TYR B 335 -6.86 18.94 -13.67
CA TYR B 335 -6.83 17.61 -14.26
C TYR B 335 -7.26 17.70 -15.72
N ASN B 336 -6.59 16.93 -16.59
CA ASN B 336 -6.95 16.84 -17.98
C ASN B 336 -7.84 15.60 -18.14
N VAL B 337 -9.15 15.81 -18.23
CA VAL B 337 -10.10 14.75 -18.40
C VAL B 337 -10.44 14.67 -19.89
N ASP B 338 -9.76 13.80 -20.62
CA ASP B 338 -10.01 13.52 -22.05
C ASP B 338 -9.93 14.79 -22.91
N GLY B 339 -8.93 15.64 -22.65
CA GLY B 339 -8.70 16.85 -23.45
C GLY B 339 -9.42 18.10 -23.03
N HIS B 340 -10.21 18.04 -21.96
CA HIS B 340 -10.80 19.24 -21.38
C HIS B 340 -10.43 19.31 -19.88
N ASP B 341 -9.99 20.49 -19.43
CA ASP B 341 -9.47 20.67 -18.07
C ASP B 341 -10.57 20.76 -17.02
N VAL B 342 -10.32 20.15 -15.87
CA VAL B 342 -11.18 20.26 -14.70
C VAL B 342 -10.33 20.86 -13.58
N ILE B 343 -10.79 21.98 -13.03
CA ILE B 343 -10.09 22.65 -11.95
C ILE B 343 -10.77 22.22 -10.65
N ILE B 344 -10.00 21.61 -9.76
CA ILE B 344 -10.52 21.15 -8.47
C ILE B 344 -9.96 22.05 -7.37
N LEU B 345 -10.85 22.51 -6.50
CA LEU B 345 -10.46 23.33 -5.34
C LEU B 345 -10.42 22.50 -4.08
N ALA B 346 -9.33 22.69 -3.34
CA ALA B 346 -9.09 22.04 -2.04
C ALA B 346 -9.29 20.54 -2.06
N GLU B 347 -8.91 19.91 -3.16
CA GLU B 347 -9.10 18.45 -3.33
C GLU B 347 -10.53 17.99 -3.02
N GLY B 348 -11.51 18.82 -3.33
CA GLY B 348 -12.89 18.50 -3.02
C GLY B 348 -13.34 18.58 -1.57
N ARG B 349 -12.51 19.16 -0.69
N ARG B 349 -12.52 19.17 -0.68
CA ARG B 349 -12.88 19.36 0.70
CA ARG B 349 -12.88 19.36 0.70
C ARG B 349 -13.45 20.79 0.90
C ARG B 349 -13.44 20.79 0.90
N LEU B 350 -14.08 21.03 2.04
CA LEU B 350 -14.80 22.28 2.29
C LEU B 350 -14.09 23.48 1.68
N VAL B 351 -14.68 24.01 0.61
CA VAL B 351 -14.01 25.03 -0.17
C VAL B 351 -13.90 26.41 0.53
N ASN B 352 -14.93 26.78 1.30
CA ASN B 352 -14.95 28.08 1.96
C ASN B 352 -13.78 28.19 2.98
N LEU B 353 -13.57 27.13 3.73
CA LEU B 353 -12.48 27.05 4.70
C LEU B 353 -11.12 26.68 4.08
N GLY B 354 -11.15 25.89 3.02
CA GLY B 354 -9.93 25.41 2.35
C GLY B 354 -9.24 26.40 1.47
N CYS B 355 -10.00 27.23 0.75
CA CYS B 355 -9.48 28.25 -0.17
C CYS B 355 -9.65 29.71 0.27
N ALA B 356 -10.40 29.96 1.36
CA ALA B 356 -10.44 31.28 1.99
C ALA B 356 -10.42 31.10 3.49
N THR B 357 -11.27 31.79 4.27
CA THR B 357 -11.16 31.75 5.72
C THR B 357 -12.45 31.29 6.38
N GLY B 358 -13.32 30.63 5.60
CA GLY B 358 -14.65 30.28 6.12
C GLY B 358 -15.53 31.47 6.48
N HIS B 359 -16.56 31.22 7.29
CA HIS B 359 -17.57 32.20 7.60
C HIS B 359 -16.96 33.34 8.37
N PRO B 360 -17.50 34.57 8.24
CA PRO B 360 -16.97 35.67 9.05
C PRO B 360 -17.33 35.60 10.53
N SER B 361 -16.59 36.34 11.34
CA SER B 361 -16.71 36.29 12.79
C SER B 361 -18.13 36.56 13.29
N PHE B 362 -18.82 37.55 12.74
CA PHE B 362 -20.16 37.90 13.22
C PHE B 362 -21.14 36.73 13.27
N VAL B 363 -21.23 35.96 12.18
CA VAL B 363 -22.14 34.78 12.18
C VAL B 363 -21.60 33.64 13.05
N MET B 364 -20.29 33.41 13.09
CA MET B 364 -19.74 32.38 13.96
C MET B 364 -19.99 32.69 15.45
N SER B 365 -20.12 33.96 15.79
CA SER B 365 -20.44 34.33 17.17
C SER B 365 -21.76 33.70 17.63
N SER B 366 -22.74 33.62 16.72
CA SER B 366 -24.01 32.94 17.05
C SER B 366 -23.81 31.45 17.26
N SER B 367 -23.14 30.80 16.33
CA SER B 367 -22.89 29.34 16.41
C SER B 367 -22.11 28.99 17.67
N PHE B 368 -21.07 29.79 17.95
CA PHE B 368 -20.18 29.52 19.06
C PHE B 368 -20.78 29.94 20.41
N SER B 369 -21.65 30.95 20.41
CA SER B 369 -22.46 31.25 21.60
C SER B 369 -23.32 30.03 21.93
N ASN B 370 -23.93 29.41 20.92
CA ASN B 370 -24.68 28.18 21.19
C ASN B 370 -23.78 27.06 21.76
N GLN B 371 -22.56 26.92 21.22
CA GLN B 371 -21.60 25.92 21.72
C GLN B 371 -21.30 26.09 23.21
N VAL B 372 -21.03 27.33 23.62
CA VAL B 372 -20.63 27.58 25.01
C VAL B 372 -21.79 27.24 25.92
N ILE B 373 -22.99 27.68 25.54
CA ILE B 373 -24.22 27.41 26.29
C ILE B 373 -24.42 25.89 26.44
N ALA B 374 -24.19 25.15 25.36
CA ALA B 374 -24.32 23.68 25.43
C ALA B 374 -23.29 23.03 26.34
N GLN B 375 -22.05 23.52 26.30
CA GLN B 375 -20.98 22.99 27.17
C GLN B 375 -21.28 23.28 28.62
N LEU B 376 -21.70 24.49 28.91
CA LEU B 376 -22.17 24.86 30.27
C LEU B 376 -23.26 23.92 30.77
N GLU B 377 -24.23 23.66 29.90
CA GLU B 377 -25.42 22.88 30.25
C GLU B 377 -25.06 21.43 30.54
N LEU B 378 -24.26 20.80 29.68
CA LEU B 378 -23.82 19.44 29.93
C LEU B 378 -22.86 19.36 31.13
N TRP B 379 -21.95 20.31 31.26
CA TRP B 379 -20.98 20.26 32.37
C TRP B 379 -21.70 20.26 33.72
N GLU B 380 -22.63 21.19 33.88
CA GLU B 380 -23.43 21.34 35.11
C GLU B 380 -24.50 20.27 35.29
N ASN B 381 -25.21 19.92 34.21
CA ASN B 381 -26.44 19.12 34.30
C ASN B 381 -26.48 17.78 33.53
N SER B 382 -25.32 17.25 33.12
CA SER B 382 -25.28 16.00 32.30
C SER B 382 -26.09 14.85 32.89
N SER B 383 -26.14 14.74 34.22
CA SER B 383 -26.87 13.64 34.86
C SER B 383 -28.39 13.65 34.54
N LYS B 384 -28.97 14.83 34.29
CA LYS B 384 -30.39 14.93 33.96
C LYS B 384 -30.70 14.55 32.49
N TYR B 385 -29.69 14.13 31.71
CA TYR B 385 -29.85 13.79 30.31
C TYR B 385 -29.67 12.29 30.05
N GLU B 386 -30.45 11.76 29.12
CA GLU B 386 -30.26 10.39 28.61
C GLU B 386 -29.20 10.45 27.52
N ASN B 387 -28.71 9.28 27.13
CA ASN B 387 -27.76 9.16 26.02
C ASN B 387 -28.49 9.30 24.66
N LYS B 388 -28.88 10.53 24.36
CA LYS B 388 -29.74 10.86 23.22
C LYS B 388 -29.35 12.24 22.72
N VAL B 389 -29.81 12.60 21.54
CA VAL B 389 -29.49 13.90 20.96
C VAL B 389 -30.57 14.90 21.38
N TYR B 390 -30.16 16.05 21.90
CA TYR B 390 -31.08 17.10 22.38
C TYR B 390 -30.82 18.35 21.63
N THR B 391 -31.79 19.26 21.64
CA THR B 391 -31.57 20.63 21.17
C THR B 391 -31.79 21.62 22.33
N LEU B 392 -31.32 22.83 22.17
CA LEU B 392 -31.45 23.86 23.19
C LEU B 392 -32.87 24.45 23.21
N PRO B 393 -33.36 24.85 24.40
CA PRO B 393 -34.68 25.50 24.43
C PRO B 393 -34.71 26.80 23.63
N LYS B 394 -35.88 27.15 23.12
CA LYS B 394 -36.04 28.37 22.33
C LYS B 394 -35.64 29.66 23.07
N SER B 395 -35.87 29.69 24.39
CA SER B 395 -35.50 30.88 25.19
C SER B 395 -34.01 31.20 25.06
N LEU B 396 -33.16 30.15 25.02
CA LEU B 396 -31.70 30.34 24.81
C LEU B 396 -31.36 30.71 23.37
N ASP B 397 -32.06 30.11 22.42
CA ASP B 397 -31.94 30.44 21.00
C ASP B 397 -32.27 31.91 20.74
N GLU B 398 -33.34 32.42 21.39
CA GLU B 398 -33.69 33.83 21.33
C GLU B 398 -32.66 34.73 21.98
N LYS B 399 -32.17 34.33 23.15
CA LYS B 399 -31.10 35.08 23.85
C LYS B 399 -29.88 35.26 22.96
N VAL B 400 -29.46 34.20 22.29
CA VAL B 400 -28.29 34.28 21.38
C VAL B 400 -28.52 35.39 20.34
N ALA B 401 -29.69 35.40 19.69
CA ALA B 401 -30.02 36.42 18.72
C ALA B 401 -29.98 37.83 19.31
N ARG B 402 -30.59 37.97 20.46
CA ARG B 402 -30.66 39.24 21.19
C ARG B 402 -29.25 39.85 21.37
N LEU B 403 -28.28 39.00 21.69
CA LEU B 403 -26.92 39.49 21.94
C LEU B 403 -26.22 40.09 20.72
N HIS B 404 -26.72 39.82 19.51
CA HIS B 404 -26.10 40.33 18.29
C HIS B 404 -26.78 41.54 17.67
N LEU B 405 -27.85 42.04 18.30
CA LEU B 405 -28.66 43.09 17.67
C LEU B 405 -27.99 44.45 17.76
N SER B 406 -27.34 44.72 18.90
CA SER B 406 -26.86 46.07 19.17
C SER B 406 -25.71 46.49 18.24
N LYS B 407 -24.77 45.59 18.01
CA LYS B 407 -23.66 45.82 17.08
C LYS B 407 -24.10 46.33 15.69
N ILE B 408 -25.24 45.86 15.21
CA ILE B 408 -25.75 46.22 13.85
C ILE B 408 -26.98 47.14 13.92
N ASP B 409 -27.21 47.73 15.09
CA ASP B 409 -28.25 48.74 15.30
C ASP B 409 -29.66 48.27 14.96
N VAL B 410 -29.95 47.03 15.30
CA VAL B 410 -31.30 46.50 15.25
C VAL B 410 -31.97 46.79 16.60
N GLU B 411 -33.10 47.49 16.57
N GLU B 411 -33.11 47.47 16.56
CA GLU B 411 -33.88 47.80 17.76
CA GLU B 411 -33.88 47.80 17.75
C GLU B 411 -35.26 47.19 17.67
C GLU B 411 -35.26 47.18 17.66
N LEU B 412 -35.67 46.49 18.72
CA LEU B 412 -36.97 45.80 18.76
C LEU B 412 -38.05 46.63 19.33
N ASP B 413 -39.24 46.56 18.78
CA ASP B 413 -40.43 46.95 19.52
C ASP B 413 -40.71 46.00 20.67
N ILE B 414 -41.47 46.46 21.64
CA ILE B 414 -41.78 45.69 22.83
C ILE B 414 -43.29 45.56 22.88
N LEU B 415 -43.78 44.33 23.04
CA LEU B 415 -45.19 44.10 23.17
C LEU B 415 -45.68 44.71 24.49
N SER B 416 -46.84 45.34 24.49
CA SER B 416 -47.61 45.55 25.74
C SER B 416 -48.18 44.22 26.23
N ALA B 417 -48.61 44.20 27.47
CA ALA B 417 -49.26 43.02 28.07
C ALA B 417 -50.50 42.66 27.23
N ASP B 418 -51.29 43.65 26.85
CA ASP B 418 -52.45 43.45 25.96
C ASP B 418 -52.07 42.77 24.61
N GLN B 419 -51.05 43.30 23.95
CA GLN B 419 -50.58 42.70 22.68
C GLN B 419 -50.08 41.26 22.87
N ALA B 420 -49.31 41.04 23.92
CA ALA B 420 -48.74 39.75 24.28
C ALA B 420 -49.85 38.73 24.53
N ALA B 421 -50.85 39.08 25.34
CA ALA B 421 -52.00 38.23 25.56
C ALA B 421 -52.71 37.89 24.24
N TYR B 422 -52.91 38.91 23.40
CA TYR B 422 -53.60 38.74 22.13
C TYR B 422 -53.01 37.69 21.21
N ILE B 423 -51.68 37.66 21.10
CA ILE B 423 -50.99 36.66 20.26
C ILE B 423 -50.53 35.41 21.04
N GLY B 424 -50.86 35.32 22.33
CA GLY B 424 -50.60 34.15 23.14
C GLY B 424 -49.19 33.98 23.62
N VAL B 425 -48.48 35.06 23.89
CA VAL B 425 -47.07 34.98 24.32
C VAL B 425 -46.84 35.88 25.54
N THR B 426 -45.74 35.69 26.23
CA THR B 426 -45.30 36.59 27.29
C THR B 426 -44.46 37.67 26.64
N VAL B 427 -44.33 38.80 27.32
CA VAL B 427 -43.62 39.97 26.83
C VAL B 427 -42.15 39.70 26.56
N ASP B 428 -41.50 38.90 27.40
CA ASP B 428 -40.07 38.61 27.22
C ASP B 428 -39.83 37.30 26.45
N GLY B 429 -40.88 36.72 25.86
CA GLY B 429 -40.73 35.56 25.00
C GLY B 429 -40.69 34.31 25.86
N PRO B 430 -40.59 33.12 25.26
CA PRO B 430 -40.46 32.91 23.80
C PRO B 430 -41.64 33.36 22.95
N TYR B 431 -41.34 33.80 21.73
CA TYR B 431 -42.34 34.44 20.88
C TYR B 431 -42.97 33.52 19.84
N LYS B 432 -42.42 32.33 19.66
CA LYS B 432 -42.92 31.36 18.69
C LYS B 432 -43.02 30.02 19.37
N ASN B 433 -43.98 29.21 18.93
CA ASN B 433 -44.09 27.86 19.45
C ASN B 433 -42.98 26.97 18.85
N ASP B 434 -42.79 25.79 19.43
CA ASP B 434 -41.62 24.97 19.08
C ASP B 434 -41.59 24.42 17.65
N GLU B 435 -42.72 24.39 16.96
CA GLU B 435 -42.81 23.90 15.59
C GLU B 435 -42.56 25.02 14.55
N TYR B 436 -42.43 26.26 15.00
CA TYR B 436 -42.21 27.38 14.08
C TYR B 436 -40.90 27.23 13.31
N ARG B 437 -40.97 27.50 12.01
CA ARG B 437 -39.89 27.20 11.08
C ARG B 437 -39.07 28.41 10.64
N TYR B 438 -39.54 29.63 10.89
CA TYR B 438 -38.81 30.86 10.60
C TYR B 438 -38.49 30.98 9.07
N VAL C 9 -8.24 -27.28 -13.37
CA VAL C 9 -7.62 -26.46 -14.40
C VAL C 9 -6.57 -27.33 -15.06
N LYS C 10 -6.74 -27.62 -16.33
CA LYS C 10 -5.83 -28.52 -17.05
C LYS C 10 -4.40 -27.98 -17.12
N HIS C 11 -4.25 -26.68 -17.43
CA HIS C 11 -2.94 -26.02 -17.43
C HIS C 11 -3.15 -24.53 -17.24
N LYS C 12 -2.11 -23.81 -16.85
CA LYS C 12 -2.16 -22.34 -16.85
C LYS C 12 -0.82 -21.77 -17.28
N VAL C 13 -0.83 -21.09 -18.43
CA VAL C 13 0.37 -20.51 -19.02
C VAL C 13 0.03 -19.13 -19.59
N LYS C 14 1.05 -18.32 -19.80
CA LYS C 14 0.85 -16.94 -20.21
C LYS C 14 0.19 -16.87 -21.56
N ASP C 15 0.69 -17.64 -22.53
CA ASP C 15 0.27 -17.50 -23.91
C ASP C 15 0.58 -18.74 -24.73
N ILE C 16 -0.46 -19.55 -24.94
CA ILE C 16 -0.30 -20.84 -25.63
C ILE C 16 0.07 -20.73 -27.11
N SER C 17 -0.15 -19.56 -27.71
CA SER C 17 0.31 -19.32 -29.08
C SER C 17 1.86 -19.28 -29.24
N LEU C 18 2.59 -19.25 -28.12
CA LEU C 18 4.05 -19.35 -28.17
C LEU C 18 4.55 -20.78 -28.34
N ALA C 19 3.65 -21.76 -28.41
CA ALA C 19 4.05 -23.19 -28.45
C ALA C 19 4.94 -23.57 -29.62
N ALA C 20 4.64 -23.09 -30.82
CA ALA C 20 5.42 -23.44 -32.00
C ALA C 20 6.89 -23.01 -31.84
N TRP C 21 7.09 -21.78 -31.42
CA TRP C 21 8.41 -21.27 -31.11
C TRP C 21 9.08 -22.16 -30.04
N GLY C 22 8.35 -22.45 -28.97
CA GLY C 22 8.88 -23.30 -27.90
C GLY C 22 9.32 -24.67 -28.40
N ARG C 23 8.49 -25.28 -29.24
CA ARG C 23 8.78 -26.60 -29.81
C ARG C 23 10.05 -26.60 -30.67
N LYS C 24 10.25 -25.55 -31.46
CA LYS C 24 11.48 -25.44 -32.26
C LYS C 24 12.71 -25.39 -31.39
N GLU C 25 12.68 -24.59 -30.33
CA GLU C 25 13.80 -24.51 -29.40
C GLU C 25 13.98 -25.79 -28.59
N ILE C 26 12.89 -26.49 -28.27
CA ILE C 26 13.01 -27.77 -27.58
C ILE C 26 13.77 -28.78 -28.46
N GLU C 27 13.47 -28.80 -29.74
CA GLU C 27 14.20 -29.64 -30.71
C GLU C 27 15.67 -29.32 -30.77
N LEU C 28 16.02 -28.03 -30.81
CA LEU C 28 17.42 -27.63 -30.76
C LEU C 28 18.07 -28.06 -29.46
N ALA C 29 17.35 -27.89 -28.36
CA ALA C 29 17.84 -28.31 -27.04
C ALA C 29 18.08 -29.80 -26.97
N GLU C 30 17.17 -30.58 -27.55
CA GLU C 30 17.34 -32.06 -27.58
C GLU C 30 18.72 -32.48 -28.11
N ALA C 31 19.18 -31.82 -29.16
CA ALA C 31 20.50 -32.10 -29.75
C ALA C 31 21.65 -31.70 -28.83
N GLU C 32 21.44 -30.66 -28.01
CA GLU C 32 22.41 -30.26 -27.01
C GLU C 32 22.31 -31.05 -25.71
N MET C 33 21.40 -32.02 -25.59
CA MET C 33 21.22 -32.77 -24.36
C MET C 33 21.31 -34.30 -24.58
N PRO C 34 22.48 -34.79 -25.01
CA PRO C 34 22.64 -36.23 -25.34
C PRO C 34 22.40 -37.17 -24.17
N GLY C 35 22.67 -36.71 -22.95
CA GLY C 35 22.39 -37.47 -21.76
C GLY C 35 20.93 -37.88 -21.68
N LEU C 36 20.05 -36.88 -21.70
CA LEU C 36 18.63 -37.12 -21.57
C LEU C 36 18.13 -37.95 -22.72
N MET C 37 18.61 -37.68 -23.93
CA MET C 37 18.11 -38.37 -25.11
C MET C 37 18.55 -39.83 -25.10
N SER C 38 19.78 -40.07 -24.66
CA SER C 38 20.28 -41.41 -24.51
C SER C 38 19.46 -42.19 -23.45
N ILE C 39 19.12 -41.52 -22.36
CA ILE C 39 18.26 -42.12 -21.34
C ILE C 39 16.87 -42.48 -21.89
N ARG C 40 16.33 -41.64 -22.77
CA ARG C 40 15.06 -41.94 -23.45
C ARG C 40 15.14 -43.21 -24.27
N LYS C 41 16.18 -43.35 -25.10
CA LYS C 41 16.39 -44.58 -25.87
C LYS C 41 16.57 -45.82 -25.00
N GLU C 42 17.45 -45.74 -24.00
CA GLU C 42 17.73 -46.89 -23.13
C GLU C 42 16.48 -47.34 -22.36
N PHE C 43 15.80 -46.43 -21.68
CA PHE C 43 14.71 -46.81 -20.78
C PHE C 43 13.30 -46.66 -21.35
N GLY C 44 13.14 -45.87 -22.41
CA GLY C 44 11.82 -45.59 -23.00
C GLY C 44 10.98 -46.79 -23.38
N PRO C 45 11.54 -47.72 -24.19
CA PRO C 45 10.77 -48.92 -24.62
C PRO C 45 10.18 -49.75 -23.48
N SER C 46 10.86 -49.83 -22.34
CA SER C 46 10.36 -50.62 -21.20
C SER C 46 9.38 -49.88 -20.26
N LYS C 47 9.14 -48.58 -20.50
CA LYS C 47 8.21 -47.77 -19.69
C LYS C 47 8.30 -48.01 -18.15
N PRO C 48 9.52 -47.95 -17.59
CA PRO C 48 9.68 -48.28 -16.17
C PRO C 48 8.94 -47.36 -15.19
N LEU C 49 8.54 -46.16 -15.63
CA LEU C 49 7.73 -45.23 -14.82
C LEU C 49 6.20 -45.28 -15.11
N LYS C 50 5.72 -46.33 -15.78
CA LYS C 50 4.27 -46.58 -15.91
C LYS C 50 3.66 -46.61 -14.50
N GLY C 51 2.59 -45.87 -14.29
CA GLY C 51 1.96 -45.74 -12.98
C GLY C 51 2.50 -44.62 -12.10
N ALA C 52 3.62 -44.02 -12.47
CA ALA C 52 4.18 -42.91 -11.68
C ALA C 52 3.46 -41.61 -12.04
N ARG C 53 3.23 -40.80 -11.02
CA ARG C 53 2.63 -39.50 -11.16
C ARG C 53 3.58 -38.50 -10.50
N VAL C 54 4.45 -37.92 -11.34
CA VAL C 54 5.54 -37.09 -10.87
C VAL C 54 5.13 -35.64 -10.90
N ALA C 55 5.08 -35.02 -9.72
CA ALA C 55 4.93 -33.57 -9.61
C ALA C 55 6.33 -32.95 -9.50
N GLY C 56 6.64 -32.05 -10.44
CA GLY C 56 7.89 -31.32 -10.45
C GLY C 56 7.65 -29.87 -10.05
N CYS C 57 8.56 -29.34 -9.23
CA CYS C 57 8.63 -27.90 -8.99
C CYS C 57 10.07 -27.43 -9.30
N LEU C 58 10.22 -26.82 -10.48
CA LEU C 58 11.55 -26.61 -11.07
C LEU C 58 11.38 -25.68 -12.23
N HIS C 59 12.15 -24.59 -12.24
CA HIS C 59 12.17 -23.58 -13.31
C HIS C 59 11.67 -24.11 -14.65
N MET C 60 10.56 -23.55 -15.14
CA MET C 60 9.91 -24.06 -16.37
C MET C 60 10.56 -23.47 -17.63
N THR C 61 11.76 -23.98 -17.93
CA THR C 61 12.56 -23.58 -19.07
C THR C 61 12.48 -24.56 -20.24
N ILE C 62 13.10 -24.20 -21.35
CA ILE C 62 13.27 -25.09 -22.48
C ILE C 62 13.97 -26.39 -22.06
N GLN C 63 14.92 -26.26 -21.15
CA GLN C 63 15.71 -27.39 -20.69
C GLN C 63 14.83 -28.33 -19.88
N THR C 64 14.01 -27.74 -19.02
CA THR C 64 13.07 -28.49 -18.21
C THR C 64 12.02 -29.18 -19.08
N ALA C 65 11.62 -28.56 -20.18
CA ALA C 65 10.71 -29.21 -21.12
C ALA C 65 11.24 -30.58 -21.60
N VAL C 66 12.55 -30.66 -21.83
CA VAL C 66 13.19 -31.89 -22.28
C VAL C 66 13.18 -32.93 -21.16
N LEU C 67 13.40 -32.48 -19.92
CA LEU C 67 13.27 -33.35 -18.76
C LEU C 67 11.84 -33.91 -18.63
N ILE C 68 10.85 -33.02 -18.69
CA ILE C 68 9.44 -33.39 -18.60
C ILE C 68 9.14 -34.48 -19.62
N GLU C 69 9.49 -34.22 -20.87
CA GLU C 69 9.16 -35.17 -21.96
C GLU C 69 9.97 -36.45 -21.88
N THR C 70 11.15 -36.40 -21.27
CA THR C 70 11.90 -37.61 -20.94
C THR C 70 11.14 -38.48 -19.93
N LEU C 71 10.66 -37.87 -18.86
CA LEU C 71 9.86 -38.61 -17.87
C LEU C 71 8.59 -39.22 -18.51
N ILE C 72 7.92 -38.47 -19.39
CA ILE C 72 6.73 -38.98 -20.09
C ILE C 72 7.08 -40.16 -21.01
N GLU C 73 8.20 -40.08 -21.73
CA GLU C 73 8.66 -41.15 -22.63
C GLU C 73 9.01 -42.43 -21.84
N LEU C 74 9.40 -42.25 -20.58
CA LEU C 74 9.63 -43.37 -19.66
C LEU C 74 8.34 -43.92 -19.02
N GLY C 75 7.19 -43.30 -19.33
CA GLY C 75 5.89 -43.79 -18.93
C GLY C 75 5.22 -43.03 -17.80
N ALA C 76 5.85 -41.98 -17.29
CA ALA C 76 5.26 -41.24 -16.17
C ALA C 76 4.13 -40.31 -16.61
N GLU C 77 3.15 -40.11 -15.73
CA GLU C 77 2.30 -38.93 -15.79
C GLU C 77 3.10 -37.82 -15.09
N VAL C 78 2.96 -36.58 -15.57
CA VAL C 78 3.74 -35.47 -15.04
C VAL C 78 2.90 -34.22 -14.90
N THR C 79 2.97 -33.58 -13.74
CA THR C 79 2.45 -32.24 -13.53
C THR C 79 3.62 -31.34 -13.19
N TRP C 80 3.48 -30.03 -13.42
CA TRP C 80 4.62 -29.14 -13.23
C TRP C 80 4.28 -27.71 -12.87
N SER C 81 5.12 -27.14 -12.00
CA SER C 81 5.19 -25.71 -11.74
C SER C 81 6.64 -25.26 -11.68
N SER C 82 6.82 -23.95 -11.69
CA SER C 82 8.15 -23.36 -11.54
C SER C 82 8.45 -23.14 -10.07
N CYS C 83 9.74 -23.20 -9.72
CA CYS C 83 10.19 -22.93 -8.34
C CYS C 83 10.64 -21.48 -8.16
N ASN C 84 10.45 -20.63 -9.17
CA ASN C 84 10.74 -19.21 -9.07
C ASN C 84 9.75 -18.39 -9.92
N ILE C 85 9.39 -17.20 -9.43
CA ILE C 85 8.40 -16.37 -10.09
C ILE C 85 8.83 -15.74 -11.41
N PHE C 86 10.13 -15.65 -11.65
CA PHE C 86 10.67 -15.03 -12.87
C PHE C 86 11.40 -15.98 -13.80
N SER C 87 11.47 -17.27 -13.45
CA SER C 87 12.33 -18.18 -14.21
C SER C 87 11.65 -18.90 -15.35
N THR C 88 10.33 -18.92 -15.38
CA THR C 88 9.64 -19.61 -16.46
C THR C 88 9.95 -18.93 -17.78
N GLN C 89 10.18 -19.76 -18.80
CA GLN C 89 10.22 -19.33 -20.18
C GLN C 89 8.87 -19.64 -20.80
N ASP C 90 8.11 -18.60 -21.16
CA ASP C 90 6.71 -18.78 -21.54
C ASP C 90 6.50 -19.65 -22.79
N HIS C 91 7.40 -19.53 -23.77
CA HIS C 91 7.37 -20.45 -24.92
C HIS C 91 7.63 -21.93 -24.57
N ALA C 92 8.47 -22.19 -23.58
CA ALA C 92 8.67 -23.56 -23.08
C ALA C 92 7.38 -24.06 -22.42
N ALA C 93 6.81 -23.24 -21.54
CA ALA C 93 5.58 -23.61 -20.86
C ALA C 93 4.45 -23.87 -21.88
N ALA C 94 4.35 -22.99 -22.87
CA ALA C 94 3.34 -23.11 -23.90
C ALA C 94 3.50 -24.40 -24.69
N ALA C 95 4.72 -24.77 -25.04
CA ALA C 95 4.95 -26.00 -25.79
C ALA C 95 4.50 -27.22 -24.99
N ILE C 96 4.84 -27.22 -23.70
CA ILE C 96 4.44 -28.29 -22.80
C ILE C 96 2.92 -28.36 -22.64
N ALA C 97 2.26 -27.22 -22.48
CA ALA C 97 0.80 -27.18 -22.38
C ALA C 97 0.17 -27.67 -23.69
N ALA C 98 0.72 -27.24 -24.83
CA ALA C 98 0.20 -27.67 -26.14
C ALA C 98 0.30 -29.17 -26.35
N ALA C 99 1.29 -29.81 -25.73
CA ALA C 99 1.42 -31.27 -25.74
C ALA C 99 0.42 -32.00 -24.82
N GLY C 100 -0.53 -31.29 -24.21
CA GLY C 100 -1.50 -31.89 -23.31
C GLY C 100 -1.05 -32.04 -21.88
N ILE C 101 0.11 -31.51 -21.51
CA ILE C 101 0.65 -31.71 -20.15
C ILE C 101 0.14 -30.64 -19.17
N SER C 102 -0.13 -31.02 -17.93
CA SER C 102 -0.62 -30.09 -16.91
C SER C 102 0.55 -29.30 -16.30
N VAL C 103 0.78 -28.11 -16.85
CA VAL C 103 1.82 -27.19 -16.39
C VAL C 103 1.15 -25.89 -15.92
N TYR C 104 1.64 -25.34 -14.81
CA TYR C 104 1.10 -24.11 -14.22
C TYR C 104 2.29 -23.21 -13.94
N ALA C 105 2.59 -22.32 -14.89
CA ALA C 105 3.82 -21.55 -14.83
C ALA C 105 3.82 -20.43 -15.83
N TRP C 106 4.22 -19.25 -15.34
CA TRP C 106 4.50 -18.14 -16.24
C TRP C 106 5.49 -17.13 -15.65
N LYS C 107 6.16 -16.39 -16.52
CA LYS C 107 7.14 -15.40 -16.09
C LYS C 107 6.40 -14.20 -15.44
N GLY C 108 6.76 -13.87 -14.21
CA GLY C 108 6.21 -12.70 -13.53
C GLY C 108 4.98 -12.97 -12.69
N MET C 109 4.94 -14.12 -12.03
CA MET C 109 3.89 -14.41 -11.06
C MET C 109 4.08 -13.57 -9.78
N ASN C 110 3.03 -13.47 -8.99
CA ASN C 110 3.15 -13.00 -7.62
C ASN C 110 3.19 -14.23 -6.69
N GLU C 111 3.30 -13.99 -5.38
CA GLU C 111 3.48 -15.06 -4.40
C GLU C 111 2.24 -15.96 -4.26
N GLU C 112 1.05 -15.36 -4.23
CA GLU C 112 -0.22 -16.12 -4.22
C GLU C 112 -0.31 -17.03 -5.45
N GLU C 113 -0.06 -16.47 -6.62
CA GLU C 113 -0.04 -17.26 -7.86
C GLU C 113 0.97 -18.42 -7.81
N PHE C 114 2.16 -18.12 -7.30
CA PHE C 114 3.23 -19.12 -7.14
C PHE C 114 2.77 -20.33 -6.33
N ASP C 115 2.16 -20.04 -5.19
CA ASP C 115 1.66 -21.08 -4.28
C ASP C 115 0.50 -21.89 -4.90
N TRP C 116 -0.45 -21.18 -5.52
CA TRP C 116 -1.56 -21.82 -6.24
C TRP C 116 -1.07 -22.84 -7.30
N CYS C 117 -0.07 -22.43 -8.09
CA CYS C 117 0.49 -23.28 -9.15
C CYS C 117 1.03 -24.59 -8.59
N ILE C 118 1.76 -24.51 -7.48
CA ILE C 118 2.28 -25.71 -6.87
C ILE C 118 1.13 -26.61 -6.42
N GLU C 119 0.12 -26.02 -5.79
CA GLU C 119 -1.05 -26.80 -5.31
C GLU C 119 -1.73 -27.61 -6.41
N GLN C 120 -1.87 -27.02 -7.60
CA GLN C 120 -2.52 -27.73 -8.73
C GLN C 120 -1.80 -29.00 -9.13
N THR C 121 -0.47 -29.02 -8.98
CA THR C 121 0.37 -30.15 -9.38
C THR C 121 0.18 -31.38 -8.52
N LEU C 122 -0.40 -31.22 -7.33
CA LEU C 122 -0.54 -32.34 -6.39
C LEU C 122 -1.55 -33.39 -6.86
N PHE C 123 -2.53 -32.98 -7.69
CA PHE C 123 -3.57 -33.88 -8.20
C PHE C 123 -3.56 -33.92 -9.73
N PHE C 124 -3.74 -35.12 -10.29
CA PHE C 124 -3.55 -35.41 -11.71
C PHE C 124 -4.89 -35.70 -12.38
N GLY C 125 -5.23 -34.89 -13.38
CA GLY C 125 -6.43 -35.14 -14.19
C GLY C 125 -7.69 -34.70 -13.48
N GLU C 126 -8.80 -34.72 -14.22
CA GLU C 126 -10.10 -34.29 -13.69
C GLU C 126 -10.55 -35.16 -12.50
N ASP C 127 -10.13 -36.43 -12.52
CA ASP C 127 -10.42 -37.37 -11.44
C ASP C 127 -9.47 -37.27 -10.24
N ARG C 128 -8.50 -36.34 -10.27
CA ARG C 128 -7.69 -35.96 -9.09
C ARG C 128 -6.90 -37.12 -8.43
N LYS C 129 -6.24 -37.94 -9.24
CA LYS C 129 -5.33 -38.96 -8.70
C LYS C 129 -4.12 -38.23 -8.07
N PRO C 130 -3.85 -38.46 -6.77
CA PRO C 130 -2.73 -37.72 -6.17
C PRO C 130 -1.36 -38.13 -6.67
N LEU C 131 -0.40 -37.22 -6.55
CA LEU C 131 1.00 -37.49 -6.87
C LEU C 131 1.53 -38.67 -6.07
N ASN C 132 2.46 -39.41 -6.64
CA ASN C 132 3.24 -40.44 -5.89
C ASN C 132 4.78 -40.27 -6.00
N MET C 133 5.23 -39.16 -6.58
CA MET C 133 6.66 -38.84 -6.66
C MET C 133 6.82 -37.34 -6.60
N ILE C 134 7.92 -36.91 -6.00
CA ILE C 134 8.25 -35.51 -5.88
C ILE C 134 9.62 -35.28 -6.53
N LEU C 135 9.67 -34.27 -7.40
CA LEU C 135 10.90 -33.83 -8.03
C LEU C 135 10.96 -32.33 -7.75
N ASP C 136 11.91 -31.92 -6.90
CA ASP C 136 11.90 -30.57 -6.33
C ASP C 136 13.22 -29.83 -6.55
N ASP C 137 13.13 -28.51 -6.53
CA ASP C 137 14.27 -27.62 -6.69
C ASP C 137 14.08 -26.43 -5.75
N GLY C 138 14.63 -26.58 -4.55
CA GLY C 138 14.53 -25.58 -3.49
C GLY C 138 13.69 -25.96 -2.29
N GLY C 139 13.00 -27.09 -2.37
CA GLY C 139 12.21 -27.58 -1.25
C GLY C 139 10.80 -27.01 -1.07
N ASP C 140 10.32 -26.12 -1.96
CA ASP C 140 8.98 -25.51 -1.79
C ASP C 140 7.84 -26.49 -2.04
N LEU C 141 7.99 -27.39 -3.02
CA LEU C 141 6.98 -28.45 -3.24
C LEU C 141 6.98 -29.42 -2.09
N THR C 142 8.18 -29.86 -1.70
CA THR C 142 8.36 -30.72 -0.54
C THR C 142 7.68 -30.15 0.70
N ASN C 143 7.94 -28.86 0.99
CA ASN C 143 7.32 -28.15 2.12
C ASN C 143 5.80 -28.13 2.01
N MET C 144 5.28 -27.87 0.80
CA MET C 144 3.83 -27.86 0.68
C MET C 144 3.22 -29.21 1.00
N VAL C 145 3.79 -30.29 0.49
CA VAL C 145 3.24 -31.61 0.76
C VAL C 145 3.41 -31.96 2.25
N LEU C 146 4.62 -31.87 2.78
CA LEU C 146 4.86 -32.32 4.17
C LEU C 146 4.16 -31.46 5.23
N ASP C 147 4.21 -30.13 5.07
CA ASP C 147 3.59 -29.18 6.01
C ASP C 147 2.07 -29.01 5.81
N ARG C 148 1.58 -28.99 4.57
CA ARG C 148 0.15 -28.63 4.28
C ARG C 148 -0.74 -29.74 3.67
N PHE C 149 -0.16 -30.80 3.11
CA PHE C 149 -0.91 -31.95 2.59
C PHE C 149 -0.32 -33.28 3.09
N PRO C 150 -0.12 -33.43 4.43
CA PRO C 150 0.53 -34.65 4.95
C PRO C 150 -0.23 -35.98 4.70
N GLU C 151 -1.54 -35.89 4.44
CA GLU C 151 -2.34 -37.07 4.02
C GLU C 151 -1.78 -37.76 2.75
N LEU C 152 -1.16 -36.97 1.88
CA LEU C 152 -0.60 -37.47 0.63
C LEU C 152 0.78 -38.18 0.76
N VAL C 153 1.45 -38.07 1.93
CA VAL C 153 2.81 -38.63 2.09
C VAL C 153 2.80 -40.16 2.03
N LYS C 154 1.72 -40.78 2.53
CA LYS C 154 1.57 -42.25 2.55
C LYS C 154 1.90 -42.86 1.17
N ASP C 155 1.25 -42.34 0.12
CA ASP C 155 1.36 -42.94 -1.23
C ASP C 155 2.55 -42.45 -2.06
N ILE C 156 3.25 -41.42 -1.58
CA ILE C 156 4.42 -40.89 -2.28
C ILE C 156 5.63 -41.76 -1.94
N ARG C 157 6.37 -42.15 -2.97
CA ARG C 157 7.47 -43.07 -2.81
C ARG C 157 8.80 -42.40 -2.45
N GLY C 158 9.06 -41.21 -3.00
CA GLY C 158 10.32 -40.51 -2.72
C GLY C 158 10.39 -39.09 -3.23
N ILE C 159 11.49 -38.42 -2.85
CA ILE C 159 11.80 -37.05 -3.28
C ILE C 159 13.15 -37.08 -3.99
N SER C 160 13.29 -36.34 -5.08
CA SER C 160 14.61 -36.01 -5.58
C SER C 160 14.77 -34.50 -5.51
N GLU C 161 15.94 -34.04 -5.03
CA GLU C 161 16.19 -32.60 -4.84
C GLU C 161 17.41 -32.07 -5.64
N GLU C 162 17.21 -30.94 -6.30
CA GLU C 162 18.11 -30.41 -7.31
C GLU C 162 19.22 -29.52 -6.74
N THR C 163 18.95 -28.75 -5.69
CA THR C 163 19.85 -27.61 -5.39
C THR C 163 20.34 -27.52 -3.94
N THR C 164 21.49 -26.86 -3.81
CA THR C 164 22.23 -26.75 -2.53
C THR C 164 21.29 -26.29 -1.40
N THR C 165 20.45 -25.30 -1.69
CA THR C 165 19.53 -24.76 -0.70
C THR C 165 18.41 -25.74 -0.28
N GLY C 166 17.84 -26.46 -1.24
CA GLY C 166 16.83 -27.48 -0.92
C GLY C 166 17.41 -28.65 -0.13
N VAL C 167 18.66 -29.01 -0.44
CA VAL C 167 19.36 -30.09 0.29
C VAL C 167 19.54 -29.72 1.77
N LEU C 168 19.99 -28.49 2.00
CA LEU C 168 20.14 -27.93 3.36
C LEU C 168 18.82 -28.02 4.15
N ARG C 169 17.70 -27.68 3.49
CA ARG C 169 16.36 -27.81 4.11
C ARG C 169 16.03 -29.27 4.47
N LEU C 170 16.39 -30.21 3.58
CA LEU C 170 16.19 -31.65 3.82
C LEU C 170 17.03 -32.16 4.99
N LYS C 171 18.30 -31.73 5.06
CA LYS C 171 19.19 -32.09 6.19
C LYS C 171 18.68 -31.51 7.53
N ASP C 172 18.05 -30.32 7.51
CA ASP C 172 17.38 -29.76 8.72
C ASP C 172 16.17 -30.61 9.13
N ARG C 173 15.39 -31.05 8.14
CA ARG C 173 14.27 -31.97 8.38
C ARG C 173 14.76 -33.30 8.98
N GLU C 174 15.88 -33.79 8.45
CA GLU C 174 16.53 -35.04 8.90
C GLU C 174 16.93 -34.92 10.38
N ARG C 175 17.62 -33.82 10.71
CA ARG C 175 17.98 -33.47 12.11
C ARG C 175 16.75 -33.31 13.02
N ASN C 176 15.79 -32.48 12.58
CA ASN C 176 14.56 -32.19 13.35
C ASN C 176 13.60 -33.38 13.51
N GLY C 177 13.73 -34.40 12.66
CA GLY C 177 12.85 -35.56 12.71
C GLY C 177 11.55 -35.41 11.93
N SER C 178 11.50 -34.47 10.97
CA SER C 178 10.31 -34.23 10.14
C SER C 178 10.46 -34.75 8.70
N LEU C 179 11.62 -35.32 8.34
CA LEU C 179 11.80 -35.98 7.04
C LEU C 179 11.11 -37.35 7.09
N VAL C 180 9.95 -37.44 6.45
CA VAL C 180 9.06 -38.61 6.52
C VAL C 180 9.00 -39.35 5.15
N LEU C 181 9.92 -38.99 4.25
CA LEU C 181 10.12 -39.68 2.97
C LEU C 181 11.62 -39.87 2.70
N PRO C 182 12.00 -40.93 1.97
CA PRO C 182 13.37 -40.99 1.46
C PRO C 182 13.62 -39.88 0.43
N ALA C 183 14.84 -39.38 0.38
CA ALA C 183 15.20 -38.34 -0.55
C ALA C 183 16.55 -38.67 -1.19
N ILE C 184 16.65 -38.46 -2.50
CA ILE C 184 17.92 -38.50 -3.20
C ILE C 184 18.37 -37.07 -3.53
N ASN C 185 19.52 -36.71 -2.95
CA ASN C 185 20.20 -35.44 -3.22
C ASN C 185 21.04 -35.61 -4.49
N ILE C 186 20.53 -35.04 -5.59
CA ILE C 186 21.30 -34.98 -6.84
C ILE C 186 22.10 -33.71 -6.99
N ASN C 187 21.94 -32.74 -6.08
CA ASN C 187 22.82 -31.55 -6.13
C ASN C 187 24.28 -31.98 -6.03
N ASP C 188 24.54 -32.90 -5.11
CA ASP C 188 25.87 -33.43 -4.85
C ASP C 188 26.29 -34.67 -5.62
N SER C 189 25.63 -34.98 -6.73
CA SER C 189 26.31 -35.75 -7.78
C SER C 189 27.49 -34.87 -8.22
N VAL C 190 28.62 -35.50 -8.46
CA VAL C 190 29.79 -34.76 -8.94
C VAL C 190 29.43 -34.06 -10.25
N THR C 191 28.81 -34.81 -11.16
CA THR C 191 28.36 -34.34 -12.46
C THR C 191 27.25 -33.29 -12.40
N LYS C 192 26.74 -32.97 -11.21
CA LYS C 192 25.88 -31.81 -11.02
C LYS C 192 26.64 -30.65 -10.40
N SER C 193 27.00 -30.74 -9.11
CA SER C 193 27.65 -29.62 -8.38
C SER C 193 28.91 -29.02 -9.04
N LYS C 194 29.79 -29.89 -9.55
CA LYS C 194 31.04 -29.44 -10.15
C LYS C 194 30.89 -29.01 -11.61
N PHE C 195 29.66 -29.06 -12.15
CA PHE C 195 29.41 -28.67 -13.53
C PHE C 195 28.31 -27.63 -13.64
N ASP C 196 27.10 -27.99 -13.25
CA ASP C 196 25.96 -27.10 -13.26
C ASP C 196 26.24 -25.82 -12.46
N ASN C 197 26.57 -25.97 -11.19
CA ASN C 197 26.71 -24.79 -10.31
C ASN C 197 27.87 -23.93 -10.78
N LYS C 198 28.96 -24.57 -11.18
CA LYS C 198 30.14 -23.87 -11.61
C LYS C 198 30.08 -23.40 -13.08
N TYR C 199 30.14 -24.34 -14.02
CA TYR C 199 30.16 -23.97 -15.44
C TYR C 199 28.86 -23.35 -15.88
N GLY C 200 27.74 -23.75 -15.30
CA GLY C 200 26.46 -23.15 -15.64
C GLY C 200 26.40 -21.67 -15.33
N CYS C 201 26.75 -21.30 -14.10
CA CYS C 201 26.81 -19.88 -13.73
C CYS C 201 27.86 -19.11 -14.52
N LYS C 202 28.97 -19.76 -14.85
CA LYS C 202 29.93 -19.16 -15.76
C LYS C 202 29.30 -18.76 -17.11
N GLU C 203 28.43 -19.60 -17.62
CA GLU C 203 27.77 -19.35 -18.89
C GLU C 203 26.69 -18.30 -18.81
N SER C 204 25.93 -18.26 -17.70
CA SER C 204 24.70 -17.50 -17.67
C SER C 204 24.71 -16.21 -16.81
N LEU C 205 25.70 -16.02 -15.93
CA LEU C 205 25.72 -14.84 -15.07
C LEU C 205 25.89 -13.57 -15.92
N VAL C 206 27.04 -13.49 -16.61
CA VAL C 206 27.32 -12.38 -17.49
C VAL C 206 26.25 -12.15 -18.56
N ASP C 207 25.81 -13.25 -19.17
CA ASP C 207 24.71 -13.25 -20.13
C ASP C 207 23.55 -12.40 -19.58
N SER C 208 23.10 -12.74 -18.37
CA SER C 208 21.95 -12.05 -17.78
C SER C 208 22.19 -10.58 -17.46
N ILE C 209 23.38 -10.26 -16.98
CA ILE C 209 23.73 -8.85 -16.74
C ILE C 209 23.78 -8.05 -18.04
N ARG C 210 24.28 -8.66 -19.11
CA ARG C 210 24.35 -8.01 -20.41
C ARG C 210 22.96 -7.74 -20.98
N ARG C 211 22.09 -8.75 -20.93
CA ARG C 211 20.71 -8.56 -21.45
C ARG C 211 19.96 -7.47 -20.70
N ALA C 212 20.15 -7.44 -19.38
CA ALA C 212 19.45 -6.48 -18.55
C ALA C 212 19.96 -5.05 -18.72
N THR C 213 21.28 -4.88 -18.83
CA THR C 213 21.92 -3.57 -18.72
C THR C 213 22.78 -3.14 -19.89
N ASP C 214 23.25 -4.07 -20.71
CA ASP C 214 24.21 -3.78 -21.78
C ASP C 214 25.47 -2.98 -21.32
N VAL C 215 25.89 -3.18 -20.07
CA VAL C 215 27.07 -2.55 -19.55
C VAL C 215 28.36 -3.13 -20.15
N MET C 216 29.33 -2.27 -20.42
CA MET C 216 30.70 -2.68 -20.72
C MET C 216 31.29 -3.38 -19.51
N MET C 217 31.83 -4.58 -19.69
CA MET C 217 32.45 -5.33 -18.62
C MET C 217 33.91 -4.93 -18.41
N ALA C 218 34.63 -4.78 -19.53
CA ALA C 218 36.04 -4.36 -19.46
C ALA C 218 36.13 -2.94 -18.85
N GLY C 219 37.01 -2.80 -17.88
CA GLY C 219 37.14 -1.53 -17.15
C GLY C 219 36.38 -1.53 -15.84
N LYS C 220 35.41 -2.44 -15.66
CA LYS C 220 34.62 -2.48 -14.41
C LYS C 220 35.21 -3.40 -13.40
N VAL C 221 34.81 -3.13 -12.15
CA VAL C 221 35.13 -3.93 -10.99
C VAL C 221 33.85 -4.56 -10.48
N ALA C 222 33.87 -5.85 -10.20
CA ALA C 222 32.70 -6.54 -9.72
C ALA C 222 33.02 -7.26 -8.43
N VAL C 223 32.04 -7.33 -7.54
CA VAL C 223 32.17 -8.06 -6.31
C VAL C 223 31.25 -9.27 -6.39
N VAL C 224 31.82 -10.43 -6.11
CA VAL C 224 31.08 -11.67 -5.96
C VAL C 224 31.16 -12.08 -4.51
N ALA C 225 30.02 -12.15 -3.84
CA ALA C 225 29.98 -12.69 -2.49
C ALA C 225 29.82 -14.20 -2.51
N GLY C 226 30.80 -14.89 -1.94
CA GLY C 226 30.78 -16.35 -1.89
C GLY C 226 31.66 -16.97 -2.96
N TYR C 227 32.32 -18.06 -2.58
CA TYR C 227 33.27 -18.75 -3.46
C TYR C 227 33.14 -20.26 -3.30
N GLY C 228 31.88 -20.71 -3.19
CA GLY C 228 31.52 -22.10 -3.43
C GLY C 228 31.46 -22.28 -4.94
N ASP C 229 30.79 -23.33 -5.38
CA ASP C 229 30.69 -23.63 -6.81
C ASP C 229 30.02 -22.53 -7.61
N VAL C 230 28.95 -21.95 -7.07
CA VAL C 230 28.26 -20.84 -7.76
C VAL C 230 29.13 -19.59 -7.86
N GLY C 231 29.75 -19.21 -6.75
CA GLY C 231 30.67 -18.10 -6.73
C GLY C 231 31.90 -18.27 -7.61
N LYS C 232 32.45 -19.48 -7.62
CA LYS C 232 33.60 -19.79 -8.51
C LYS C 232 33.22 -19.52 -9.96
N GLY C 233 32.05 -20.03 -10.36
CA GLY C 233 31.57 -19.87 -11.73
C GLY C 233 31.21 -18.44 -12.04
N SER C 234 30.66 -17.74 -11.05
CA SER C 234 30.27 -16.33 -11.23
C SER C 234 31.49 -15.43 -11.45
N ALA C 235 32.50 -15.63 -10.60
CA ALA C 235 33.78 -14.91 -10.78
C ALA C 235 34.36 -15.20 -12.15
N ALA C 236 34.36 -16.47 -12.56
CA ALA C 236 34.87 -16.84 -13.87
C ALA C 236 34.07 -16.22 -15.00
N SER C 237 32.75 -16.11 -14.85
CA SER C 237 31.92 -15.48 -15.88
C SER C 237 32.40 -14.04 -16.10
N LEU C 238 32.51 -13.30 -15.00
CA LEU C 238 32.93 -11.90 -15.02
C LEU C 238 34.34 -11.69 -15.55
N ARG C 239 35.29 -12.48 -15.03
CA ARG C 239 36.67 -12.36 -15.48
C ARG C 239 36.78 -12.68 -16.97
N GLY C 240 36.11 -13.75 -17.43
CA GLY C 240 36.15 -14.08 -18.83
C GLY C 240 35.63 -12.98 -19.74
N ALA C 241 34.67 -12.21 -19.24
CA ALA C 241 34.15 -11.04 -19.97
C ALA C 241 35.01 -9.80 -19.83
N GLY C 242 36.03 -9.81 -18.95
CA GLY C 242 36.93 -8.68 -18.82
C GLY C 242 36.76 -7.82 -17.56
N ALA C 243 35.77 -8.11 -16.72
CA ALA C 243 35.64 -7.45 -15.42
C ALA C 243 36.72 -7.95 -14.45
N ARG C 244 37.11 -7.08 -13.52
CA ARG C 244 38.05 -7.37 -12.45
C ARG C 244 37.18 -7.71 -11.25
N VAL C 245 37.45 -8.83 -10.60
CA VAL C 245 36.56 -9.39 -9.59
C VAL C 245 37.21 -9.39 -8.22
N ILE C 246 36.45 -8.92 -7.24
CA ILE C 246 36.82 -9.02 -5.83
C ILE C 246 35.86 -9.99 -5.20
N VAL C 247 36.38 -10.94 -4.44
CA VAL C 247 35.56 -11.97 -3.81
C VAL C 247 35.39 -11.67 -2.31
N THR C 248 34.23 -12.01 -1.74
CA THR C 248 34.03 -12.05 -0.29
C THR C 248 33.79 -13.48 0.14
N GLU C 249 34.21 -13.82 1.35
CA GLU C 249 33.98 -15.15 1.90
C GLU C 249 34.04 -15.12 3.43
N ILE C 250 33.48 -16.16 4.01
CA ILE C 250 33.55 -16.49 5.43
C ILE C 250 34.41 -17.74 5.68
N ASP C 251 34.64 -18.55 4.64
CA ASP C 251 35.33 -19.82 4.77
C ASP C 251 36.77 -19.62 4.36
N PRO C 252 37.73 -19.80 5.26
CA PRO C 252 39.13 -19.55 4.92
C PRO C 252 39.67 -20.41 3.80
N ILE C 253 39.21 -21.65 3.69
CA ILE C 253 39.65 -22.49 2.58
C ILE C 253 39.15 -21.94 1.23
N CYS C 254 37.86 -21.67 1.14
CA CYS C 254 37.30 -21.09 -0.07
C CYS C 254 37.95 -19.74 -0.39
N ALA C 255 38.20 -18.93 0.62
CA ALA C 255 38.88 -17.64 0.39
C ALA C 255 40.29 -17.84 -0.17
N LEU C 256 41.02 -18.80 0.37
CA LEU C 256 42.37 -19.08 -0.10
C LEU C 256 42.34 -19.61 -1.52
N GLN C 257 41.32 -20.39 -1.87
CA GLN C 257 41.12 -20.79 -3.28
C GLN C 257 41.00 -19.57 -4.16
N ALA C 258 40.14 -18.64 -3.78
CA ALA C 258 39.92 -17.45 -4.60
C ALA C 258 41.21 -16.67 -4.80
N ALA C 259 41.98 -16.54 -3.72
CA ALA C 259 43.24 -15.83 -3.79
C ALA C 259 44.20 -16.54 -4.72
N MET C 260 44.30 -17.87 -4.61
CA MET C 260 45.14 -18.65 -5.49
C MET C 260 44.67 -18.57 -6.95
N ASP C 261 43.35 -18.44 -7.17
CA ASP C 261 42.82 -18.26 -8.54
C ASP C 261 43.00 -16.85 -9.07
N GLY C 262 43.61 -15.96 -8.29
CA GLY C 262 44.02 -14.65 -8.77
C GLY C 262 43.10 -13.51 -8.34
N TYR C 263 42.16 -13.75 -7.42
CA TYR C 263 41.19 -12.73 -7.03
C TYR C 263 41.57 -12.07 -5.71
N GLU C 264 41.45 -10.75 -5.65
CA GLU C 264 41.46 -10.04 -4.37
C GLU C 264 40.26 -10.49 -3.51
N VAL C 265 40.50 -10.66 -2.21
CA VAL C 265 39.48 -11.10 -1.27
C VAL C 265 39.40 -10.13 -0.09
N LYS C 266 38.23 -9.49 0.07
CA LYS C 266 38.00 -8.46 1.07
C LYS C 266 36.62 -8.60 1.69
N LYS C 267 36.46 -7.96 2.85
CA LYS C 267 35.15 -7.81 3.48
C LYS C 267 34.21 -6.99 2.60
N MET C 268 32.93 -7.33 2.63
CA MET C 268 31.94 -6.64 1.81
C MET C 268 31.93 -5.13 2.07
N ALA C 269 32.06 -4.73 3.34
CA ALA C 269 32.05 -3.32 3.73
C ALA C 269 33.09 -2.54 2.94
N ASP C 270 34.24 -3.15 2.68
CA ASP C 270 35.28 -2.53 1.87
C ASP C 270 35.06 -2.76 0.40
N ALA C 271 34.79 -4.00 0.01
CA ALA C 271 34.63 -4.34 -1.41
C ALA C 271 33.55 -3.52 -2.11
N VAL C 272 32.42 -3.30 -1.42
CA VAL C 272 31.26 -2.70 -2.07
C VAL C 272 31.49 -1.26 -2.50
N LYS C 273 32.40 -0.57 -1.81
CA LYS C 273 32.73 0.81 -2.16
C LYS C 273 33.39 0.91 -3.54
N ARG C 274 34.05 -0.17 -3.97
CA ARG C 274 34.75 -0.20 -5.24
C ARG C 274 33.94 -0.82 -6.41
N ALA C 275 32.73 -1.28 -6.13
CA ALA C 275 31.99 -2.12 -7.07
C ALA C 275 31.16 -1.37 -8.09
N ASP C 276 31.37 -1.68 -9.38
CA ASP C 276 30.47 -1.30 -10.45
C ASP C 276 29.30 -2.30 -10.52
N ILE C 277 29.57 -3.55 -10.09
CA ILE C 277 28.65 -4.66 -10.18
C ILE C 277 28.77 -5.49 -8.92
N VAL C 278 27.64 -5.93 -8.36
CA VAL C 278 27.61 -6.74 -7.16
C VAL C 278 26.75 -7.99 -7.40
N VAL C 279 27.32 -9.16 -7.06
CA VAL C 279 26.64 -10.44 -7.27
C VAL C 279 26.69 -11.24 -6.00
N THR C 280 25.53 -11.62 -5.49
CA THR C 280 25.50 -12.46 -4.29
C THR C 280 25.36 -13.92 -4.70
N ALA C 281 26.20 -14.77 -4.11
CA ALA C 281 26.28 -16.18 -4.50
C ALA C 281 26.51 -17.11 -3.31
N THR C 282 25.85 -16.82 -2.18
CA THR C 282 26.15 -17.50 -0.92
C THR C 282 25.19 -18.58 -0.48
N GLY C 283 23.92 -18.49 -0.86
CA GLY C 283 22.88 -19.30 -0.24
C GLY C 283 22.57 -18.90 1.19
N ASN C 284 23.05 -17.74 1.62
CA ASN C 284 22.87 -17.23 3.00
C ASN C 284 21.99 -16.00 2.89
N LYS C 285 21.67 -15.37 4.03
CA LYS C 285 20.86 -14.15 4.04
C LYS C 285 21.68 -12.92 4.44
N ASN C 286 21.18 -11.74 4.09
CA ASN C 286 21.70 -10.46 4.55
C ASN C 286 23.14 -10.24 4.16
N ILE C 287 23.46 -10.53 2.90
CA ILE C 287 24.78 -10.30 2.34
C ILE C 287 24.94 -8.83 1.98
N ILE C 288 23.88 -8.22 1.45
CA ILE C 288 23.83 -6.80 1.13
C ILE C 288 22.69 -6.17 1.95
N THR C 289 23.03 -5.21 2.81
CA THR C 289 22.14 -4.58 3.76
C THR C 289 22.15 -3.08 3.47
N GLY C 290 21.40 -2.32 4.29
CA GLY C 290 21.32 -0.87 4.19
C GLY C 290 22.64 -0.14 4.23
N GLU C 291 23.52 -0.54 5.15
CA GLU C 291 24.86 0.06 5.22
C GLU C 291 25.62 -0.15 3.90
N HIS C 292 25.44 -1.30 3.26
CA HIS C 292 26.10 -1.54 1.98
C HIS C 292 25.51 -0.64 0.89
N PHE C 293 24.18 -0.57 0.82
CA PHE C 293 23.50 0.27 -0.18
C PHE C 293 23.94 1.74 -0.10
N LYS C 294 24.05 2.28 1.11
CA LYS C 294 24.45 3.69 1.31
C LYS C 294 25.89 3.97 0.88
N ALA C 295 26.73 2.93 0.89
CA ALA C 295 28.14 3.03 0.52
C ALA C 295 28.43 2.81 -0.98
N MET C 296 27.40 2.61 -1.80
CA MET C 296 27.62 2.20 -3.19
C MET C 296 27.85 3.38 -4.12
N ARG C 297 28.58 3.09 -5.20
CA ARG C 297 28.76 4.02 -6.34
C ARG C 297 27.47 4.18 -7.10
N ASP C 298 27.34 5.32 -7.77
CA ASP C 298 26.19 5.63 -8.60
C ASP C 298 26.04 4.62 -9.76
N LYS C 299 24.82 4.13 -9.94
CA LYS C 299 24.44 3.17 -10.98
C LYS C 299 25.15 1.81 -10.92
N VAL C 300 25.59 1.46 -9.73
CA VAL C 300 25.96 0.11 -9.43
C VAL C 300 24.84 -0.86 -9.84
N ILE C 301 25.22 -2.00 -10.39
CA ILE C 301 24.28 -3.04 -10.80
C ILE C 301 24.35 -4.13 -9.75
N VAL C 302 23.24 -4.42 -9.08
CA VAL C 302 23.20 -5.34 -7.96
C VAL C 302 22.24 -6.49 -8.30
N CYS C 303 22.71 -7.72 -8.11
CA CYS C 303 21.93 -8.90 -8.42
C CYS C 303 22.34 -10.08 -7.57
N ASN C 304 21.52 -11.12 -7.65
CA ASN C 304 21.68 -12.31 -6.85
C ASN C 304 21.59 -13.55 -7.73
N ILE C 305 22.53 -14.48 -7.57
CA ILE C 305 22.50 -15.77 -8.26
C ILE C 305 22.36 -16.99 -7.33
N GLY C 306 22.19 -16.74 -6.02
CA GLY C 306 21.87 -17.79 -5.06
C GLY C 306 20.38 -18.06 -5.11
N HIS C 307 19.93 -19.18 -4.56
CA HIS C 307 18.55 -19.65 -4.80
C HIS C 307 17.38 -18.71 -4.34
N PHE C 308 17.53 -18.01 -3.22
CA PHE C 308 16.43 -17.16 -2.72
C PHE C 308 16.83 -15.69 -2.69
N ASP C 309 15.80 -14.81 -2.68
CA ASP C 309 15.97 -13.32 -2.65
C ASP C 309 16.25 -12.64 -1.29
N ASN C 310 16.53 -13.42 -0.28
CA ASN C 310 17.04 -12.86 0.99
C ASN C 310 18.54 -12.49 1.03
N GLU C 311 19.33 -12.79 0.00
CA GLU C 311 20.75 -12.48 0.02
C GLU C 311 20.92 -10.95 0.02
N ILE C 312 20.06 -10.28 -0.73
CA ILE C 312 19.99 -8.83 -0.81
C ILE C 312 18.78 -8.43 0.04
N ASP C 313 18.95 -7.39 0.86
CA ASP C 313 17.86 -6.94 1.73
C ASP C 313 16.90 -6.05 0.96
N MET C 314 16.13 -6.68 0.08
CA MET C 314 15.11 -6.00 -0.74
C MET C 314 14.00 -5.40 0.12
N ALA C 315 13.58 -6.08 1.18
CA ALA C 315 12.60 -5.49 2.13
C ALA C 315 13.07 -4.13 2.63
N TRP C 316 14.33 -4.01 3.06
CA TRP C 316 14.89 -2.71 3.47
C TRP C 316 14.89 -1.69 2.33
N LEU C 317 15.34 -2.13 1.15
CA LEU C 317 15.45 -1.23 0.01
C LEU C 317 14.07 -0.68 -0.41
N ASN C 318 13.08 -1.57 -0.47
CA ASN C 318 11.71 -1.17 -0.81
C ASN C 318 11.06 -0.31 0.25
N LYS C 319 11.19 -0.67 1.52
CA LYS C 319 10.62 0.15 2.60
C LYS C 319 11.21 1.56 2.61
N THR C 320 12.53 1.66 2.50
CA THR C 320 13.25 2.92 2.69
C THR C 320 13.28 3.82 1.45
N TYR C 321 13.46 3.24 0.26
CA TYR C 321 13.60 4.02 -0.98
C TYR C 321 12.64 3.61 -2.11
N GLY C 322 11.64 2.80 -1.79
CA GLY C 322 10.66 2.31 -2.75
C GLY C 322 9.89 3.38 -3.48
N SER C 323 9.58 4.48 -2.78
CA SER C 323 8.93 5.63 -3.42
C SER C 323 9.71 6.22 -4.62
N THR C 324 11.03 6.05 -4.67
CA THR C 324 11.85 6.55 -5.79
C THR C 324 11.97 5.58 -6.95
N LYS C 325 11.45 4.35 -6.81
CA LYS C 325 11.68 3.28 -7.76
C LYS C 325 11.15 3.59 -9.14
N VAL C 326 11.97 3.30 -10.14
CA VAL C 326 11.62 3.48 -11.55
C VAL C 326 12.00 2.20 -12.25
N THR C 327 11.05 1.61 -12.97
CA THR C 327 11.29 0.43 -13.79
C THR C 327 11.75 0.88 -15.19
N VAL C 328 12.95 0.46 -15.57
CA VAL C 328 13.51 0.75 -16.89
C VAL C 328 12.82 -0.15 -17.89
N LYS C 329 12.79 -1.44 -17.57
CA LYS C 329 12.06 -2.45 -18.33
C LYS C 329 11.89 -3.62 -17.37
N PRO C 330 11.09 -4.64 -17.75
CA PRO C 330 10.82 -5.69 -16.76
C PRO C 330 12.10 -6.31 -16.17
N GLN C 331 12.14 -6.42 -14.84
CA GLN C 331 13.25 -6.95 -14.05
C GLN C 331 14.52 -6.08 -14.06
N VAL C 332 14.41 -4.79 -14.41
CA VAL C 332 15.50 -3.83 -14.23
C VAL C 332 14.90 -2.58 -13.58
N ASP C 333 15.13 -2.45 -12.28
CA ASP C 333 14.57 -1.39 -11.45
C ASP C 333 15.70 -0.52 -10.92
N ILE C 334 15.48 0.80 -10.92
CA ILE C 334 16.44 1.79 -10.38
C ILE C 334 15.85 2.42 -9.12
N TYR C 335 16.64 2.41 -8.03
CA TYR C 335 16.30 3.09 -6.78
C TYR C 335 17.29 4.22 -6.53
N ASN C 336 16.77 5.34 -6.04
CA ASN C 336 17.61 6.47 -5.66
C ASN C 336 17.87 6.36 -4.15
N VAL C 337 19.06 5.88 -3.80
CA VAL C 337 19.47 5.76 -2.42
C VAL C 337 20.31 6.97 -2.07
N ASP C 338 19.67 7.98 -1.48
CA ASP C 338 20.35 9.22 -1.00
C ASP C 338 21.15 9.92 -2.09
N GLY C 339 20.60 10.02 -3.31
CA GLY C 339 21.24 10.74 -4.41
C GLY C 339 22.19 9.94 -5.28
N HIS C 340 22.39 8.65 -4.99
CA HIS C 340 23.12 7.77 -5.89
C HIS C 340 22.22 6.57 -6.27
N ASP C 341 22.19 6.24 -7.56
CA ASP C 341 21.28 5.19 -8.07
C ASP C 341 21.79 3.78 -7.79
N VAL C 342 20.85 2.90 -7.46
CA VAL C 342 21.14 1.46 -7.33
C VAL C 342 20.23 0.75 -8.33
N ILE C 343 20.84 -0.04 -9.22
CA ILE C 343 20.11 -0.77 -10.25
C ILE C 343 19.96 -2.20 -9.72
N ILE C 344 18.71 -2.64 -9.57
CA ILE C 344 18.41 -3.98 -9.09
C ILE C 344 17.89 -4.84 -10.24
N LEU C 345 18.46 -6.03 -10.41
CA LEU C 345 18.01 -6.98 -11.41
C LEU C 345 17.11 -8.05 -10.80
N ALA C 346 16.00 -8.29 -11.50
CA ALA C 346 15.01 -9.32 -11.15
C ALA C 346 14.55 -9.25 -9.71
N GLU C 347 14.44 -8.04 -9.18
CA GLU C 347 14.03 -7.81 -7.79
C GLU C 347 14.85 -8.65 -6.79
N GLY C 348 16.13 -8.86 -7.09
CA GLY C 348 16.98 -9.69 -6.26
C GLY C 348 16.75 -11.20 -6.27
N ARG C 349 16.00 -11.70 -7.25
CA ARG C 349 15.82 -13.13 -7.43
C ARG C 349 16.81 -13.64 -8.50
N LEU C 350 16.97 -14.96 -8.57
CA LEU C 350 17.96 -15.61 -9.43
C LEU C 350 18.11 -14.86 -10.75
N VAL C 351 19.24 -14.18 -10.91
CA VAL C 351 19.45 -13.28 -12.01
C VAL C 351 19.62 -13.97 -13.38
N ASN C 352 20.30 -15.12 -13.37
CA ASN C 352 20.56 -15.83 -14.63
C ASN C 352 19.23 -16.29 -15.28
N LEU C 353 18.31 -16.81 -14.47
CA LEU C 353 17.00 -17.24 -14.94
C LEU C 353 16.00 -16.08 -15.10
N GLY C 354 16.14 -15.06 -14.25
CA GLY C 354 15.21 -13.92 -14.27
C GLY C 354 15.42 -12.92 -15.40
N CYS C 355 16.67 -12.66 -15.76
CA CYS C 355 17.03 -11.69 -16.81
C CYS C 355 17.60 -12.29 -18.11
N ALA C 356 17.89 -13.59 -18.13
CA ALA C 356 18.21 -14.29 -19.38
C ALA C 356 17.50 -15.64 -19.38
N THR C 357 18.16 -16.74 -19.71
CA THR C 357 17.47 -18.03 -19.86
C THR C 357 18.08 -19.11 -18.96
N GLY C 358 18.81 -18.70 -17.93
CA GLY C 358 19.54 -19.67 -17.11
C GLY C 358 20.64 -20.46 -17.85
N HIS C 359 21.03 -21.59 -17.27
CA HIS C 359 22.14 -22.37 -17.77
C HIS C 359 21.80 -22.92 -19.15
N PRO C 360 22.80 -23.12 -20.01
CA PRO C 360 22.54 -23.73 -21.31
C PRO C 360 22.17 -25.21 -21.26
N SER C 361 21.54 -25.69 -22.35
CA SER C 361 21.03 -27.07 -22.39
C SER C 361 22.10 -28.12 -22.09
N PHE C 362 23.31 -27.97 -22.65
CA PHE C 362 24.36 -28.98 -22.48
C PHE C 362 24.66 -29.33 -21.03
N VAL C 363 24.84 -28.33 -20.18
CA VAL C 363 25.11 -28.63 -18.76
C VAL C 363 23.84 -29.10 -18.01
N MET C 364 22.66 -28.57 -18.34
CA MET C 364 21.45 -29.07 -17.70
C MET C 364 21.17 -30.54 -18.04
N SER C 365 21.66 -31.02 -19.18
CA SER C 365 21.51 -32.42 -19.54
C SER C 365 22.16 -33.32 -18.49
N SER C 366 23.28 -32.90 -17.92
CA SER C 366 23.91 -33.67 -16.83
C SER C 366 23.07 -33.65 -15.58
N SER C 367 22.62 -32.48 -15.16
CA SER C 367 21.80 -32.33 -13.95
C SER C 367 20.50 -33.14 -14.07
N PHE C 368 19.86 -33.02 -15.24
CA PHE C 368 18.58 -33.66 -15.48
C PHE C 368 18.69 -35.16 -15.75
N SER C 369 19.83 -35.59 -16.32
CA SER C 369 20.13 -37.02 -16.38
C SER C 369 20.22 -37.58 -14.96
N ASN C 370 20.87 -36.87 -14.04
CA ASN C 370 20.87 -37.30 -12.64
C ASN C 370 19.43 -37.37 -12.06
N GLN C 371 18.60 -36.38 -12.36
CA GLN C 371 17.20 -36.37 -11.90
C GLN C 371 16.44 -37.62 -12.32
N VAL C 372 16.55 -37.97 -13.61
CA VAL C 372 15.78 -39.10 -14.14
C VAL C 372 16.25 -40.38 -13.44
N ILE C 373 17.57 -40.54 -13.33
CA ILE C 373 18.17 -41.71 -12.65
C ILE C 373 17.66 -41.81 -11.22
N ALA C 374 17.59 -40.68 -10.51
CA ALA C 374 17.07 -40.69 -9.13
C ALA C 374 15.58 -41.04 -9.06
N GLN C 375 14.79 -40.55 -10.01
CA GLN C 375 13.35 -40.87 -10.06
C GLN C 375 13.13 -42.34 -10.35
N LEU C 376 13.87 -42.88 -11.31
CA LEU C 376 13.86 -44.32 -11.59
C LEU C 376 14.16 -45.14 -10.33
N GLU C 377 15.20 -44.72 -9.61
CA GLU C 377 15.70 -45.46 -8.46
C GLU C 377 14.69 -45.47 -7.31
N LEU C 378 14.13 -44.31 -6.98
CA LEU C 378 13.09 -44.24 -5.95
C LEU C 378 11.79 -44.94 -6.39
N TRP C 379 11.40 -44.78 -7.65
CA TRP C 379 10.14 -45.38 -8.11
C TRP C 379 10.19 -46.91 -7.96
N GLU C 380 11.27 -47.51 -8.45
CA GLU C 380 11.49 -48.96 -8.38
C GLU C 380 11.85 -49.47 -6.99
N ASN C 381 12.72 -48.75 -6.26
CA ASN C 381 13.36 -49.28 -5.05
C ASN C 381 13.11 -48.50 -3.73
N SER C 382 12.12 -47.59 -3.69
CA SER C 382 11.87 -46.75 -2.49
C SER C 382 11.79 -47.54 -1.17
N SER C 383 11.25 -48.76 -1.21
CA SER C 383 11.10 -49.54 0.02
C SER C 383 12.45 -49.89 0.68
N LYS C 384 13.52 -50.01 -0.11
CA LYS C 384 14.86 -50.29 0.43
C LYS C 384 15.55 -49.05 1.05
N TYR C 385 14.87 -47.90 1.10
CA TYR C 385 15.45 -46.65 1.61
C TYR C 385 14.80 -46.22 2.93
N GLU C 386 15.64 -45.67 3.81
CA GLU C 386 15.16 -45.03 5.04
C GLU C 386 14.77 -43.60 4.70
N ASN C 387 14.05 -42.95 5.61
CA ASN C 387 13.68 -41.54 5.45
C ASN C 387 14.88 -40.64 5.76
N LYS C 388 15.83 -40.62 4.82
CA LYS C 388 17.12 -39.95 4.99
C LYS C 388 17.54 -39.42 3.62
N VAL C 389 18.54 -38.56 3.59
CA VAL C 389 19.04 -38.00 2.34
C VAL C 389 20.16 -38.90 1.84
N TYR C 390 20.09 -39.31 0.57
CA TYR C 390 21.09 -40.20 -0.05
C TYR C 390 21.70 -39.49 -1.22
N THR C 391 22.86 -39.97 -1.66
CA THR C 391 23.42 -39.58 -2.94
C THR C 391 23.52 -40.83 -3.85
N LEU C 392 23.68 -40.60 -5.15
CA LEU C 392 23.76 -41.69 -6.11
C LEU C 392 25.16 -42.32 -6.08
N PRO C 393 25.25 -43.64 -6.37
CA PRO C 393 26.58 -44.26 -6.47
C PRO C 393 27.45 -43.64 -7.58
N LYS C 394 28.76 -43.67 -7.37
CA LYS C 394 29.70 -43.10 -8.32
C LYS C 394 29.59 -43.70 -9.72
N SER C 395 29.26 -45.00 -9.82
CA SER C 395 29.14 -45.65 -11.13
C SER C 395 28.10 -44.94 -12.02
N LEU C 396 27.00 -44.48 -11.42
CA LEU C 396 25.96 -43.76 -12.15
C LEU C 396 26.40 -42.31 -12.46
N ASP C 397 27.10 -41.68 -11.51
CA ASP C 397 27.63 -40.36 -11.81
C ASP C 397 28.70 -40.38 -12.91
N GLU C 398 29.50 -41.44 -13.00
CA GLU C 398 30.42 -41.64 -14.11
C GLU C 398 29.69 -41.86 -15.44
N LYS C 399 28.65 -42.69 -15.40
CA LYS C 399 27.80 -42.94 -16.59
C LYS C 399 27.25 -41.61 -17.16
N VAL C 400 26.74 -40.75 -16.29
CA VAL C 400 26.22 -39.45 -16.73
C VAL C 400 27.28 -38.68 -17.54
N ALA C 401 28.49 -38.59 -17.00
CA ALA C 401 29.58 -37.91 -17.71
C ALA C 401 29.88 -38.57 -19.08
N ARG C 402 29.96 -39.89 -19.07
CA ARG C 402 30.23 -40.67 -20.28
CA ARG C 402 30.23 -40.67 -20.28
C ARG C 402 29.25 -40.30 -21.41
N LEU C 403 27.98 -40.12 -21.06
CA LEU C 403 26.97 -39.82 -22.08
C LEU C 403 27.14 -38.49 -22.81
N HIS C 404 27.93 -37.58 -22.24
CA HIS C 404 28.13 -36.25 -22.84
C HIS C 404 29.43 -36.09 -23.63
N LEU C 405 30.25 -37.13 -23.70
CA LEU C 405 31.59 -36.99 -24.25
C LEU C 405 31.59 -36.92 -25.79
N SER C 406 30.71 -37.69 -26.41
N SER C 406 30.71 -37.69 -26.41
CA SER C 406 30.75 -37.86 -27.86
CA SER C 406 30.73 -37.88 -27.85
C SER C 406 30.38 -36.59 -28.62
C SER C 406 30.38 -36.59 -28.61
N LYS C 407 29.33 -35.91 -28.16
CA LYS C 407 28.89 -34.64 -28.77
C LYS C 407 30.03 -33.60 -28.88
N ILE C 408 30.96 -33.58 -27.92
CA ILE C 408 32.07 -32.59 -27.90
C ILE C 408 33.44 -33.23 -28.21
N ASP C 409 33.39 -34.43 -28.80
CA ASP C 409 34.58 -35.13 -29.31
C ASP C 409 35.68 -35.34 -28.26
N VAL C 410 35.28 -35.65 -27.03
CA VAL C 410 36.21 -36.10 -26.03
C VAL C 410 36.32 -37.63 -26.12
N GLU C 411 37.55 -38.13 -26.32
CA GLU C 411 37.85 -39.53 -26.36
C GLU C 411 38.76 -39.93 -25.21
N LEU C 412 38.39 -41.03 -24.53
CA LEU C 412 39.12 -41.57 -23.41
C LEU C 412 40.14 -42.58 -23.83
N ASP C 413 41.31 -42.57 -23.20
CA ASP C 413 42.14 -43.79 -23.22
C ASP C 413 41.50 -44.86 -22.38
N ILE C 414 41.94 -46.10 -22.62
CA ILE C 414 41.43 -47.26 -21.92
C ILE C 414 42.59 -47.88 -21.15
N LEU C 415 42.36 -48.16 -19.87
CA LEU C 415 43.38 -48.80 -19.07
C LEU C 415 43.65 -50.21 -19.59
N SER C 416 44.92 -50.61 -19.65
CA SER C 416 45.26 -52.04 -19.77
C SER C 416 45.00 -52.71 -18.42
N ALA C 417 44.98 -54.04 -18.42
CA ALA C 417 44.78 -54.82 -17.19
C ALA C 417 45.90 -54.47 -16.20
N ASP C 418 47.14 -54.41 -16.69
CA ASP C 418 48.30 -53.98 -15.88
C ASP C 418 48.09 -52.59 -15.22
N GLN C 419 47.70 -51.60 -16.01
CA GLN C 419 47.46 -50.26 -15.46
C GLN C 419 46.35 -50.23 -14.42
N ALA C 420 45.25 -50.92 -14.74
CA ALA C 420 44.08 -50.99 -13.88
C ALA C 420 44.42 -51.62 -12.53
N ALA C 421 45.10 -52.77 -12.57
CA ALA C 421 45.59 -53.41 -11.35
C ALA C 421 46.48 -52.48 -10.54
N TYR C 422 47.41 -51.81 -11.21
CA TYR C 422 48.39 -50.93 -10.56
C TYR C 422 47.76 -49.83 -9.72
N ILE C 423 46.71 -49.20 -10.23
CA ILE C 423 46.01 -48.14 -9.48
C ILE C 423 44.80 -48.63 -8.68
N GLY C 424 44.54 -49.94 -8.70
CA GLY C 424 43.50 -50.56 -7.89
C GLY C 424 42.08 -50.36 -8.40
N VAL C 425 41.90 -50.34 -9.72
CA VAL C 425 40.58 -50.11 -10.30
C VAL C 425 40.31 -51.13 -11.39
N THR C 426 39.03 -51.28 -11.73
CA THR C 426 38.62 -52.09 -12.86
C THR C 426 38.65 -51.17 -14.09
N VAL C 427 38.74 -51.80 -15.24
CA VAL C 427 38.87 -51.08 -16.51
C VAL C 427 37.68 -50.17 -16.81
N ASP C 428 36.48 -50.62 -16.49
CA ASP C 428 35.28 -49.81 -16.73
C ASP C 428 34.85 -48.96 -15.52
N GLY C 429 35.70 -48.86 -14.51
CA GLY C 429 35.44 -47.96 -13.36
C GLY C 429 34.55 -48.66 -12.37
N PRO C 430 34.20 -48.01 -11.26
CA PRO C 430 34.57 -46.63 -10.92
C PRO C 430 36.07 -46.37 -10.73
N TYR C 431 36.52 -45.17 -11.08
CA TYR C 431 37.94 -44.87 -11.12
C TYR C 431 38.49 -44.14 -9.91
N LYS C 432 37.62 -43.65 -9.04
CA LYS C 432 38.04 -42.89 -7.85
C LYS C 432 37.32 -43.42 -6.65
N ASN C 433 37.94 -43.34 -5.48
CA ASN C 433 37.23 -43.75 -4.26
C ASN C 433 36.21 -42.66 -3.86
N ASP C 434 35.32 -42.99 -2.95
CA ASP C 434 34.15 -42.14 -2.67
C ASP C 434 34.48 -40.80 -2.01
N GLU C 435 35.67 -40.64 -1.43
CA GLU C 435 36.09 -39.37 -0.81
C GLU C 435 36.77 -38.43 -1.82
N TYR C 436 37.02 -38.89 -3.04
CA TYR C 436 37.70 -38.08 -4.04
C TYR C 436 36.89 -36.82 -4.39
N ARG C 437 37.60 -35.69 -4.46
CA ARG C 437 36.97 -34.37 -4.52
C ARG C 437 36.96 -33.75 -5.91
N TYR C 438 37.60 -34.40 -6.86
CA TYR C 438 37.64 -33.94 -8.24
C TYR C 438 38.12 -32.45 -8.35
N MET D 4 79.81 -55.85 13.93
CA MET D 4 79.79 -55.74 15.42
C MET D 4 79.78 -54.23 15.79
N VAL D 5 80.78 -53.44 15.36
CA VAL D 5 80.77 -51.96 15.54
C VAL D 5 80.16 -51.18 14.37
N ASP D 6 79.12 -50.43 14.65
CA ASP D 6 78.42 -49.64 13.63
C ASP D 6 79.18 -48.40 13.27
N THR D 7 79.11 -48.05 12.01
CA THR D 7 79.62 -46.79 11.53
C THR D 7 78.56 -45.71 11.81
N PHE D 8 78.98 -44.61 12.41
CA PHE D 8 78.15 -43.42 12.54
C PHE D 8 78.64 -42.34 11.61
N VAL D 9 77.81 -41.98 10.66
CA VAL D 9 78.07 -40.87 9.77
C VAL D 9 77.11 -39.77 10.22
N LYS D 10 77.66 -38.65 10.67
CA LYS D 10 76.83 -37.58 11.19
C LYS D 10 75.87 -36.98 10.16
N HIS D 11 76.40 -36.73 8.95
CA HIS D 11 75.61 -36.27 7.82
C HIS D 11 76.33 -36.63 6.53
N LYS D 12 75.60 -36.61 5.41
CA LYS D 12 76.24 -36.72 4.10
C LYS D 12 75.55 -35.82 3.09
N VAL D 13 76.29 -34.83 2.61
CA VAL D 13 75.79 -33.84 1.68
C VAL D 13 76.86 -33.54 0.65
N LYS D 14 76.43 -32.97 -0.47
CA LYS D 14 77.31 -32.75 -1.62
C LYS D 14 78.45 -31.82 -1.26
N ASP D 15 78.12 -30.69 -0.64
CA ASP D 15 79.11 -29.65 -0.39
C ASP D 15 78.65 -28.72 0.74
N ILE D 16 79.20 -28.95 1.92
CA ILE D 16 78.79 -28.24 3.14
C ILE D 16 79.15 -26.74 3.13
N SER D 17 80.08 -26.33 2.27
CA SER D 17 80.37 -24.91 2.07
C SER D 17 79.21 -24.11 1.42
N LEU D 18 78.19 -24.80 0.89
CA LEU D 18 77.00 -24.13 0.38
C LEU D 18 76.03 -23.71 1.50
N ALA D 19 76.35 -23.98 2.76
CA ALA D 19 75.46 -23.68 3.88
C ALA D 19 75.06 -22.22 4.04
N ALA D 20 75.99 -21.29 3.86
CA ALA D 20 75.66 -19.86 4.03
C ALA D 20 74.58 -19.44 3.04
N TRP D 21 74.78 -19.80 1.77
CA TRP D 21 73.79 -19.54 0.74
C TRP D 21 72.44 -20.19 1.13
N GLY D 22 72.48 -21.44 1.54
CA GLY D 22 71.26 -22.14 1.95
C GLY D 22 70.51 -21.45 3.08
N ARG D 23 71.26 -21.00 4.08
CA ARG D 23 70.70 -20.31 5.24
C ARG D 23 70.01 -19.00 4.82
N LYS D 24 70.62 -18.24 3.91
CA LYS D 24 69.99 -17.01 3.43
C LYS D 24 68.65 -17.28 2.77
N GLU D 25 68.59 -18.30 1.92
CA GLU D 25 67.34 -18.68 1.26
C GLU D 25 66.33 -19.27 2.24
N ILE D 26 66.79 -19.98 3.27
CA ILE D 26 65.88 -20.49 4.29
C ILE D 26 65.17 -19.35 5.00
N GLU D 27 65.92 -18.30 5.34
CA GLU D 27 65.35 -17.09 5.93
C GLU D 27 64.31 -16.44 5.06
N LEU D 28 64.59 -16.31 3.76
CA LEU D 28 63.61 -15.78 2.82
C LEU D 28 62.36 -16.66 2.77
N ALA D 29 62.59 -17.99 2.74
CA ALA D 29 61.49 -18.94 2.73
C ALA D 29 60.63 -18.84 3.99
N GLU D 30 61.28 -18.65 5.14
CA GLU D 30 60.54 -18.51 6.40
C GLU D 30 59.44 -17.43 6.32
N ALA D 31 59.75 -16.30 5.69
CA ALA D 31 58.79 -15.22 5.51
C ALA D 31 57.65 -15.60 4.55
N GLU D 32 57.94 -16.46 3.58
CA GLU D 32 56.92 -16.97 2.68
C GLU D 32 56.14 -18.16 3.25
N MET D 33 56.44 -18.61 4.48
CA MET D 33 55.78 -19.76 5.07
C MET D 33 55.13 -19.44 6.44
N PRO D 34 54.14 -18.54 6.47
CA PRO D 34 53.56 -18.08 7.74
C PRO D 34 52.86 -19.19 8.54
N GLY D 35 52.36 -20.21 7.87
CA GLY D 35 51.80 -21.36 8.54
C GLY D 35 52.78 -22.02 9.48
N LEU D 36 53.93 -22.41 8.95
CA LEU D 36 54.94 -23.09 9.73
C LEU D 36 55.45 -22.20 10.82
N MET D 37 55.65 -20.93 10.51
CA MET D 37 56.23 -19.99 11.49
C MET D 37 55.25 -19.72 12.61
N SER D 38 53.98 -19.61 12.27
CA SER D 38 52.94 -19.45 13.28
C SER D 38 52.85 -20.68 14.19
N ILE D 39 52.99 -21.87 13.61
CA ILE D 39 53.04 -23.10 14.38
C ILE D 39 54.25 -23.13 15.34
N ARG D 40 55.39 -22.60 14.91
CA ARG D 40 56.57 -22.44 15.78
C ARG D 40 56.29 -21.57 16.97
N LYS D 41 55.71 -20.39 16.76
CA LYS D 41 55.31 -19.50 17.86
C LYS D 41 54.30 -20.16 18.82
N GLU D 42 53.23 -20.73 18.28
CA GLU D 42 52.19 -21.33 19.11
C GLU D 42 52.72 -22.48 19.95
N PHE D 43 53.39 -23.45 19.33
CA PHE D 43 53.76 -24.69 20.01
C PHE D 43 55.22 -24.73 20.51
N GLY D 44 56.08 -23.89 19.99
CA GLY D 44 57.51 -23.91 20.34
C GLY D 44 57.85 -23.79 21.82
N PRO D 45 57.32 -22.77 22.52
CA PRO D 45 57.63 -22.57 23.95
C PRO D 45 57.32 -23.80 24.83
N SER D 46 56.27 -24.56 24.51
CA SER D 46 55.91 -25.75 25.31
C SER D 46 56.65 -27.05 24.93
N LYS D 47 57.50 -27.03 23.89
CA LYS D 47 58.28 -28.20 23.45
C LYS D 47 57.49 -29.54 23.46
N PRO D 48 56.31 -29.57 22.83
CA PRO D 48 55.47 -30.77 22.90
C PRO D 48 56.09 -32.03 22.26
N LEU D 49 57.09 -31.87 21.39
CA LEU D 49 57.82 -32.99 20.78
C LEU D 49 59.15 -33.35 21.48
N LYS D 50 59.38 -32.85 22.71
CA LYS D 50 60.53 -33.31 23.54
C LYS D 50 60.47 -34.83 23.63
N GLY D 51 61.59 -35.48 23.35
CA GLY D 51 61.65 -36.94 23.36
C GLY D 51 61.33 -37.61 22.04
N ALA D 52 60.80 -36.87 21.06
CA ALA D 52 60.50 -37.43 19.74
C ALA D 52 61.76 -37.48 18.91
N ARG D 53 61.90 -38.56 18.16
CA ARG D 53 62.99 -38.75 17.22
C ARG D 53 62.36 -39.04 15.87
N VAL D 54 62.20 -37.98 15.08
CA VAL D 54 61.48 -38.01 13.82
C VAL D 54 62.42 -38.27 12.68
N ALA D 55 62.26 -39.40 12.00
CA ALA D 55 62.94 -39.66 10.73
C ALA D 55 62.00 -39.23 9.58
N GLY D 56 62.49 -38.33 8.75
CA GLY D 56 61.79 -37.87 7.58
C GLY D 56 62.42 -38.40 6.30
N CYS D 57 61.58 -38.79 5.35
CA CYS D 57 62.02 -39.08 3.99
C CYS D 57 61.17 -38.24 3.03
N LEU D 58 61.73 -37.14 2.54
CA LEU D 58 60.98 -36.09 1.87
C LEU D 58 61.97 -35.14 1.23
N HIS D 59 61.76 -34.90 -0.08
CA HIS D 59 62.60 -34.00 -0.90
C HIS D 59 63.32 -32.94 -0.06
N MET D 60 64.65 -32.98 -0.08
CA MET D 60 65.46 -32.10 0.77
C MET D 60 65.67 -30.73 0.14
N THR D 61 64.61 -29.94 0.15
CA THR D 61 64.57 -28.58 -0.40
C THR D 61 64.71 -27.52 0.66
N ILE D 62 64.80 -26.27 0.22
CA ILE D 62 64.74 -25.12 1.12
C ILE D 62 63.46 -25.14 1.96
N GLN D 63 62.37 -25.58 1.34
CA GLN D 63 61.08 -25.60 1.98
C GLN D 63 61.06 -26.64 3.09
N THR D 64 61.64 -27.80 2.78
CA THR D 64 61.77 -28.88 3.75
C THR D 64 62.67 -28.48 4.92
N ALA D 65 63.70 -27.69 4.65
CA ALA D 65 64.55 -27.18 5.73
C ALA D 65 63.72 -26.45 6.81
N VAL D 66 62.71 -25.69 6.39
CA VAL D 66 61.84 -24.96 7.31
C VAL D 66 60.97 -25.93 8.11
N LEU D 67 60.50 -26.99 7.47
CA LEU D 67 59.78 -28.06 8.17
C LEU D 67 60.68 -28.73 9.24
N ILE D 68 61.89 -29.13 8.81
CA ILE D 68 62.85 -29.76 9.72
C ILE D 68 63.03 -28.88 10.96
N GLU D 69 63.34 -27.60 10.74
CA GLU D 69 63.64 -26.71 11.86
C GLU D 69 62.41 -26.37 12.68
N THR D 70 61.22 -26.44 12.08
CA THR D 70 59.98 -26.35 12.84
C THR D 70 59.85 -27.51 13.82
N LEU D 71 60.08 -28.74 13.35
CA LEU D 71 60.05 -29.88 14.24
C LEU D 71 61.07 -29.75 15.38
N ILE D 72 62.28 -29.29 15.08
CA ILE D 72 63.31 -29.08 16.11
C ILE D 72 62.89 -28.00 17.14
N GLU D 73 62.29 -26.91 16.68
CA GLU D 73 61.80 -25.82 17.55
C GLU D 73 60.69 -26.32 18.48
N LEU D 74 59.95 -27.33 18.03
CA LEU D 74 58.93 -27.99 18.87
C LEU D 74 59.51 -29.03 19.82
N GLY D 75 60.83 -29.26 19.77
CA GLY D 75 61.54 -30.11 20.70
C GLY D 75 61.96 -31.45 20.15
N ALA D 76 61.70 -31.74 18.88
CA ALA D 76 62.05 -33.04 18.33
C ALA D 76 63.53 -33.14 17.98
N GLU D 77 64.09 -34.35 18.09
CA GLU D 77 65.29 -34.72 17.34
C GLU D 77 64.81 -35.11 15.95
N VAL D 78 65.61 -34.80 14.92
CA VAL D 78 65.22 -35.05 13.55
C VAL D 78 66.39 -35.60 12.74
N THR D 79 66.15 -36.67 11.99
CA THR D 79 67.07 -37.16 10.97
C THR D 79 66.34 -37.08 9.62
N TRP D 80 67.10 -37.02 8.52
CA TRP D 80 66.46 -36.79 7.23
C TRP D 80 67.19 -37.36 6.02
N SER D 81 66.40 -37.85 5.07
CA SER D 81 66.82 -38.14 3.71
C SER D 81 65.80 -37.61 2.71
N SER D 82 66.18 -37.60 1.45
CA SER D 82 65.30 -37.24 0.36
C SER D 82 64.56 -38.47 -0.14
N CYS D 83 63.33 -38.26 -0.64
CA CYS D 83 62.52 -39.33 -1.21
C CYS D 83 62.69 -39.43 -2.74
N ASN D 84 63.59 -38.63 -3.32
CA ASN D 84 63.88 -38.70 -4.75
C ASN D 84 65.36 -38.38 -5.01
N ILE D 85 65.94 -39.04 -6.01
CA ILE D 85 67.37 -38.92 -6.29
C ILE D 85 67.80 -37.58 -6.89
N PHE D 86 66.86 -36.82 -7.48
CA PHE D 86 67.18 -35.55 -8.12
C PHE D 86 66.55 -34.34 -7.44
N SER D 87 65.82 -34.53 -6.35
CA SER D 87 65.03 -33.43 -5.79
C SER D 87 65.75 -32.61 -4.72
N THR D 88 66.84 -33.12 -4.16
CA THR D 88 67.54 -32.36 -3.17
C THR D 88 68.09 -31.07 -3.74
N GLN D 89 67.97 -30.01 -2.94
N GLN D 89 67.94 -29.99 -2.98
CA GLN D 89 68.68 -28.76 -3.17
CA GLN D 89 68.66 -28.76 -3.22
C GLN D 89 69.91 -28.76 -2.27
C GLN D 89 69.89 -28.78 -2.28
N ASP D 90 71.09 -28.81 -2.87
CA ASP D 90 72.33 -29.04 -2.11
C ASP D 90 72.67 -27.96 -1.07
N HIS D 91 72.39 -26.71 -1.39
CA HIS D 91 72.48 -25.63 -0.41
C HIS D 91 71.51 -25.76 0.79
N ALA D 92 70.31 -26.28 0.56
CA ALA D 92 69.38 -26.58 1.65
C ALA D 92 69.94 -27.68 2.53
N ALA D 93 70.40 -28.76 1.91
CA ALA D 93 70.99 -29.87 2.66
C ALA D 93 72.20 -29.40 3.48
N ALA D 94 73.05 -28.59 2.85
CA ALA D 94 74.23 -28.07 3.48
C ALA D 94 73.88 -27.22 4.70
N ALA D 95 72.87 -26.37 4.58
CA ALA D 95 72.46 -25.53 5.72
C ALA D 95 72.01 -26.35 6.89
N ILE D 96 71.23 -27.38 6.60
CA ILE D 96 70.73 -28.31 7.63
C ILE D 96 71.89 -29.07 8.29
N ALA D 97 72.83 -29.55 7.49
CA ALA D 97 74.02 -30.23 8.03
C ALA D 97 74.86 -29.27 8.90
N ALA D 98 75.02 -28.03 8.42
CA ALA D 98 75.81 -27.03 9.16
C ALA D 98 75.18 -26.70 10.52
N ALA D 99 73.85 -26.83 10.63
CA ALA D 99 73.16 -26.67 11.91
C ALA D 99 73.30 -27.87 12.85
N GLY D 100 74.13 -28.85 12.51
CA GLY D 100 74.34 -30.02 13.35
C GLY D 100 73.34 -31.15 13.15
N ILE D 101 72.46 -31.04 12.14
CA ILE D 101 71.40 -32.02 11.96
C ILE D 101 71.85 -33.15 11.04
N SER D 102 71.43 -34.38 11.35
CA SER D 102 71.82 -35.55 10.58
C SER D 102 70.95 -35.68 9.33
N VAL D 103 71.48 -35.16 8.22
CA VAL D 103 70.81 -35.19 6.92
C VAL D 103 71.71 -35.98 5.92
N TYR D 104 71.08 -36.82 5.11
CA TYR D 104 71.79 -37.65 4.14
C TYR D 104 71.08 -37.47 2.81
N ALA D 105 71.57 -36.56 1.98
CA ALA D 105 70.85 -36.15 0.79
C ALA D 105 71.71 -35.28 -0.11
N TRP D 106 71.68 -35.61 -1.39
CA TRP D 106 72.25 -34.77 -2.42
C TRP D 106 71.61 -34.97 -3.81
N LYS D 107 71.71 -33.96 -4.65
CA LYS D 107 71.15 -34.03 -6.01
C LYS D 107 72.00 -34.99 -6.85
N GLY D 108 71.36 -35.98 -7.44
CA GLY D 108 72.04 -36.92 -8.34
C GLY D 108 72.59 -38.16 -7.66
N MET D 109 71.87 -38.69 -6.68
CA MET D 109 72.18 -40.00 -6.12
C MET D 109 71.85 -41.11 -7.10
N ASN D 110 72.44 -42.28 -6.86
CA ASN D 110 71.99 -43.52 -7.48
C ASN D 110 71.10 -44.25 -6.48
N GLU D 111 70.58 -45.41 -6.89
CA GLU D 111 69.60 -46.14 -6.08
C GLU D 111 70.20 -46.72 -4.80
N GLU D 112 71.41 -47.29 -4.89
CA GLU D 112 72.14 -47.79 -3.71
C GLU D 112 72.35 -46.65 -2.69
N GLU D 113 72.84 -45.51 -3.18
CA GLU D 113 73.01 -44.32 -2.32
C GLU D 113 71.69 -43.90 -1.64
N PHE D 114 70.62 -43.88 -2.44
CA PHE D 114 69.28 -43.53 -1.97
C PHE D 114 68.83 -44.38 -0.78
N ASP D 115 68.99 -45.68 -0.93
CA ASP D 115 68.61 -46.64 0.09
C ASP D 115 69.49 -46.51 1.37
N TRP D 116 70.81 -46.39 1.17
CA TRP D 116 71.75 -46.14 2.28
C TRP D 116 71.34 -44.91 3.12
N CYS D 117 71.02 -43.82 2.44
CA CYS D 117 70.62 -42.57 3.12
C CYS D 117 69.43 -42.76 4.04
N ILE D 118 68.43 -43.49 3.57
CA ILE D 118 67.26 -43.75 4.39
C ILE D 118 67.67 -44.56 5.61
N GLU D 119 68.51 -45.59 5.41
CA GLU D 119 68.96 -46.46 6.51
C GLU D 119 69.61 -45.67 7.66
N GLN D 120 70.44 -44.68 7.31
CA GLN D 120 71.14 -43.89 8.32
C GLN D 120 70.19 -43.13 9.26
N THR D 121 69.03 -42.71 8.72
CA THR D 121 68.06 -41.93 9.46
C THR D 121 67.35 -42.70 10.58
N LEU D 122 67.42 -44.02 10.54
CA LEU D 122 66.70 -44.85 11.53
C LEU D 122 67.29 -44.76 12.95
N PHE D 123 68.57 -44.43 13.06
CA PHE D 123 69.26 -44.32 14.36
C PHE D 123 69.84 -42.91 14.54
N PHE D 124 69.72 -42.39 15.78
CA PHE D 124 69.99 -40.99 16.11
C PHE D 124 71.24 -40.90 16.97
N GLY D 125 72.27 -40.20 16.49
CA GLY D 125 73.48 -39.97 17.21
C GLY D 125 74.39 -41.19 17.24
N GLU D 126 75.62 -40.98 17.74
CA GLU D 126 76.61 -42.07 17.80
C GLU D 126 76.15 -43.23 18.70
N ASP D 127 75.34 -42.89 19.70
CA ASP D 127 74.74 -43.87 20.61
C ASP D 127 73.50 -44.59 20.04
N ARG D 128 73.08 -44.26 18.82
CA ARG D 128 72.09 -45.04 18.05
C ARG D 128 70.70 -45.20 18.73
N LYS D 129 70.17 -44.12 19.27
CA LYS D 129 68.77 -44.15 19.76
C LYS D 129 67.84 -44.31 18.54
N PRO D 130 67.00 -45.36 18.51
CA PRO D 130 66.18 -45.55 17.29
C PRO D 130 65.07 -44.51 17.15
N LEU D 131 64.62 -44.32 15.90
CA LEU D 131 63.47 -43.46 15.61
C LEU D 131 62.24 -43.90 16.38
N ASN D 132 61.39 -42.94 16.73
CA ASN D 132 60.03 -43.24 17.25
C ASN D 132 58.89 -42.54 16.48
N MET D 133 59.19 -41.90 15.35
CA MET D 133 58.19 -41.28 14.47
C MET D 133 58.67 -41.37 13.05
N ILE D 134 57.71 -41.49 12.13
CA ILE D 134 57.97 -41.57 10.71
C ILE D 134 57.20 -40.46 10.01
N LEU D 135 57.91 -39.72 9.16
CA LEU D 135 57.33 -38.68 8.33
C LEU D 135 57.78 -39.00 6.91
N ASP D 136 56.84 -39.42 6.06
CA ASP D 136 57.18 -40.01 4.76
C ASP D 136 56.50 -39.33 3.58
N ASP D 137 57.11 -39.47 2.41
CA ASP D 137 56.61 -38.92 1.15
C ASP D 137 56.90 -39.92 0.05
N GLY D 138 55.92 -40.78 -0.19
CA GLY D 138 56.02 -41.85 -1.21
C GLY D 138 56.09 -43.25 -0.64
N GLY D 139 56.21 -43.39 0.68
CA GLY D 139 56.21 -44.70 1.32
C GLY D 139 57.53 -45.49 1.38
N ASP D 140 58.64 -44.94 0.89
CA ASP D 140 59.93 -45.65 0.86
C ASP D 140 60.55 -45.81 2.26
N LEU D 141 60.43 -44.80 3.12
CA LEU D 141 60.88 -44.92 4.52
C LEU D 141 60.03 -45.91 5.27
N THR D 142 58.72 -45.76 5.12
CA THR D 142 57.75 -46.69 5.71
C THR D 142 58.07 -48.14 5.33
N ASN D 143 58.29 -48.38 4.03
CA ASN D 143 58.67 -49.72 3.51
C ASN D 143 59.96 -50.21 4.16
N MET D 144 60.96 -49.34 4.26
CA MET D 144 62.20 -49.79 4.87
C MET D 144 62.02 -50.23 6.31
N VAL D 145 61.30 -49.46 7.11
CA VAL D 145 61.09 -49.84 8.50
C VAL D 145 60.24 -51.12 8.59
N LEU D 146 59.07 -51.14 7.94
CA LEU D 146 58.15 -52.28 8.11
C LEU D 146 58.67 -53.57 7.48
N ASP D 147 59.25 -53.50 6.28
CA ASP D 147 59.80 -54.67 5.58
C ASP D 147 61.20 -55.10 6.07
N ARG D 148 62.09 -54.16 6.39
CA ARG D 148 63.52 -54.50 6.70
C ARG D 148 64.02 -54.22 8.12
N PHE D 149 63.31 -53.41 8.91
CA PHE D 149 63.65 -53.16 10.33
C PHE D 149 62.42 -53.29 11.24
N PRO D 150 61.67 -54.41 11.14
CA PRO D 150 60.42 -54.55 11.92
C PRO D 150 60.60 -54.56 13.47
N GLU D 151 61.80 -54.86 13.95
CA GLU D 151 62.16 -54.72 15.38
C GLU D 151 61.93 -53.30 15.94
N LEU D 152 62.06 -52.30 15.06
CA LEU D 152 61.87 -50.90 15.44
C LEU D 152 60.41 -50.44 15.55
N VAL D 153 59.45 -51.24 15.06
CA VAL D 153 58.03 -50.82 15.02
C VAL D 153 57.45 -50.66 16.42
N LYS D 154 57.89 -51.49 17.38
CA LYS D 154 57.43 -51.44 18.78
C LYS D 154 57.44 -50.01 19.33
N ASP D 155 58.57 -49.32 19.21
CA ASP D 155 58.76 -47.99 19.83
C ASP D 155 58.27 -46.81 18.98
N ILE D 156 57.94 -47.07 17.71
CA ILE D 156 57.46 -46.02 16.82
C ILE D 156 55.97 -45.78 17.07
N ARG D 157 55.60 -44.51 17.21
CA ARG D 157 54.24 -44.14 17.57
C ARG D 157 53.30 -44.01 16.37
N GLY D 158 53.81 -43.50 15.24
CA GLY D 158 52.97 -43.30 14.05
C GLY D 158 53.70 -42.89 12.79
N ILE D 159 52.94 -42.82 11.70
CA ILE D 159 53.40 -42.40 10.38
C ILE D 159 52.57 -41.22 9.93
N SER D 160 53.18 -40.23 9.28
CA SER D 160 52.42 -39.26 8.50
C SER D 160 52.89 -39.37 7.05
N GLU D 161 51.95 -39.34 6.10
CA GLU D 161 52.25 -39.50 4.67
C GLU D 161 51.78 -38.33 3.78
N GLU D 162 52.68 -37.87 2.91
CA GLU D 162 52.55 -36.61 2.18
C GLU D 162 51.78 -36.74 0.86
N THR D 163 51.92 -37.86 0.14
CA THR D 163 51.55 -37.83 -1.30
C THR D 163 50.62 -38.98 -1.76
N THR D 164 49.91 -38.69 -2.85
CA THR D 164 48.87 -39.55 -3.40
C THR D 164 49.37 -40.99 -3.54
N THR D 165 50.59 -41.14 -4.06
CA THR D 165 51.20 -42.45 -4.29
C THR D 165 51.53 -43.21 -3.00
N GLY D 166 52.08 -42.51 -2.00
CA GLY D 166 52.34 -43.15 -0.71
C GLY D 166 51.09 -43.56 0.03
N VAL D 167 50.03 -42.76 -0.10
CA VAL D 167 48.73 -43.06 0.51
C VAL D 167 48.17 -44.37 -0.05
N LEU D 168 48.22 -44.50 -1.37
CA LEU D 168 47.78 -45.71 -2.08
C LEU D 168 48.52 -46.96 -1.54
N ARG D 169 49.83 -46.83 -1.35
CA ARG D 169 50.64 -47.92 -0.76
C ARG D 169 50.17 -48.29 0.67
N LEU D 170 49.86 -47.26 1.48
CA LEU D 170 49.34 -47.47 2.84
C LEU D 170 47.98 -48.15 2.84
N LYS D 171 47.08 -47.72 1.95
CA LYS D 171 45.75 -48.36 1.82
C LYS D 171 45.86 -49.83 1.35
N ASP D 172 46.86 -50.15 0.50
CA ASP D 172 47.15 -51.57 0.14
C ASP D 172 47.65 -52.38 1.34
N ARG D 173 48.50 -51.77 2.16
CA ARG D 173 48.97 -52.38 3.42
C ARG D 173 47.78 -52.62 4.39
N GLU D 174 46.87 -51.64 4.44
CA GLU D 174 45.65 -51.72 5.27
C GLU D 174 44.79 -52.92 4.84
N ARG D 175 44.53 -53.00 3.53
CA ARG D 175 43.82 -54.15 2.91
C ARG D 175 44.53 -55.49 3.16
N ASN D 176 45.83 -55.55 2.83
CA ASN D 176 46.66 -56.76 2.96
C ASN D 176 46.90 -57.22 4.41
N GLY D 177 46.72 -56.33 5.38
CA GLY D 177 46.96 -56.64 6.79
C GLY D 177 48.40 -56.48 7.25
N SER D 178 49.19 -55.69 6.54
CA SER D 178 50.60 -55.42 6.88
C SER D 178 50.84 -54.01 7.47
N LEU D 179 49.79 -53.18 7.56
CA LEU D 179 49.91 -51.86 8.23
C LEU D 179 49.89 -52.10 9.74
N VAL D 180 51.05 -51.96 10.38
CA VAL D 180 51.25 -52.31 11.79
C VAL D 180 51.52 -51.05 12.66
N LEU D 181 51.27 -49.87 12.08
CA LEU D 181 51.29 -48.59 12.78
C LEU D 181 50.09 -47.73 12.33
N PRO D 182 49.60 -46.83 13.23
CA PRO D 182 48.65 -45.82 12.76
C PRO D 182 49.30 -44.86 11.77
N ALA D 183 48.52 -44.38 10.81
CA ALA D 183 49.02 -43.46 9.81
C ALA D 183 48.04 -42.32 9.61
N ILE D 184 48.54 -41.10 9.52
CA ILE D 184 47.76 -39.95 9.11
C ILE D 184 48.10 -39.56 7.67
N ASN D 185 47.09 -39.66 6.80
CA ASN D 185 47.16 -39.22 5.39
C ASN D 185 46.89 -37.73 5.33
N ILE D 186 47.95 -36.96 5.15
CA ILE D 186 47.83 -35.51 4.93
C ILE D 186 47.77 -35.13 3.46
N ASN D 187 47.93 -36.08 2.53
CA ASN D 187 47.74 -35.74 1.09
C ASN D 187 46.34 -35.23 0.88
N ASP D 188 45.37 -35.92 1.49
CA ASP D 188 43.95 -35.58 1.37
C ASP D 188 43.39 -34.61 2.41
N SER D 189 44.25 -33.85 3.11
CA SER D 189 43.80 -32.59 3.64
C SER D 189 43.37 -31.75 2.42
N VAL D 190 42.27 -31.04 2.56
CA VAL D 190 41.82 -30.14 1.49
C VAL D 190 42.92 -29.14 1.17
N THR D 191 43.48 -28.54 2.23
CA THR D 191 44.57 -27.56 2.13
C THR D 191 45.88 -28.12 1.61
N LYS D 192 45.95 -29.43 1.37
CA LYS D 192 47.07 -30.02 0.65
C LYS D 192 46.68 -30.33 -0.79
N SER D 193 45.84 -31.36 -1.02
CA SER D 193 45.47 -31.80 -2.38
C SER D 193 44.96 -30.69 -3.35
N LYS D 194 44.09 -29.83 -2.85
CA LYS D 194 43.48 -28.78 -3.67
C LYS D 194 44.38 -27.54 -3.82
N PHE D 195 45.57 -27.56 -3.22
CA PHE D 195 46.48 -26.42 -3.28
C PHE D 195 47.87 -26.82 -3.76
N ASP D 196 48.54 -27.66 -2.99
CA ASP D 196 49.85 -28.19 -3.36
C ASP D 196 49.82 -28.87 -4.74
N ASN D 197 48.99 -29.88 -4.90
CA ASN D 197 49.00 -30.69 -6.13
C ASN D 197 48.58 -29.81 -7.32
N LYS D 198 47.60 -28.96 -7.11
CA LYS D 198 47.10 -28.11 -8.18
C LYS D 198 47.93 -26.83 -8.38
N TYR D 199 47.87 -25.90 -7.43
CA TYR D 199 48.56 -24.63 -7.61
C TYR D 199 50.07 -24.79 -7.60
N GLY D 200 50.58 -25.76 -6.85
CA GLY D 200 52.01 -26.02 -6.82
C GLY D 200 52.54 -26.42 -8.20
N CYS D 201 51.92 -27.39 -8.82
CA CYS D 201 52.31 -27.79 -10.18
C CYS D 201 52.10 -26.68 -11.21
N LYS D 202 51.05 -25.89 -11.01
CA LYS D 202 50.88 -24.69 -11.83
C LYS D 202 52.12 -23.74 -11.77
N GLU D 203 52.68 -23.61 -10.60
CA GLU D 203 53.84 -22.73 -10.40
C GLU D 203 55.11 -23.33 -10.94
N SER D 204 55.30 -24.65 -10.80
CA SER D 204 56.62 -25.25 -11.00
C SER D 204 56.81 -26.11 -12.27
N LEU D 205 55.72 -26.51 -12.95
CA LEU D 205 55.86 -27.34 -14.14
C LEU D 205 56.58 -26.57 -15.24
N VAL D 206 55.97 -25.46 -15.68
CA VAL D 206 56.55 -24.65 -16.74
C VAL D 206 57.95 -24.14 -16.36
N ASP D 207 58.09 -23.69 -15.12
CA ASP D 207 59.38 -23.28 -14.57
C ASP D 207 60.46 -24.32 -14.93
N SER D 208 60.20 -25.58 -14.58
CA SER D 208 61.17 -26.64 -14.80
C SER D 208 61.48 -26.92 -16.28
N ILE D 209 60.45 -26.88 -17.12
CA ILE D 209 60.66 -27.04 -18.55
C ILE D 209 61.48 -25.89 -19.14
N ARG D 210 61.24 -24.67 -18.65
CA ARG D 210 62.00 -23.52 -19.13
C ARG D 210 63.45 -23.59 -18.74
N ARG D 211 63.73 -23.93 -17.48
CA ARG D 211 65.12 -24.03 -17.02
C ARG D 211 65.90 -25.11 -17.80
N ALA D 212 65.23 -26.22 -18.06
CA ALA D 212 65.87 -27.32 -18.76
C ALA D 212 66.13 -27.04 -20.24
N THR D 213 65.16 -26.40 -20.91
CA THR D 213 65.14 -26.32 -22.38
C THR D 213 65.09 -24.93 -22.97
N ASP D 214 64.66 -23.93 -22.20
CA ASP D 214 64.46 -22.58 -22.71
C ASP D 214 63.54 -22.49 -23.96
N VAL D 215 62.62 -23.43 -24.10
CA VAL D 215 61.72 -23.44 -25.23
C VAL D 215 60.65 -22.35 -25.15
N MET D 216 60.35 -21.74 -26.28
CA MET D 216 59.18 -20.86 -26.43
C MET D 216 57.91 -21.67 -26.21
N MET D 217 57.05 -21.23 -25.31
CA MET D 217 55.79 -21.92 -25.01
C MET D 217 54.70 -21.49 -25.98
N ALA D 218 54.62 -20.20 -26.27
CA ALA D 218 53.63 -19.69 -27.23
C ALA D 218 53.93 -20.28 -28.63
N GLY D 219 52.88 -20.79 -29.26
CA GLY D 219 52.99 -21.47 -30.54
C GLY D 219 53.08 -22.97 -30.41
N LYS D 220 53.41 -23.49 -29.21
CA LYS D 220 53.52 -24.93 -29.01
C LYS D 220 52.24 -25.55 -28.55
N VAL D 221 52.17 -26.86 -28.80
CA VAL D 221 51.12 -27.75 -28.35
C VAL D 221 51.71 -28.69 -27.33
N ALA D 222 51.04 -28.85 -26.20
CA ALA D 222 51.50 -29.76 -25.19
C ALA D 222 50.42 -30.75 -24.85
N VAL D 223 50.83 -31.98 -24.54
CA VAL D 223 49.93 -32.97 -24.05
C VAL D 223 50.20 -33.20 -22.58
N VAL D 224 49.14 -33.16 -21.79
CA VAL D 224 49.17 -33.51 -20.38
C VAL D 224 48.36 -34.77 -20.21
N ALA D 225 49.01 -35.85 -19.77
CA ALA D 225 48.28 -37.07 -19.45
C ALA D 225 47.79 -37.04 -18.02
N GLY D 226 46.48 -37.11 -17.85
CA GLY D 226 45.87 -37.06 -16.53
C GLY D 226 45.30 -35.69 -16.21
N TYR D 227 44.16 -35.71 -15.54
CA TYR D 227 43.45 -34.47 -15.15
C TYR D 227 42.85 -34.60 -13.76
N GLY D 228 43.62 -35.21 -12.87
CA GLY D 228 43.44 -35.07 -11.42
C GLY D 228 44.00 -33.70 -11.02
N ASP D 229 44.32 -33.55 -9.76
CA ASP D 229 44.82 -32.27 -9.25
C ASP D 229 46.15 -31.87 -9.88
N VAL D 230 47.05 -32.84 -10.05
CA VAL D 230 48.34 -32.56 -10.68
C VAL D 230 48.19 -32.18 -12.15
N GLY D 231 47.40 -32.95 -12.89
CA GLY D 231 47.10 -32.63 -14.27
C GLY D 231 46.38 -31.31 -14.48
N LYS D 232 45.43 -31.00 -13.61
CA LYS D 232 44.73 -29.70 -13.68
C LYS D 232 45.74 -28.55 -13.56
N GLY D 233 46.64 -28.64 -12.59
CA GLY D 233 47.64 -27.63 -12.36
C GLY D 233 48.68 -27.57 -13.47
N SER D 234 49.02 -28.74 -14.02
CA SER D 234 49.98 -28.81 -15.12
C SER D 234 49.44 -28.17 -16.39
N ALA D 235 48.21 -28.51 -16.73
CA ALA D 235 47.53 -27.85 -17.86
C ALA D 235 47.49 -26.33 -17.67
N ALA D 236 47.13 -25.90 -16.48
CA ALA D 236 47.06 -24.47 -16.19
C ALA D 236 48.46 -23.82 -16.28
N SER D 237 49.52 -24.52 -15.86
CA SER D 237 50.87 -23.99 -15.97
C SER D 237 51.18 -23.68 -17.44
N LEU D 238 50.95 -24.66 -18.30
CA LEU D 238 51.21 -24.57 -19.73
C LEU D 238 50.35 -23.51 -20.43
N ARG D 239 49.07 -23.53 -20.16
CA ARG D 239 48.16 -22.57 -20.78
C ARG D 239 48.53 -21.14 -20.35
N GLY D 240 48.82 -20.95 -19.07
CA GLY D 240 49.19 -19.63 -18.57
C GLY D 240 50.45 -19.09 -19.26
N ALA D 241 51.35 -20.00 -19.64
CA ALA D 241 52.56 -19.62 -20.38
C ALA D 241 52.34 -19.47 -21.88
N GLY D 242 51.15 -19.84 -22.38
CA GLY D 242 50.82 -19.63 -23.79
C GLY D 242 50.81 -20.89 -24.66
N ALA D 243 51.14 -22.05 -24.10
CA ALA D 243 51.00 -23.32 -24.82
C ALA D 243 49.50 -23.69 -24.92
N ARG D 244 49.18 -24.42 -25.99
CA ARG D 244 47.87 -25.00 -26.23
C ARG D 244 47.96 -26.43 -25.72
N VAL D 245 47.00 -26.85 -24.90
CA VAL D 245 47.08 -28.11 -24.19
C VAL D 245 46.02 -29.07 -24.63
N ILE D 246 46.45 -30.30 -24.89
CA ILE D 246 45.54 -31.43 -25.13
C ILE D 246 45.66 -32.35 -23.94
N VAL D 247 44.53 -32.77 -23.39
CA VAL D 247 44.52 -33.61 -22.22
C VAL D 247 44.18 -35.06 -22.59
N THR D 248 44.80 -36.03 -21.89
CA THR D 248 44.36 -37.43 -21.97
C THR D 248 43.81 -37.83 -20.62
N GLU D 249 42.83 -38.72 -20.64
CA GLU D 249 42.22 -39.25 -19.43
C GLU D 249 41.56 -40.59 -19.70
N ILE D 250 41.37 -41.31 -18.59
CA ILE D 250 40.60 -42.55 -18.53
C ILE D 250 39.30 -42.38 -17.75
N ASP D 251 39.20 -41.29 -16.96
CA ASP D 251 38.06 -41.08 -16.09
C ASP D 251 37.12 -40.09 -16.81
N PRO D 252 35.90 -40.52 -17.15
CA PRO D 252 34.98 -39.65 -17.88
C PRO D 252 34.62 -38.35 -17.18
N ILE D 253 34.55 -38.35 -15.86
CA ILE D 253 34.28 -37.12 -15.13
C ILE D 253 35.45 -36.14 -15.25
N CYS D 254 36.66 -36.62 -14.97
CA CYS D 254 37.83 -35.75 -15.10
C CYS D 254 37.99 -35.28 -16.55
N ALA D 255 37.71 -36.15 -17.53
CA ALA D 255 37.77 -35.73 -18.93
C ALA D 255 36.77 -34.61 -19.23
N LEU D 256 35.54 -34.74 -18.71
CA LEU D 256 34.51 -33.75 -18.95
C LEU D 256 34.90 -32.43 -18.26
N GLN D 257 35.56 -32.50 -17.11
CA GLN D 257 36.10 -31.28 -16.49
C GLN D 257 37.06 -30.60 -17.44
N ALA D 258 37.99 -31.36 -17.99
CA ALA D 258 39.00 -30.77 -18.88
C ALA D 258 38.35 -30.09 -20.08
N ALA D 259 37.35 -30.78 -20.63
CA ALA D 259 36.62 -30.23 -21.78
C ALA D 259 35.92 -28.93 -21.40
N MET D 260 35.25 -28.92 -20.25
CA MET D 260 34.59 -27.72 -19.77
C MET D 260 35.58 -26.60 -19.49
N ASP D 261 36.80 -26.94 -19.04
CA ASP D 261 37.86 -25.94 -18.81
C ASP D 261 38.52 -25.47 -20.09
N GLY D 262 38.08 -25.96 -21.25
CA GLY D 262 38.49 -25.45 -22.53
C GLY D 262 39.53 -26.28 -23.25
N TYR D 263 39.83 -27.49 -22.77
CA TYR D 263 40.90 -28.32 -23.36
C TYR D 263 40.35 -29.39 -24.26
N GLU D 264 40.97 -29.56 -25.43
CA GLU D 264 40.74 -30.75 -26.24
C GLU D 264 41.18 -32.01 -25.48
N VAL D 265 40.39 -33.08 -25.62
CA VAL D 265 40.69 -34.34 -24.94
C VAL D 265 40.70 -35.50 -25.95
N LYS D 266 41.84 -36.15 -26.08
CA LYS D 266 42.06 -37.21 -27.05
C LYS D 266 42.89 -38.33 -26.45
N LYS D 267 42.85 -39.48 -27.11
CA LYS D 267 43.71 -40.61 -26.77
C LYS D 267 45.16 -40.28 -27.05
N MET D 268 46.05 -40.81 -26.21
CA MET D 268 47.48 -40.50 -26.33
C MET D 268 48.03 -40.83 -27.70
N ALA D 269 47.60 -41.95 -28.29
CA ALA D 269 48.05 -42.40 -29.62
C ALA D 269 47.84 -41.30 -30.64
N ASP D 270 46.73 -40.57 -30.53
CA ASP D 270 46.46 -39.43 -31.41
C ASP D 270 47.15 -38.18 -30.93
N ALA D 271 46.99 -37.87 -29.65
CA ALA D 271 47.54 -36.61 -29.10
C ALA D 271 49.04 -36.47 -29.30
N VAL D 272 49.78 -37.58 -29.13
CA VAL D 272 51.24 -37.50 -29.11
C VAL D 272 51.82 -37.09 -30.45
N LYS D 273 51.12 -37.38 -31.54
CA LYS D 273 51.56 -36.99 -32.87
C LYS D 273 51.62 -35.47 -33.05
N ARG D 274 50.79 -34.75 -32.29
CA ARG D 274 50.71 -33.30 -32.38
C ARG D 274 51.58 -32.53 -31.35
N ALA D 275 52.25 -33.27 -30.47
CA ALA D 275 52.86 -32.68 -29.28
C ALA D 275 54.27 -32.14 -29.50
N ASP D 276 54.48 -30.87 -29.13
CA ASP D 276 55.81 -30.30 -28.98
C ASP D 276 56.36 -30.67 -27.59
N ILE D 277 55.46 -30.90 -26.64
CA ILE D 277 55.80 -31.12 -25.23
C ILE D 277 54.84 -32.18 -24.71
N VAL D 278 55.36 -33.12 -23.92
CA VAL D 278 54.55 -34.17 -23.30
C VAL D 278 54.81 -34.22 -21.79
N VAL D 279 53.74 -34.20 -21.02
CA VAL D 279 53.84 -34.24 -19.56
C VAL D 279 52.96 -35.30 -19.00
N THR D 280 53.53 -36.23 -18.24
CA THR D 280 52.75 -37.27 -17.62
C THR D 280 52.41 -36.88 -16.18
N ALA D 281 51.13 -37.03 -15.83
CA ALA D 281 50.64 -36.56 -14.53
C ALA D 281 49.59 -37.51 -13.93
N THR D 282 49.79 -38.82 -14.08
CA THR D 282 48.76 -39.81 -13.75
C THR D 282 48.91 -40.56 -12.45
N GLY D 283 50.15 -40.74 -11.98
CA GLY D 283 50.41 -41.70 -10.90
C GLY D 283 50.28 -43.15 -11.34
N ASN D 284 50.19 -43.40 -12.64
CA ASN D 284 50.01 -44.74 -13.21
C ASN D 284 51.28 -45.08 -13.98
N LYS D 285 51.34 -46.27 -14.57
CA LYS D 285 52.52 -46.71 -15.33
C LYS D 285 52.23 -46.81 -16.83
N ASN D 286 53.28 -46.73 -17.63
CA ASN D 286 53.22 -47.00 -19.07
C ASN D 286 52.27 -46.06 -19.80
N ILE D 287 52.39 -44.77 -19.48
CA ILE D 287 51.63 -43.73 -20.14
C ILE D 287 52.25 -43.41 -21.49
N ILE D 288 53.59 -43.40 -21.55
CA ILE D 288 54.34 -43.20 -22.79
C ILE D 288 55.21 -44.46 -23.02
N THR D 289 54.97 -45.15 -24.14
CA THR D 289 55.57 -46.43 -24.47
C THR D 289 56.30 -46.26 -25.80
N GLY D 290 56.88 -47.36 -26.30
CA GLY D 290 57.61 -47.39 -27.57
C GLY D 290 56.81 -46.90 -28.77
N GLU D 291 55.56 -47.34 -28.87
CA GLU D 291 54.67 -46.88 -29.93
C GLU D 291 54.50 -45.35 -29.89
N HIS D 292 54.45 -44.78 -28.69
CA HIS D 292 54.32 -43.33 -28.58
C HIS D 292 55.61 -42.64 -29.04
N PHE D 293 56.76 -43.14 -28.56
CA PHE D 293 58.05 -42.58 -28.92
C PHE D 293 58.27 -42.55 -30.45
N LYS D 294 57.92 -43.63 -31.13
CA LYS D 294 58.09 -43.73 -32.59
C LYS D 294 57.20 -42.75 -33.37
N ALA D 295 56.08 -42.35 -32.76
CA ALA D 295 55.12 -41.43 -33.37
C ALA D 295 55.42 -39.94 -33.12
N MET D 296 56.50 -39.61 -32.40
CA MET D 296 56.68 -38.24 -31.94
C MET D 296 57.38 -37.36 -32.98
N ARG D 297 57.12 -36.07 -32.87
CA ARG D 297 57.82 -35.03 -33.63
C ARG D 297 59.26 -34.89 -33.17
N ASP D 298 60.11 -34.43 -34.08
CA ASP D 298 61.50 -34.14 -33.79
C ASP D 298 61.68 -33.10 -32.68
N LYS D 299 62.54 -33.42 -31.71
CA LYS D 299 62.86 -32.58 -30.55
C LYS D 299 61.68 -32.27 -29.62
N VAL D 300 60.70 -33.14 -29.63
CA VAL D 300 59.69 -33.16 -28.60
C VAL D 300 60.36 -33.22 -27.21
N ILE D 301 59.79 -32.50 -26.26
CA ILE D 301 60.27 -32.49 -24.88
C ILE D 301 59.33 -33.36 -24.05
N VAL D 302 59.84 -34.42 -23.44
CA VAL D 302 59.05 -35.38 -22.70
C VAL D 302 59.48 -35.40 -21.23
N CYS D 303 58.51 -35.30 -20.33
CA CYS D 303 58.78 -35.27 -18.90
C CYS D 303 57.62 -35.78 -18.09
N ASN D 304 57.90 -35.99 -16.81
CA ASN D 304 56.94 -36.59 -15.89
C ASN D 304 56.85 -35.76 -14.60
N ILE D 305 55.63 -35.45 -14.15
CA ILE D 305 55.40 -34.77 -12.88
C ILE D 305 54.61 -35.61 -11.85
N GLY D 306 54.33 -36.87 -12.17
CA GLY D 306 53.80 -37.84 -11.19
C GLY D 306 54.92 -38.38 -10.34
N HIS D 307 54.61 -38.95 -9.18
CA HIS D 307 55.66 -39.26 -8.14
C HIS D 307 56.82 -40.23 -8.58
N PHE D 308 56.53 -41.24 -9.42
CA PHE D 308 57.59 -42.19 -9.84
C PHE D 308 57.81 -42.14 -11.34
N ASP D 309 59.01 -42.62 -11.75
CA ASP D 309 59.49 -42.69 -13.17
C ASP D 309 59.01 -43.86 -14.07
N ASN D 310 58.02 -44.60 -13.57
CA ASN D 310 57.16 -45.48 -14.32
C ASN D 310 56.31 -44.98 -15.46
N GLU D 311 55.95 -43.70 -15.39
CA GLU D 311 54.92 -43.16 -16.28
C GLU D 311 55.44 -43.19 -17.70
N ILE D 312 56.73 -42.91 -17.86
CA ILE D 312 57.41 -42.97 -19.14
C ILE D 312 58.22 -44.25 -19.15
N ASP D 313 58.19 -44.98 -20.25
CA ASP D 313 58.89 -46.26 -20.32
C ASP D 313 60.37 -46.01 -20.65
N MET D 314 61.10 -45.53 -19.65
CA MET D 314 62.53 -45.25 -19.77
C MET D 314 63.36 -46.51 -20.01
N ALA D 315 63.00 -47.62 -19.36
CA ALA D 315 63.66 -48.91 -19.63
C ALA D 315 63.64 -49.24 -21.13
N TRP D 316 62.48 -49.11 -21.78
CA TRP D 316 62.41 -49.33 -23.23
C TRP D 316 63.29 -48.35 -24.02
N LEU D 317 63.21 -47.07 -23.65
CA LEU D 317 63.96 -46.02 -24.37
C LEU D 317 65.48 -46.25 -24.26
N ASN D 318 65.94 -46.55 -23.06
CA ASN D 318 67.36 -46.84 -22.84
C ASN D 318 67.83 -48.12 -23.49
N LYS D 319 67.05 -49.20 -23.38
CA LYS D 319 67.44 -50.46 -24.03
C LYS D 319 67.52 -50.31 -25.55
N THR D 320 66.52 -49.67 -26.15
CA THR D 320 66.38 -49.63 -27.59
C THR D 320 67.22 -48.55 -28.29
N TYR D 321 67.32 -47.35 -27.68
CA TYR D 321 68.04 -46.22 -28.31
C TYR D 321 69.09 -45.56 -27.41
N GLY D 322 69.45 -46.23 -26.30
CA GLY D 322 70.46 -45.77 -25.37
C GLY D 322 71.83 -45.49 -25.96
N SER D 323 72.23 -46.29 -26.94
CA SER D 323 73.48 -46.05 -27.65
C SER D 323 73.57 -44.68 -28.34
N THR D 324 72.44 -44.06 -28.68
CA THR D 324 72.42 -42.72 -29.29
C THR D 324 72.38 -41.56 -28.29
N LYS D 325 72.27 -41.86 -27.00
CA LYS D 325 71.99 -40.87 -25.98
C LYS D 325 73.11 -39.83 -25.86
N VAL D 326 72.71 -38.57 -25.79
CA VAL D 326 73.63 -37.46 -25.63
C VAL D 326 73.06 -36.59 -24.52
N THR D 327 73.87 -36.29 -23.51
CA THR D 327 73.50 -35.40 -22.42
C THR D 327 73.87 -33.97 -22.83
N VAL D 328 72.86 -33.09 -22.85
CA VAL D 328 73.06 -31.68 -23.16
C VAL D 328 73.65 -31.04 -21.92
N LYS D 329 73.01 -31.26 -20.80
CA LYS D 329 73.48 -30.83 -19.47
C LYS D 329 72.76 -31.72 -18.46
N PRO D 330 73.14 -31.66 -17.18
CA PRO D 330 72.52 -32.60 -16.24
C PRO D 330 70.98 -32.57 -16.26
N GLN D 331 70.38 -33.75 -16.35
CA GLN D 331 68.93 -33.96 -16.41
C GLN D 331 68.26 -33.48 -17.73
N VAL D 332 69.04 -33.28 -18.80
CA VAL D 332 68.49 -33.03 -20.12
C VAL D 332 69.23 -33.93 -21.12
N ASP D 333 68.58 -35.04 -21.49
CA ASP D 333 69.14 -36.08 -22.34
C ASP D 333 68.37 -36.12 -23.68
N ILE D 334 69.10 -36.28 -24.79
CA ILE D 334 68.52 -36.42 -26.12
C ILE D 334 68.76 -37.83 -26.65
N TYR D 335 67.68 -38.48 -27.10
CA TYR D 335 67.73 -39.79 -27.76
C TYR D 335 67.30 -39.66 -29.21
N ASN D 336 67.98 -40.39 -30.08
CA ASN D 336 67.62 -40.45 -31.49
C ASN D 336 66.75 -41.69 -31.71
N VAL D 337 65.44 -41.50 -31.77
CA VAL D 337 64.49 -42.56 -32.00
C VAL D 337 64.16 -42.59 -33.49
N ASP D 338 64.86 -43.44 -34.24
CA ASP D 338 64.60 -43.67 -35.67
C ASP D 338 64.69 -42.38 -36.49
N GLY D 339 65.68 -41.53 -36.21
CA GLY D 339 65.89 -40.31 -37.00
C GLY D 339 65.14 -39.07 -36.54
N HIS D 340 64.34 -39.18 -35.46
CA HIS D 340 63.76 -38.00 -34.84
C HIS D 340 64.15 -37.98 -33.34
N ASP D 341 64.58 -36.82 -32.86
CA ASP D 341 65.08 -36.67 -31.48
C ASP D 341 63.98 -36.61 -30.44
N VAL D 342 64.24 -37.25 -29.30
CA VAL D 342 63.35 -37.17 -28.14
C VAL D 342 64.20 -36.58 -26.99
N ILE D 343 63.72 -35.48 -26.41
CA ILE D 343 64.40 -34.83 -25.29
C ILE D 343 63.73 -35.31 -24.02
N ILE D 344 64.49 -35.95 -23.13
CA ILE D 344 63.99 -36.43 -21.85
C ILE D 344 64.52 -35.56 -20.72
N LEU D 345 63.62 -35.11 -19.84
CA LEU D 345 64.00 -34.34 -18.67
C LEU D 345 64.03 -35.21 -17.42
N ALA D 346 65.09 -35.00 -16.66
CA ALA D 346 65.30 -35.65 -15.36
C ALA D 346 65.18 -37.17 -15.39
N GLU D 347 65.59 -37.77 -16.52
CA GLU D 347 65.44 -39.22 -16.71
C GLU D 347 64.03 -39.73 -16.42
N GLY D 348 63.02 -38.90 -16.72
CA GLY D 348 61.64 -39.27 -16.41
C GLY D 348 61.18 -39.23 -14.97
N ARG D 349 61.97 -38.63 -14.09
CA ARG D 349 61.59 -38.46 -12.68
C ARG D 349 60.98 -37.07 -12.48
N LEU D 350 60.31 -36.87 -11.34
CA LEU D 350 59.60 -35.61 -11.05
C LEU D 350 60.31 -34.41 -11.61
N VAL D 351 59.74 -33.84 -12.67
CA VAL D 351 60.42 -32.80 -13.43
C VAL D 351 60.51 -31.45 -12.69
N ASN D 352 59.47 -31.11 -11.92
CA ASN D 352 59.47 -29.83 -11.22
C ASN D 352 60.61 -29.76 -10.18
N LEU D 353 60.82 -30.85 -9.44
CA LEU D 353 61.89 -30.94 -8.47
C LEU D 353 63.25 -31.28 -9.09
N GLY D 354 63.24 -32.05 -10.18
CA GLY D 354 64.49 -32.50 -10.82
C GLY D 354 65.18 -31.46 -11.69
N CYS D 355 64.41 -30.62 -12.39
CA CYS D 355 64.94 -29.58 -13.27
C CYS D 355 64.75 -28.13 -12.80
N ALA D 356 63.99 -27.91 -11.73
CA ALA D 356 63.92 -26.59 -11.07
C ALA D 356 63.94 -26.81 -9.56
N THR D 357 63.07 -26.16 -8.78
CA THR D 357 63.17 -26.26 -7.32
C THR D 357 61.88 -26.76 -6.69
N GLY D 358 61.03 -27.39 -7.48
CA GLY D 358 59.69 -27.77 -7.00
C GLY D 358 58.78 -26.59 -6.65
N HIS D 359 57.75 -26.88 -5.85
CA HIS D 359 56.74 -25.91 -5.54
C HIS D 359 57.35 -24.77 -4.73
N PRO D 360 56.79 -23.55 -4.85
CA PRO D 360 57.30 -22.45 -4.02
C PRO D 360 56.92 -22.56 -2.53
N SER D 361 57.65 -21.83 -1.70
CA SER D 361 57.51 -21.92 -0.25
C SER D 361 56.08 -21.69 0.24
N PHE D 362 55.38 -20.70 -0.30
CA PHE D 362 54.04 -20.36 0.18
C PHE D 362 53.07 -21.54 0.19
N VAL D 363 52.99 -22.29 -0.91
CA VAL D 363 52.10 -23.46 -0.95
C VAL D 363 52.65 -24.64 -0.10
N MET D 364 53.96 -24.85 -0.06
CA MET D 364 54.50 -25.90 0.80
C MET D 364 54.25 -25.65 2.28
N SER D 365 54.09 -24.38 2.66
CA SER D 365 53.77 -24.04 4.04
C SER D 365 52.45 -24.69 4.46
N SER D 366 51.49 -24.78 3.56
CA SER D 366 50.23 -25.46 3.85
C SER D 366 50.42 -26.94 4.04
N SER D 367 51.11 -27.58 3.11
CA SER D 367 51.36 -29.03 3.17
C SER D 367 52.13 -29.41 4.43
N PHE D 368 53.15 -28.60 4.73
CA PHE D 368 54.03 -28.88 5.86
C PHE D 368 53.41 -28.49 7.20
N SER D 369 52.53 -27.49 7.21
CA SER D 369 51.70 -27.21 8.39
C SER D 369 50.85 -28.43 8.68
N ASN D 370 50.25 -29.04 7.66
CA ASN D 370 49.50 -30.29 7.90
C ASN D 370 50.41 -31.39 8.49
N GLN D 371 51.63 -31.52 7.97
CA GLN D 371 52.58 -32.51 8.49
C GLN D 371 52.88 -32.33 9.98
N VAL D 372 53.14 -31.10 10.40
CA VAL D 372 53.51 -30.84 11.78
C VAL D 372 52.34 -31.18 12.69
N ILE D 373 51.14 -30.74 12.28
CA ILE D 373 49.90 -31.02 13.02
C ILE D 373 49.71 -32.54 13.17
N ALA D 374 49.96 -33.28 12.10
CA ALA D 374 49.85 -34.76 12.17
C ALA D 374 50.88 -35.40 13.10
N GLN D 375 52.11 -34.89 13.07
CA GLN D 375 53.18 -35.39 13.96
C GLN D 375 52.86 -35.11 15.42
N LEU D 376 52.40 -33.89 15.70
CA LEU D 376 51.92 -33.53 17.03
C LEU D 376 50.84 -34.49 17.52
N GLU D 377 49.88 -34.77 16.64
CA GLU D 377 48.70 -35.56 16.99
C GLU D 377 49.08 -37.01 17.28
N LEU D 378 49.90 -37.62 16.43
CA LEU D 378 50.36 -38.98 16.69
C LEU D 378 51.30 -39.05 17.90
N TRP D 379 52.20 -38.06 18.05
CA TRP D 379 53.15 -38.11 19.17
C TRP D 379 52.41 -38.12 20.51
N GLU D 380 51.47 -37.19 20.66
CA GLU D 380 50.65 -37.06 21.87
C GLU D 380 49.59 -38.15 22.04
N ASN D 381 48.91 -38.52 20.96
CA ASN D 381 47.68 -39.34 21.03
C ASN D 381 47.70 -40.69 20.28
N SER D 382 48.86 -41.19 19.87
CA SER D 382 48.95 -42.45 19.07
C SER D 382 48.17 -43.61 19.66
N SER D 383 48.10 -43.72 20.99
CA SER D 383 47.39 -44.83 21.62
C SER D 383 45.88 -44.86 21.29
N LYS D 384 45.28 -43.70 21.04
CA LYS D 384 43.86 -43.63 20.66
C LYS D 384 43.58 -44.00 19.19
N TYR D 385 44.61 -44.41 18.44
CA TYR D 385 44.48 -44.75 17.01
C TYR D 385 44.68 -46.23 16.74
N GLU D 386 43.91 -46.76 15.80
CA GLU D 386 44.10 -48.13 15.29
C GLU D 386 45.17 -48.07 14.20
N ASN D 387 45.68 -49.23 13.80
CA ASN D 387 46.63 -49.32 12.70
C ASN D 387 45.91 -49.19 11.35
N LYS D 388 45.50 -47.97 11.04
CA LYS D 388 44.65 -47.65 9.89
C LYS D 388 45.05 -46.28 9.39
N VAL D 389 44.61 -45.92 8.19
CA VAL D 389 44.90 -44.62 7.62
C VAL D 389 43.79 -43.66 8.04
N TYR D 390 44.17 -42.49 8.56
CA TYR D 390 43.23 -41.47 9.02
C TYR D 390 43.49 -40.22 8.25
N THR D 391 42.51 -39.33 8.24
CA THR D 391 42.69 -37.97 7.76
C THR D 391 42.45 -36.98 8.89
N LEU D 392 42.93 -35.75 8.75
CA LEU D 392 42.77 -34.76 9.82
C LEU D 392 41.35 -34.20 9.82
N PRO D 393 40.82 -33.83 11.01
CA PRO D 393 39.48 -33.20 11.03
C PRO D 393 39.47 -31.86 10.26
N LYS D 394 38.32 -31.52 9.72
CA LYS D 394 38.20 -30.31 8.92
C LYS D 394 38.56 -29.02 9.68
N SER D 395 38.31 -28.98 10.98
CA SER D 395 38.66 -27.81 11.81
C SER D 395 40.15 -27.48 11.71
N LEU D 396 41.01 -28.50 11.67
CA LEU D 396 42.47 -28.32 11.52
C LEU D 396 42.84 -27.94 10.08
N ASP D 397 42.17 -28.55 9.10
CA ASP D 397 42.30 -28.18 7.70
C ASP D 397 41.96 -26.70 7.46
N GLU D 398 40.89 -26.22 8.09
CA GLU D 398 40.51 -24.80 8.04
C GLU D 398 41.52 -23.89 8.72
N LYS D 399 42.01 -24.31 9.89
CA LYS D 399 43.07 -23.58 10.60
C LYS D 399 44.28 -23.36 9.72
N VAL D 400 44.74 -24.41 9.03
CA VAL D 400 45.89 -24.29 8.15
C VAL D 400 45.67 -23.17 7.12
N ALA D 401 44.51 -23.16 6.46
CA ALA D 401 44.20 -22.10 5.50
C ALA D 401 44.22 -20.71 6.15
N ARG D 402 43.59 -20.60 7.30
CA ARG D 402 43.50 -19.35 8.06
C ARG D 402 44.91 -18.74 8.27
N LEU D 403 45.88 -19.59 8.58
CA LEU D 403 47.23 -19.11 8.86
C LEU D 403 47.94 -18.44 7.67
N HIS D 404 47.45 -18.68 6.46
CA HIS D 404 48.08 -18.12 5.25
C HIS D 404 47.41 -16.88 4.68
N LEU D 405 46.33 -16.42 5.30
CA LEU D 405 45.52 -15.36 4.71
C LEU D 405 46.17 -14.00 4.86
N SER D 406 46.79 -13.74 6.01
CA SER D 406 47.27 -12.40 6.33
C SER D 406 48.41 -11.94 5.43
N LYS D 407 49.37 -12.82 5.18
CA LYS D 407 50.50 -12.52 4.28
C LYS D 407 50.06 -11.98 2.90
N ILE D 408 48.92 -12.46 2.38
CA ILE D 408 48.43 -12.07 1.04
C ILE D 408 47.18 -11.19 1.11
N ASP D 409 46.93 -10.61 2.31
CA ASP D 409 45.88 -9.63 2.55
C ASP D 409 44.47 -10.11 2.14
N VAL D 410 44.20 -11.38 2.42
CA VAL D 410 42.88 -11.94 2.33
C VAL D 410 42.16 -11.72 3.67
N GLU D 411 41.03 -11.05 3.63
CA GLU D 411 40.22 -10.78 4.81
C GLU D 411 38.85 -11.43 4.67
N LEU D 412 38.44 -12.17 5.70
CA LEU D 412 37.15 -12.84 5.72
C LEU D 412 36.08 -11.98 6.34
N ASP D 413 34.87 -12.04 5.78
CA ASP D 413 33.73 -11.59 6.55
C ASP D 413 33.44 -12.58 7.66
N ILE D 414 32.69 -12.12 8.65
CA ILE D 414 32.36 -12.93 9.82
C ILE D 414 30.86 -13.09 9.84
N LEU D 415 30.39 -14.33 9.93
CA LEU D 415 29.00 -14.63 10.05
C LEU D 415 28.46 -14.04 11.35
N SER D 416 27.28 -13.42 11.29
CA SER D 416 26.50 -13.15 12.51
C SER D 416 25.90 -14.46 13.01
N ALA D 417 25.40 -14.45 14.25
CA ALA D 417 24.74 -15.62 14.82
C ALA D 417 23.56 -16.04 13.93
N ASP D 418 22.77 -15.06 13.49
CA ASP D 418 21.66 -15.31 12.55
C ASP D 418 22.12 -16.00 11.25
N GLN D 419 23.16 -15.48 10.61
CA GLN D 419 23.68 -16.10 9.38
C GLN D 419 24.20 -17.52 9.60
N ALA D 420 24.93 -17.71 10.70
CA ALA D 420 25.50 -19.00 11.07
C ALA D 420 24.39 -20.03 11.29
N ALA D 421 23.39 -19.67 12.08
CA ALA D 421 22.23 -20.54 12.30
C ALA D 421 21.55 -20.89 10.97
N TYR D 422 21.36 -19.90 10.11
CA TYR D 422 20.66 -20.07 8.83
C TYR D 422 21.28 -21.13 7.94
N ILE D 423 22.61 -21.16 7.84
CA ILE D 423 23.30 -22.16 7.03
C ILE D 423 23.74 -23.41 7.82
N GLY D 424 23.41 -23.47 9.12
CA GLY D 424 23.66 -24.64 9.96
C GLY D 424 25.10 -24.81 10.41
N VAL D 425 25.79 -23.71 10.67
CA VAL D 425 27.20 -23.78 11.11
C VAL D 425 27.42 -22.88 12.32
N THR D 426 28.52 -23.11 13.00
CA THR D 426 28.97 -22.23 14.07
C THR D 426 29.83 -21.15 13.42
N VAL D 427 29.95 -20.02 14.11
CA VAL D 427 30.67 -18.85 13.61
C VAL D 427 32.15 -19.15 13.34
N ASP D 428 32.79 -19.95 14.17
CA ASP D 428 34.18 -20.31 14.04
C ASP D 428 34.43 -21.58 13.17
N GLY D 429 33.37 -22.14 12.57
CA GLY D 429 33.50 -23.28 11.69
C GLY D 429 33.53 -24.56 12.52
N PRO D 430 33.63 -25.74 11.89
CA PRO D 430 33.77 -25.91 10.43
C PRO D 430 32.58 -25.43 9.60
N TYR D 431 32.87 -24.96 8.39
CA TYR D 431 31.86 -24.31 7.55
C TYR D 431 31.26 -25.21 6.48
N LYS D 432 31.83 -26.39 6.27
CA LYS D 432 31.35 -27.33 5.25
C LYS D 432 31.25 -28.70 5.87
N ASN D 433 30.30 -29.50 5.42
CA ASN D 433 30.21 -30.88 5.90
C ASN D 433 31.33 -31.73 5.26
N ASP D 434 31.54 -32.93 5.80
CA ASP D 434 32.73 -33.71 5.45
C ASP D 434 32.75 -34.24 4.00
N GLU D 435 31.60 -34.26 3.31
CA GLU D 435 31.54 -34.71 1.92
C GLU D 435 31.80 -33.56 0.92
N TYR D 436 31.90 -32.32 1.41
CA TYR D 436 32.08 -31.17 0.53
C TYR D 436 33.39 -31.26 -0.25
N ARG D 437 33.30 -30.97 -1.55
CA ARG D 437 34.38 -31.22 -2.48
C ARG D 437 35.24 -30.00 -2.87
N TYR D 438 34.75 -28.79 -2.56
CA TYR D 438 35.45 -27.54 -2.84
C TYR D 438 35.76 -27.38 -4.35
O5' ADN E . -57.07 35.19 5.20
C5' ADN E . -55.69 35.22 4.78
C4' ADN E . -55.57 34.21 3.66
O4' ADN E . -55.86 34.78 2.38
C3' ADN E . -54.18 33.62 3.53
O3' ADN E . -54.00 32.54 4.46
C2' ADN E . -54.10 33.25 2.05
O2' ADN E . -53.99 31.82 1.85
C1' ADN E . -55.44 33.76 1.49
N9 ADN E . -55.38 34.22 0.07
C8 ADN E . -54.45 35.00 -0.53
N7 ADN E . -54.75 35.16 -1.84
C5 ADN E . -55.85 34.43 -2.08
C6 ADN E . -56.71 34.14 -3.24
N6 ADN E . -56.40 34.65 -4.43
N1 ADN E . -57.82 33.35 -3.09
C2 ADN E . -58.13 32.83 -1.87
N3 ADN E . -57.38 33.07 -0.78
C4 ADN E . -56.27 33.83 -0.83
PA NAD F . -46.04 34.78 11.74
O1A NAD F . -46.33 34.39 13.20
O2A NAD F . -45.15 33.86 10.88
O5B NAD F . -45.51 36.32 11.70
C5B NAD F . -46.00 37.38 12.56
C4B NAD F . -44.81 38.24 12.99
O4B NAD F . -45.24 39.50 13.53
C3B NAD F . -43.93 37.56 14.05
O3B NAD F . -42.57 37.47 13.63
C2B NAD F . -44.05 38.47 15.28
O2B NAD F . -42.87 38.50 16.10
C1B NAD F . -44.38 39.82 14.64
N9A NAD F . -45.04 40.79 15.55
C8A NAD F . -46.03 40.54 16.44
N7A NAD F . -46.40 41.68 17.06
C5A NAD F . -45.64 42.68 16.56
C6A NAD F . -45.52 44.14 16.80
N6A NAD F . -46.29 44.76 17.70
N1A NAD F . -44.62 44.83 16.06
C2A NAD F . -43.83 44.22 15.14
N3A NAD F . -43.88 42.88 14.89
C4A NAD F . -44.76 42.09 15.55
O3 NAD F . -47.48 35.00 11.03
PN NAD F . -47.56 35.12 9.41
O1N NAD F . -47.75 33.74 8.87
O2N NAD F . -46.45 36.02 8.89
O5D NAD F . -49.01 35.78 9.27
C5D NAD F . -49.26 37.15 9.63
C4D NAD F . -50.72 37.50 9.32
O4D NAD F . -51.03 37.39 7.93
C3D NAD F . -51.73 36.58 9.98
O3D NAD F . -52.84 37.43 10.35
C2D NAD F . -52.12 35.60 8.89
O2D NAD F . -53.38 34.97 9.13
C1D NAD F . -52.15 36.51 7.69
N1N NAD F . -51.94 36.04 6.31
C2N NAD F . -52.38 36.87 5.31
C3N NAD F . -52.16 36.59 3.94
C7N NAD F . -52.71 37.46 2.85
O7N NAD F . -53.03 36.97 1.77
N7N NAD F . -52.91 38.76 3.08
C4N NAD F . -51.46 35.42 3.60
C5N NAD F . -51.01 34.58 4.63
C6N NAD F . -51.24 34.90 5.99
NA NA G . -55.28 36.37 -8.11
O1 PG4 H . -53.60 9.98 11.83
C1 PG4 H . -53.45 10.82 12.97
C2 PG4 H . -54.31 10.32 14.13
O2 PG4 H . -53.61 10.54 15.36
C3 PG4 H . -54.46 10.72 16.50
C4 PG4 H . -53.63 10.83 17.79
O3 PG4 H . -53.86 12.07 18.50
C5 PG4 H . -52.65 12.65 19.04
C6 PG4 H . -52.93 13.92 19.83
O4 PG4 H . -52.71 15.10 19.03
C7 PG4 H . -51.35 15.55 19.04
C8 PG4 H . -51.11 16.56 17.93
O5 PG4 H . -49.86 17.22 18.14
O5' ADN I . -17.66 21.60 9.40
C5' ADN I . -18.68 22.43 8.85
C4' ADN I . -18.77 23.65 9.75
O4' ADN I . -17.82 24.68 9.39
C3' ADN I . -20.09 24.37 9.74
O3' ADN I . -21.00 23.71 10.64
C2' ADN I . -19.71 25.80 10.15
O2' ADN I . -20.37 26.08 11.40
C1' ADN I . -18.17 25.76 10.25
N9 ADN I . -17.44 27.03 9.92
C8 ADN I . -17.63 27.84 8.86
N7 ADN I . -16.80 28.90 8.91
C5 ADN I . -16.05 28.78 10.01
C6 ADN I . -14.99 29.57 10.67
N6 ADN I . -14.54 30.71 10.14
N1 ADN I . -14.45 29.08 11.80
C2 ADN I . -14.89 27.93 12.36
N3 ADN I . -15.87 27.18 11.83
C4 ADN I . -16.47 27.54 10.67
PA NAD J . -29.62 20.10 4.60
O1A NAD J . -30.31 21.38 5.08
O2A NAD J . -30.23 18.77 5.02
O5B NAD J . -29.43 20.15 2.97
C5B NAD J . -28.94 19.12 2.10
C4B NAD J . -29.81 19.12 0.84
O4B NAD J . -29.23 18.33 -0.20
C3B NAD J . -31.22 18.56 1.07
O3B NAD J . -32.21 19.55 0.72
C2B NAD J . -31.34 17.33 0.17
O2B NAD J . -32.64 17.10 -0.41
C1B NAD J . -30.28 17.62 -0.87
N9A NAD J . -29.70 16.42 -1.54
C8A NAD J . -29.35 15.24 -0.97
N7A NAD J . -28.82 14.41 -1.90
C5A NAD J . -28.85 15.06 -3.08
C6A NAD J . -28.46 14.76 -4.48
N6A NAD J . -27.93 13.55 -4.78
N1A NAD J . -28.62 15.74 -5.41
C2A NAD J . -29.17 16.93 -5.10
N3A NAD J . -29.57 17.25 -3.83
C4A NAD J . -29.42 16.38 -2.82
O3 NAD J . -28.09 20.18 5.11
PN NAD J . -27.27 21.61 5.13
O1N NAD J . -27.45 22.19 6.52
O2N NAD J . -27.69 22.37 3.88
O5D NAD J . -25.75 21.04 5.08
C5D NAD J . -25.17 20.48 3.92
C4D NAD J . -23.74 20.05 4.24
O4D NAD J . -22.93 21.19 4.52
C3D NAD J . -23.58 19.17 5.48
O3D NAD J . -22.58 18.19 5.20
C2D NAD J . -23.15 20.12 6.60
O2D NAD J . -22.42 19.52 7.68
C1D NAD J . -22.28 21.09 5.81
N1N NAD J . -22.13 22.47 6.27
C2N NAD J . -21.03 23.10 5.79
C3N NAD J . -20.77 24.44 6.09
C7N NAD J . -19.53 25.15 5.63
O7N NAD J . -19.05 26.04 6.31
N7N NAD J . -18.94 24.79 4.49
C4N NAD J . -21.71 25.12 6.90
C5N NAD J . -22.84 24.45 7.36
C6N NAD J . -23.05 23.11 7.03
NA NA K . -13.35 34.15 8.56
C1 PEG L . -34.65 43.71 25.71
O1 PEG L . -33.82 44.36 24.74
C2 PEG L . -33.75 42.78 26.53
O2 PEG L . -34.45 41.99 27.51
C3 PEG L . -35.35 40.97 27.06
C4 PEG L . -36.66 40.99 27.84
O4 PEG L . -37.78 41.18 26.96
O5' ADN M . 17.44 -22.89 -8.09
C5' ADN M . 18.78 -22.94 -8.60
C4' ADN M . 18.77 -23.97 -9.71
O4' ADN M . 18.50 -23.40 -10.99
C3' ADN M . 20.09 -24.72 -9.85
O3' ADN M . 20.05 -25.89 -9.05
C2' ADN M . 20.22 -24.96 -11.35
O2' ADN M . 20.40 -26.34 -11.69
C1' ADN M . 18.89 -24.42 -11.90
N9 ADN M . 18.93 -23.95 -13.32
C8 ADN M . 19.80 -23.10 -13.90
N7 ADN M . 19.52 -22.96 -15.22
C5 ADN M . 18.45 -23.70 -15.49
C6 ADN M . 17.63 -23.99 -16.69
N6 ADN M . 17.93 -23.40 -17.87
N1 ADN M . 16.58 -24.84 -16.55
C2 ADN M . 16.29 -25.41 -15.37
N3 ADN M . 16.99 -25.19 -14.24
C4 ADN M . 18.07 -24.36 -14.25
PA NAD N . 28.13 -23.80 -1.55
O1A NAD N . 27.77 -24.31 -0.17
O2A NAD N . 28.96 -24.67 -2.50
O5B NAD N . 28.84 -22.36 -1.39
C5B NAD N . 28.26 -21.25 -0.70
C4B NAD N . 29.45 -20.40 -0.24
O4B NAD N . 29.04 -19.14 0.30
C3B NAD N . 30.29 -21.10 0.84
O3B NAD N . 31.63 -21.34 0.39
C2B NAD N . 30.26 -20.17 2.04
O2B NAD N . 31.50 -20.14 2.79
C1B NAD N . 29.90 -18.83 1.40
N9A NAD N . 29.23 -17.88 2.32
C8A NAD N . 28.27 -18.12 3.24
N7A NAD N . 27.92 -16.96 3.87
C5A NAD N . 28.66 -15.98 3.34
C6A NAD N . 28.80 -14.53 3.53
N6A NAD N . 28.06 -13.90 4.46
N1A NAD N . 29.69 -13.86 2.79
C2A NAD N . 30.46 -14.49 1.87
N3A NAD N . 30.37 -15.82 1.64
C4A NAD N . 29.52 -16.59 2.33
O3 NAD N . 26.76 -23.33 -2.29
PN NAD N . 26.72 -23.10 -3.89
O1N NAD N . 26.63 -24.47 -4.51
O2N NAD N . 27.83 -22.16 -4.30
O5D NAD N . 25.27 -22.43 -4.11
C5D NAD N . 24.85 -21.17 -3.58
C4D NAD N . 23.37 -20.89 -3.90
O4D NAD N . 23.09 -20.89 -5.32
C3D NAD N . 22.40 -21.91 -3.36
O3D NAD N . 21.23 -21.20 -2.98
C2D NAD N . 22.09 -22.84 -4.52
O2D NAD N . 20.85 -23.54 -4.36
C1D NAD N . 22.07 -21.84 -5.66
N1N NAD N . 22.38 -22.26 -7.04
C2N NAD N . 21.91 -21.43 -7.99
C3N NAD N . 22.15 -21.66 -9.35
C7N NAD N . 21.59 -20.76 -10.42
O7N NAD N . 21.34 -21.22 -11.53
N7N NAD N . 21.34 -19.47 -10.15
C4N NAD N . 22.90 -22.78 -9.71
C5N NAD N . 23.38 -23.64 -8.71
C6N NAD N . 23.12 -23.36 -7.37
NA NA O . 19.14 -21.79 -21.56
O5' ADN P . 56.48 -36.54 -4.10
C5' ADN P . 55.58 -35.56 -4.65
C4' ADN P . 55.54 -34.42 -3.65
O4' ADN P . 56.53 -33.44 -3.97
C3' ADN P . 54.22 -33.67 -3.53
O3' ADN P . 53.35 -34.26 -2.54
C2' ADN P . 54.67 -32.26 -3.16
O2' ADN P . 54.11 -31.81 -1.91
C1' ADN P . 56.20 -32.38 -3.08
N9 ADN P . 56.91 -31.10 -3.34
C8 ADN P . 56.75 -30.23 -4.36
N7 ADN P . 57.58 -29.16 -4.24
C5 ADN P . 58.28 -29.34 -3.11
C6 ADN P . 59.32 -28.59 -2.37
N6 ADN P . 59.80 -27.41 -2.83
N1 ADN P . 59.80 -29.16 -1.23
C2 ADN P . 59.34 -30.35 -0.77
N3 ADN P . 58.39 -31.06 -1.39
C4 ADN P . 57.84 -30.62 -2.53
PA NAD Q . 44.83 -37.92 -8.89
O1A NAD Q . 44.23 -39.25 -8.53
O2A NAD Q . 44.16 -36.64 -8.36
O5B NAD Q . 45.02 -37.87 -10.51
C5B NAD Q . 45.44 -38.99 -11.34
C4B NAD Q . 44.69 -39.03 -12.68
O4B NAD Q . 45.37 -39.80 -13.69
C3B NAD Q . 43.28 -39.63 -12.59
O3B NAD Q . 42.28 -38.63 -12.88
C2B NAD Q . 43.27 -40.76 -13.61
O2B NAD Q . 42.05 -40.90 -14.34
C1B NAD Q . 44.40 -40.42 -14.56
N9A NAD Q . 44.91 -41.61 -15.32
C8A NAD Q . 45.22 -42.83 -14.83
N7A NAD Q . 45.70 -43.64 -15.81
C5A NAD Q . 45.70 -42.95 -16.96
C6A NAD Q . 46.07 -43.23 -18.37
N6A NAD Q . 46.55 -44.46 -18.71
N1A NAD Q . 45.95 -42.24 -19.31
C2A NAD Q . 45.47 -41.01 -18.92
N3A NAD Q . 45.10 -40.71 -17.64
C4A NAD Q . 45.19 -41.61 -16.63
O3 NAD Q . 46.38 -37.89 -8.39
PN NAD Q . 47.16 -36.49 -8.20
O1N NAD Q . 46.87 -36.00 -6.80
O2N NAD Q . 46.85 -35.59 -9.39
O5D NAD Q . 48.72 -36.93 -8.25
C5D NAD Q . 49.32 -37.52 -9.42
C4D NAD Q . 50.75 -37.96 -9.13
O4D NAD Q . 51.58 -36.82 -8.87
C3D NAD Q . 50.87 -38.84 -7.89
O3D NAD Q . 51.81 -39.89 -8.17
C2D NAD Q . 51.30 -37.88 -6.77
O2D NAD Q . 52.04 -38.51 -5.72
C1D NAD Q . 52.14 -36.86 -7.55
N1N NAD Q . 52.24 -35.47 -7.08
C2N NAD Q . 53.37 -34.81 -7.48
C3N NAD Q . 53.62 -33.47 -7.15
C7N NAD Q . 54.89 -32.77 -7.57
O7N NAD Q . 55.42 -31.96 -6.82
N7N NAD Q . 55.45 -33.04 -8.74
C4N NAD Q . 52.66 -32.81 -6.41
C5N NAD Q . 51.51 -33.48 -6.00
C6N NAD Q . 51.30 -34.82 -6.34
NA NA R . 61.07 -23.91 -4.35
#